data_9BWJ
#
_entry.id   9BWJ
#
_cell.length_a   1.00
_cell.length_b   1.00
_cell.length_c   1.00
_cell.angle_alpha   90.00
_cell.angle_beta   90.00
_cell.angle_gamma   90.00
#
_symmetry.space_group_name_H-M   'P 1'
#
loop_
_entity.id
_entity.type
_entity.pdbx_description
1 polymer 'Glycine receptor subunit alpha-3'
2 branched 2-acetamido-2-deoxy-beta-D-glucopyranose-(1-4)-2-acetamido-2-deoxy-beta-D-glucopyranose
3 non-polymer 'ZINC ION'
4 non-polymer 1,2-DIMYRISTOYL-SN-GLYCERO-3-PHOSPHOCHOLINE
5 water water
#
_entity_poly.entity_id   1
_entity_poly.type   'polypeptide(L)'
_entity_poly.pdbx_seq_one_letter_code
;MAHVRHFRTLVSGFYFWEAALLLSLVATKETDSARSRSAPMSPSDFLDKLMGRTSGYDARIRPNFKGPPVNVTCNIFINS
FGSIAETTMDYRVNIFLRQKWNDPRLAYSEYPDDSLDLDPSMLDSIWKPDLFFANEKGANFHEVTTDNKLLRIFKNGNVL
YSIRLTLTLSCPMDLKNFPMDVQTCIMQLESFGYTMNDLIFEWQDEAPVQVAEGLTLPQFLLKEEKDLRYCTKHYNTGKF
TCIEVRFHLERQMGYYLIQMYIPSLLIVILSWVSFWINMDAAPARVALGITTVLTMTTQSSGSRASLPKVSYVKAIDIWM
AVCLLFVFSALLEYAAVNFVSRQHKELLRFRRKRKNKTEAFALEKFYRFSDMDDEVRESRFSFTAYGMGPCLQAKDGMTP
KGPNHPVQVMPKSPDEMRKVFIDRAKKIDTISRACFPLAFLIFNIFYWVIYKILRHEDIHQQQDLVPRGSHHHHHHHH
;
_entity_poly.pdbx_strand_id   A,B,C,D,E
#
# COMPACT_ATOMS: atom_id res chain seq x y z
N MET A 41 46.49 -16.45 -28.15
CA MET A 41 46.09 -17.23 -26.99
C MET A 41 44.77 -16.66 -26.46
N SER A 42 43.85 -17.54 -26.05
CA SER A 42 42.53 -17.08 -25.61
C SER A 42 42.63 -16.39 -24.25
N PRO A 43 41.89 -15.31 -24.03
CA PRO A 43 41.98 -14.60 -22.74
C PRO A 43 41.46 -15.40 -21.56
N SER A 44 40.57 -16.36 -21.81
CA SER A 44 40.04 -17.16 -20.73
C SER A 44 41.05 -18.18 -20.24
N ASP A 45 41.90 -18.69 -21.13
CA ASP A 45 42.89 -19.63 -20.61
C ASP A 45 43.96 -18.86 -19.84
N PHE A 46 44.22 -17.61 -20.25
CA PHE A 46 45.22 -16.84 -19.52
C PHE A 46 44.69 -16.50 -18.14
N LEU A 47 43.37 -16.29 -18.03
CA LEU A 47 42.84 -16.00 -16.71
C LEU A 47 42.84 -17.28 -15.88
N ASP A 48 42.69 -18.44 -16.52
CA ASP A 48 42.76 -19.70 -15.80
C ASP A 48 44.16 -19.96 -15.26
N LYS A 49 45.20 -19.53 -16.00
CA LYS A 49 46.56 -19.69 -15.52
C LYS A 49 46.91 -18.67 -14.44
N LEU A 50 46.44 -17.43 -14.61
CA LEU A 50 46.82 -16.32 -13.72
C LEU A 50 46.22 -16.50 -12.34
N MET A 51 44.98 -16.96 -12.25
CA MET A 51 44.30 -17.17 -10.99
C MET A 51 43.98 -18.65 -10.78
N GLY A 52 44.90 -19.52 -11.20
CA GLY A 52 44.71 -20.94 -11.11
C GLY A 52 45.39 -21.57 -9.91
N ARG A 53 45.29 -22.90 -9.84
CA ARG A 53 45.90 -23.67 -8.77
C ARG A 53 47.43 -23.64 -8.87
N THR A 54 47.97 -23.59 -10.08
CA THR A 54 49.42 -23.47 -10.23
C THR A 54 49.92 -22.10 -9.81
N SER A 55 49.06 -21.08 -9.84
CA SER A 55 49.44 -19.74 -9.42
C SER A 55 49.35 -19.56 -7.91
N GLY A 56 48.55 -20.37 -7.23
CA GLY A 56 48.40 -20.25 -5.79
C GLY A 56 47.63 -19.04 -5.33
N TYR A 57 46.85 -18.41 -6.20
CA TYR A 57 46.03 -17.28 -5.80
C TYR A 57 44.95 -17.73 -4.83
N ASP A 58 44.73 -16.94 -3.78
CA ASP A 58 43.74 -17.25 -2.75
C ASP A 58 42.81 -16.06 -2.59
N ALA A 59 41.55 -16.24 -2.98
CA ALA A 59 40.60 -15.13 -2.97
C ALA A 59 40.16 -14.74 -1.57
N ARG A 60 40.61 -15.46 -0.55
CA ARG A 60 40.33 -15.13 0.84
C ARG A 60 41.46 -14.35 1.51
N ILE A 61 42.57 -14.13 0.81
CA ILE A 61 43.72 -13.42 1.35
C ILE A 61 43.81 -12.08 0.62
N ARG A 62 43.81 -10.99 1.37
CA ARG A 62 43.86 -9.67 0.78
C ARG A 62 45.21 -9.43 0.10
N PRO A 63 45.28 -8.50 -0.85
CA PRO A 63 46.58 -8.13 -1.41
C PRO A 63 47.46 -7.48 -0.36
N ASN A 64 48.78 -7.69 -0.52
CA ASN A 64 49.78 -7.24 0.45
C ASN A 64 49.43 -7.73 1.86
N PHE A 65 49.38 -9.06 2.00
CA PHE A 65 48.87 -9.66 3.24
C PHE A 65 49.76 -9.38 4.43
N LYS A 66 51.07 -9.23 4.21
CA LYS A 66 51.97 -9.00 5.33
C LYS A 66 52.03 -7.53 5.75
N GLY A 67 51.93 -6.60 4.80
CA GLY A 67 52.33 -5.24 5.06
C GLY A 67 51.19 -4.23 5.01
N PRO A 68 51.35 -3.20 4.18
CA PRO A 68 50.49 -2.01 4.29
C PRO A 68 49.06 -2.30 3.87
N PRO A 69 48.11 -1.47 4.29
CA PRO A 69 46.70 -1.76 4.00
C PRO A 69 46.37 -1.54 2.53
N VAL A 70 45.28 -2.16 2.10
CA VAL A 70 44.78 -1.99 0.75
C VAL A 70 44.01 -0.68 0.66
N ASN A 71 44.39 0.17 -0.29
CA ASN A 71 43.69 1.44 -0.53
C ASN A 71 42.71 1.25 -1.67
N VAL A 72 41.43 1.52 -1.40
CA VAL A 72 40.35 1.32 -2.36
C VAL A 72 39.75 2.69 -2.68
N THR A 73 39.76 3.04 -3.97
CA THR A 73 39.20 4.30 -4.44
C THR A 73 37.78 4.05 -4.95
N CYS A 74 36.84 4.88 -4.52
CA CYS A 74 35.43 4.66 -4.80
C CYS A 74 34.84 5.80 -5.61
N ASN A 75 34.06 5.44 -6.63
CA ASN A 75 33.16 6.38 -7.30
C ASN A 75 31.72 5.90 -7.16
N ILE A 76 30.79 6.85 -7.22
CA ILE A 76 29.36 6.57 -7.25
C ILE A 76 28.71 7.42 -8.33
N PHE A 77 27.93 6.79 -9.19
CA PHE A 77 27.08 7.48 -10.16
C PHE A 77 25.62 7.18 -9.84
N ILE A 78 24.82 8.20 -9.62
CA ILE A 78 23.44 8.04 -9.17
C ILE A 78 22.55 8.12 -10.41
N ASN A 79 21.91 7.00 -10.75
CA ASN A 79 21.02 6.92 -11.89
C ASN A 79 19.64 7.47 -11.55
N SER A 80 19.13 7.13 -10.37
CA SER A 80 17.83 7.63 -9.92
C SER A 80 17.83 7.76 -8.41
N PHE A 81 16.86 8.53 -7.91
CA PHE A 81 16.88 9.08 -6.56
C PHE A 81 15.45 9.47 -6.25
N GLY A 82 14.83 8.80 -5.30
CA GLY A 82 13.46 9.13 -4.94
C GLY A 82 12.91 8.21 -3.88
N SER A 83 11.57 8.16 -3.81
CA SER A 83 10.84 7.37 -2.83
C SER A 83 11.22 7.77 -1.40
N ILE A 84 11.27 9.07 -1.17
CA ILE A 84 11.63 9.63 0.13
C ILE A 84 10.39 9.57 1.01
N ALA A 85 10.42 8.70 2.01
CA ALA A 85 9.24 8.39 2.82
C ALA A 85 9.53 8.76 4.27
N GLU A 86 8.59 9.47 4.90
CA GLU A 86 8.69 9.81 6.31
C GLU A 86 8.13 8.74 7.22
N THR A 87 7.24 7.88 6.72
CA THR A 87 6.67 6.83 7.55
C THR A 87 7.69 5.75 7.86
N THR A 88 8.64 5.51 6.95
CA THR A 88 9.72 4.55 7.18
C THR A 88 11.07 5.20 7.37
N MET A 89 11.16 6.53 7.22
CA MET A 89 12.40 7.29 7.40
C MET A 89 13.53 6.75 6.51
N ASP A 90 13.28 6.74 5.20
CA ASP A 90 14.24 6.17 4.27
C ASP A 90 14.01 6.74 2.88
N TYR A 91 14.94 6.45 1.99
CA TYR A 91 14.85 6.86 0.59
C TYR A 91 15.49 5.77 -0.26
N ARG A 92 15.27 5.86 -1.57
CA ARG A 92 15.69 4.81 -2.48
C ARG A 92 16.57 5.39 -3.57
N VAL A 93 17.65 4.69 -3.88
CA VAL A 93 18.57 5.09 -4.94
C VAL A 93 18.90 3.89 -5.82
N ASN A 94 19.24 4.17 -7.07
CA ASN A 94 19.81 3.18 -7.97
C ASN A 94 21.16 3.72 -8.44
N ILE A 95 22.24 3.01 -8.16
CA ILE A 95 23.56 3.58 -8.35
C ILE A 95 24.46 2.63 -9.12
N PHE A 96 25.50 3.20 -9.70
CA PHE A 96 26.70 2.51 -10.11
C PHE A 96 27.75 2.74 -9.03
N LEU A 97 28.38 1.67 -8.57
CA LEU A 97 29.45 1.73 -7.59
C LEU A 97 30.71 1.19 -8.24
N ARG A 98 31.74 2.04 -8.33
CA ARG A 98 33.01 1.63 -8.90
C ARG A 98 34.07 1.63 -7.80
N GLN A 99 34.82 0.55 -7.72
CA GLN A 99 35.94 0.43 -6.78
C GLN A 99 37.20 0.12 -7.57
N LYS A 100 38.31 0.74 -7.17
CA LYS A 100 39.60 0.48 -7.80
C LYS A 100 40.61 0.20 -6.71
N TRP A 101 41.39 -0.86 -6.89
CA TRP A 101 42.50 -1.15 -5.98
C TRP A 101 43.62 -1.79 -6.76
N ASN A 102 44.67 -2.20 -6.07
CA ASN A 102 45.82 -2.84 -6.70
C ASN A 102 46.02 -4.21 -6.05
N ASP A 103 46.19 -5.22 -6.90
CA ASP A 103 46.50 -6.59 -6.46
C ASP A 103 47.78 -7.01 -7.15
N PRO A 104 48.94 -6.98 -6.47
CA PRO A 104 50.19 -7.31 -7.16
C PRO A 104 50.34 -8.78 -7.50
N ARG A 105 49.45 -9.66 -6.99
CA ARG A 105 49.42 -11.04 -7.47
C ARG A 105 48.80 -11.16 -8.86
N LEU A 106 48.12 -10.12 -9.35
CA LEU A 106 47.43 -10.18 -10.63
C LEU A 106 48.18 -9.44 -11.73
N ALA A 107 49.43 -9.05 -11.50
CA ALA A 107 50.20 -8.37 -12.53
C ALA A 107 50.65 -9.37 -13.59
N TYR A 108 50.47 -9.01 -14.86
CA TYR A 108 50.86 -9.86 -15.98
C TYR A 108 51.61 -9.03 -17.01
N SER A 109 52.57 -9.67 -17.67
CA SER A 109 53.35 -9.07 -18.74
C SER A 109 53.31 -9.85 -20.05
N GLU A 110 53.10 -11.16 -19.98
CA GLU A 110 53.18 -12.01 -21.17
C GLU A 110 52.12 -11.64 -22.19
N TYR A 111 50.88 -11.45 -21.69
CA TYR A 111 49.72 -11.22 -22.59
C TYR A 111 49.84 -9.91 -23.38
N PRO A 112 49.51 -9.88 -24.71
CA PRO A 112 49.65 -8.66 -25.51
C PRO A 112 48.70 -7.56 -25.11
N ASP A 113 47.50 -7.91 -24.64
CA ASP A 113 46.47 -6.91 -24.41
C ASP A 113 46.71 -6.20 -23.08
N ASP A 114 46.24 -4.95 -23.00
CA ASP A 114 46.49 -4.15 -21.82
C ASP A 114 45.55 -4.47 -20.67
N SER A 115 44.36 -4.99 -20.96
CA SER A 115 43.38 -5.30 -19.93
C SER A 115 42.81 -6.70 -20.13
N LEU A 116 42.33 -7.28 -19.04
CA LEU A 116 41.60 -8.54 -19.07
C LEU A 116 40.26 -8.33 -18.36
N ASP A 117 39.26 -9.10 -18.80
CA ASP A 117 37.92 -9.02 -18.23
C ASP A 117 37.51 -10.36 -17.61
N LEU A 118 37.05 -10.32 -16.37
CA LEU A 118 36.61 -11.52 -15.67
C LEU A 118 35.11 -11.72 -15.88
N ASP A 119 34.72 -12.98 -16.03
CA ASP A 119 33.31 -13.27 -16.25
C ASP A 119 32.53 -13.02 -14.96
N PRO A 120 31.36 -12.39 -15.03
CA PRO A 120 30.59 -12.13 -13.81
C PRO A 120 30.08 -13.38 -13.11
N SER A 121 30.21 -14.56 -13.72
CA SER A 121 29.87 -15.80 -13.02
C SER A 121 31.00 -16.33 -12.15
N MET A 122 32.24 -15.91 -12.42
CA MET A 122 33.41 -16.37 -11.67
C MET A 122 34.02 -15.28 -10.82
N LEU A 123 33.19 -14.35 -10.33
CA LEU A 123 33.72 -13.28 -9.49
C LEU A 123 34.20 -13.78 -8.14
N ASP A 124 33.81 -14.99 -7.74
CA ASP A 124 34.27 -15.54 -6.47
C ASP A 124 35.68 -16.10 -6.54
N SER A 125 36.35 -15.98 -7.68
CA SER A 125 37.73 -16.43 -7.84
C SER A 125 38.74 -15.34 -7.55
N ILE A 126 38.29 -14.14 -7.21
CA ILE A 126 39.17 -13.00 -7.00
C ILE A 126 38.83 -12.36 -5.66
N TRP A 127 39.85 -11.80 -5.01
CA TRP A 127 39.62 -11.07 -3.77
C TRP A 127 38.92 -9.75 -4.07
N LYS A 128 37.92 -9.42 -3.26
CA LYS A 128 37.23 -8.15 -3.39
C LYS A 128 37.03 -7.56 -2.00
N PRO A 129 37.00 -6.23 -1.88
CA PRO A 129 36.73 -5.62 -0.58
C PRO A 129 35.33 -5.96 -0.09
N ASP A 130 35.20 -6.04 1.23
CA ASP A 130 33.92 -6.41 1.85
C ASP A 130 33.15 -5.15 2.23
N LEU A 131 32.93 -4.30 1.23
CA LEU A 131 32.18 -3.08 1.42
C LEU A 131 30.72 -3.38 1.77
N PHE A 132 30.14 -2.52 2.59
CA PHE A 132 28.71 -2.56 2.83
C PHE A 132 28.23 -1.18 3.21
N PHE A 133 26.93 -0.97 3.06
CA PHE A 133 26.32 0.34 3.30
C PHE A 133 25.74 0.35 4.70
N ALA A 134 26.30 1.21 5.56
CA ALA A 134 26.06 1.10 7.00
C ALA A 134 24.65 1.50 7.40
N ASN A 135 23.96 2.31 6.59
CA ASN A 135 22.59 2.71 6.88
C ASN A 135 21.59 2.11 5.90
N GLU A 136 21.92 0.94 5.35
CA GLU A 136 21.07 0.29 4.35
C GLU A 136 20.05 -0.61 5.06
N LYS A 137 18.77 -0.43 4.71
CA LYS A 137 17.72 -1.30 5.20
C LYS A 137 17.35 -2.40 4.22
N GLY A 138 17.63 -2.21 2.94
CA GLY A 138 17.36 -3.21 1.92
C GLY A 138 18.08 -2.90 0.62
N ALA A 139 18.54 -3.92 -0.08
CA ALA A 139 19.35 -3.71 -1.27
C ALA A 139 19.34 -4.96 -2.12
N ASN A 140 19.60 -4.79 -3.42
CA ASN A 140 19.61 -5.92 -4.34
C ASN A 140 20.46 -5.58 -5.56
N PHE A 141 21.08 -6.62 -6.14
CA PHE A 141 21.77 -6.53 -7.41
C PHE A 141 20.75 -6.51 -8.56
N HIS A 142 21.27 -6.45 -9.78
CA HIS A 142 20.45 -6.44 -10.98
C HIS A 142 20.95 -7.54 -11.90
N GLU A 143 20.02 -8.30 -12.48
CA GLU A 143 20.43 -9.47 -13.24
C GLU A 143 19.69 -9.69 -14.57
N VAL A 144 18.84 -8.77 -15.01
CA VAL A 144 18.01 -9.04 -16.18
C VAL A 144 18.85 -8.86 -17.44
N THR A 145 18.69 -9.79 -18.38
CA THR A 145 19.70 -10.10 -19.41
C THR A 145 20.94 -10.45 -18.58
N THR A 146 22.14 -10.00 -18.92
CA THR A 146 23.30 -10.60 -18.28
C THR A 146 23.47 -9.99 -16.89
N ASP A 147 24.40 -10.50 -16.07
CA ASP A 147 24.70 -9.90 -14.73
C ASP A 147 25.22 -8.48 -14.91
N ASN A 148 24.70 -7.52 -14.15
CA ASN A 148 25.06 -6.11 -14.28
C ASN A 148 26.34 -5.80 -13.53
N LYS A 149 27.40 -6.56 -13.80
CA LYS A 149 28.67 -6.45 -13.09
C LYS A 149 29.82 -6.42 -14.08
N LEU A 150 30.96 -5.89 -13.64
CA LEU A 150 32.09 -5.69 -14.52
C LEU A 150 33.36 -5.68 -13.69
N LEU A 151 34.41 -6.30 -14.22
CA LEU A 151 35.70 -6.35 -13.53
C LEU A 151 36.82 -6.40 -14.56
N ARG A 152 37.76 -5.46 -14.45
CA ARG A 152 38.88 -5.39 -15.38
C ARG A 152 40.18 -5.41 -14.59
N ILE A 153 41.15 -6.17 -15.10
CA ILE A 153 42.47 -6.30 -14.49
C ILE A 153 43.49 -5.76 -15.47
N PHE A 154 44.27 -4.77 -15.05
CA PHE A 154 45.24 -4.14 -15.94
C PHE A 154 46.60 -4.80 -15.75
N LYS A 155 47.57 -4.42 -16.59
CA LYS A 155 48.87 -5.07 -16.58
C LYS A 155 49.60 -4.85 -15.26
N ASN A 156 49.53 -3.63 -14.71
CA ASN A 156 50.20 -3.33 -13.46
C ASN A 156 49.60 -4.11 -12.28
N GLY A 157 48.42 -4.69 -12.47
CA GLY A 157 47.68 -5.38 -11.45
C GLY A 157 46.53 -4.59 -10.86
N ASN A 158 46.28 -3.38 -11.34
CA ASN A 158 45.15 -2.61 -10.85
C ASN A 158 43.84 -3.27 -11.24
N VAL A 159 42.89 -3.27 -10.32
CA VAL A 159 41.58 -3.88 -10.51
C VAL A 159 40.55 -2.76 -10.49
N LEU A 160 39.65 -2.79 -11.47
CA LEU A 160 38.48 -1.92 -11.54
C LEU A 160 37.24 -2.80 -11.47
N TYR A 161 36.33 -2.50 -10.56
CA TYR A 161 35.19 -3.35 -10.25
C TYR A 161 33.97 -2.46 -10.18
N SER A 162 33.11 -2.56 -11.18
CA SER A 162 31.94 -1.69 -11.30
C SER A 162 30.68 -2.54 -11.27
N ILE A 163 29.77 -2.19 -10.37
CA ILE A 163 28.51 -2.91 -10.22
C ILE A 163 27.36 -1.91 -10.18
N ARG A 164 26.17 -2.40 -10.46
CA ARG A 164 24.96 -1.59 -10.46
C ARG A 164 23.96 -2.20 -9.49
N LEU A 165 23.37 -1.37 -8.65
CA LEU A 165 22.62 -1.91 -7.53
C LEU A 165 21.62 -0.88 -7.00
N THR A 166 20.56 -1.38 -6.40
CA THR A 166 19.51 -0.56 -5.82
C THR A 166 19.61 -0.61 -4.30
N LEU A 167 19.43 0.55 -3.66
CA LEU A 167 19.53 0.65 -2.21
C LEU A 167 18.29 1.34 -1.66
N THR A 168 17.90 0.89 -0.47
CA THR A 168 16.97 1.61 0.40
C THR A 168 17.80 2.01 1.61
N LEU A 169 18.05 3.31 1.75
CA LEU A 169 18.92 3.81 2.80
C LEU A 169 18.12 4.61 3.81
N SER A 170 18.44 4.44 5.08
CA SER A 170 17.76 5.14 6.15
C SER A 170 18.26 6.57 6.23
N CYS A 171 17.33 7.50 6.41
CA CYS A 171 17.66 8.86 6.83
C CYS A 171 16.68 9.36 7.87
N PRO A 172 17.15 9.64 9.09
CA PRO A 172 16.30 10.32 10.07
C PRO A 172 15.92 11.72 9.59
N MET A 173 14.62 11.99 9.65
CA MET A 173 14.03 13.28 9.31
C MET A 173 13.46 13.92 10.56
N ASP A 174 13.51 15.25 10.59
CA ASP A 174 13.03 16.01 11.74
C ASP A 174 11.56 16.37 11.55
N LEU A 175 11.24 17.12 10.49
CA LEU A 175 9.92 17.52 10.04
C LEU A 175 9.27 18.57 10.93
N LYS A 176 9.91 19.00 12.01
CA LYS A 176 9.60 20.30 12.57
C LYS A 176 10.03 21.33 11.53
N ASN A 177 9.38 22.50 11.55
CA ASN A 177 9.58 23.50 10.49
C ASN A 177 9.13 22.97 9.12
N PHE A 178 8.01 22.23 9.11
CA PHE A 178 7.77 21.26 8.02
C PHE A 178 7.64 21.88 6.64
N PRO A 179 6.83 22.92 6.38
CA PRO A 179 6.75 23.38 4.98
C PRO A 179 8.11 23.86 4.50
N MET A 180 8.88 24.43 5.41
CA MET A 180 10.15 25.11 5.12
C MET A 180 11.31 24.29 5.68
N ASP A 181 11.22 22.96 5.65
CA ASP A 181 12.30 22.13 6.18
C ASP A 181 13.36 21.85 5.12
N VAL A 182 14.54 21.48 5.61
CA VAL A 182 15.68 21.07 4.79
C VAL A 182 16.24 19.81 5.42
N GLN A 183 16.39 18.76 4.61
CA GLN A 183 16.88 17.48 5.08
C GLN A 183 18.24 17.16 4.48
N THR A 184 18.97 16.29 5.18
CA THR A 184 20.30 15.86 4.73
C THR A 184 20.34 14.34 4.76
N CYS A 185 20.36 13.73 3.58
CA CYS A 185 20.44 12.28 3.46
C CYS A 185 21.89 11.87 3.27
N ILE A 186 22.32 10.84 4.00
CA ILE A 186 23.71 10.41 3.88
C ILE A 186 23.80 9.02 3.29
N MET A 187 25.02 8.64 2.95
CA MET A 187 25.33 7.32 2.40
C MET A 187 26.73 6.95 2.89
N GLN A 188 26.83 5.87 3.66
CA GLN A 188 28.07 5.48 4.30
C GLN A 188 28.58 4.18 3.73
N LEU A 189 29.87 4.15 3.40
CA LEU A 189 30.54 3.01 2.78
C LEU A 189 31.57 2.50 3.78
N GLU A 190 31.26 1.39 4.45
CA GLU A 190 32.07 0.85 5.54
C GLU A 190 32.63 -0.51 5.12
N SER A 191 33.71 -0.92 5.77
CA SER A 191 34.17 -2.30 5.69
C SER A 191 33.52 -3.13 6.78
N PHE A 192 33.30 -4.42 6.50
CA PHE A 192 32.55 -5.23 7.44
C PHE A 192 33.45 -5.92 8.48
N GLY A 193 34.59 -6.44 8.04
CA GLY A 193 35.45 -7.18 8.95
C GLY A 193 36.93 -6.94 8.78
N TYR A 194 37.32 -5.77 8.28
CA TYR A 194 38.71 -5.41 8.11
C TYR A 194 38.97 -4.10 8.86
N THR A 195 40.06 -4.06 9.62
CA THR A 195 40.40 -2.84 10.34
C THR A 195 41.25 -1.93 9.46
N MET A 196 41.44 -0.69 9.92
CA MET A 196 42.09 0.33 9.11
C MET A 196 43.58 0.06 8.86
N ASN A 197 44.17 -0.94 9.51
CA ASN A 197 45.51 -1.38 9.14
C ASN A 197 45.49 -2.48 8.09
N ASP A 198 44.32 -2.82 7.55
CA ASP A 198 44.19 -3.79 6.49
C ASP A 198 43.47 -3.25 5.27
N LEU A 199 42.51 -2.33 5.44
CA LEU A 199 41.66 -1.88 4.36
C LEU A 199 41.27 -0.43 4.62
N ILE A 200 41.47 0.42 3.61
CA ILE A 200 41.16 1.84 3.71
C ILE A 200 40.35 2.23 2.47
N PHE A 201 39.25 2.93 2.67
CA PHE A 201 38.46 3.45 1.57
C PHE A 201 38.80 4.93 1.36
N GLU A 202 38.84 5.35 0.10
CA GLU A 202 39.07 6.74 -0.24
C GLU A 202 38.12 7.18 -1.34
N TRP A 203 37.68 8.43 -1.27
CA TRP A 203 36.89 9.01 -2.35
C TRP A 203 37.83 9.40 -3.47
N GLN A 204 37.38 9.20 -4.72
CA GLN A 204 38.19 9.61 -5.86
C GLN A 204 38.37 11.12 -5.86
N ASP A 205 39.57 11.57 -6.22
CA ASP A 205 39.89 12.99 -6.14
C ASP A 205 39.06 13.82 -7.13
N GLU A 206 38.95 13.36 -8.38
CA GLU A 206 38.36 14.20 -9.41
C GLU A 206 36.85 14.34 -9.25
N ALA A 207 36.11 13.23 -9.30
CA ALA A 207 34.64 13.28 -9.24
C ALA A 207 34.12 11.98 -8.63
N PRO A 208 33.97 11.94 -7.31
CA PRO A 208 33.55 10.68 -6.66
C PRO A 208 32.07 10.38 -6.74
N VAL A 209 31.22 11.39 -6.60
CA VAL A 209 29.77 11.27 -6.71
C VAL A 209 29.23 12.17 -7.81
N GLN A 210 28.55 11.55 -8.77
CA GLN A 210 27.90 12.26 -9.87
C GLN A 210 26.44 11.86 -9.89
N VAL A 211 25.59 12.79 -10.34
CA VAL A 211 24.15 12.56 -10.46
C VAL A 211 23.76 12.73 -11.93
N ALA A 212 22.97 11.80 -12.44
CA ALA A 212 22.49 11.89 -13.81
C ALA A 212 21.59 13.12 -13.97
N GLU A 213 21.56 13.66 -15.18
CA GLU A 213 20.77 14.84 -15.45
C GLU A 213 19.29 14.49 -15.62
N GLY A 214 18.43 15.48 -15.41
CA GLY A 214 17.02 15.34 -15.66
C GLY A 214 16.21 14.72 -14.52
N LEU A 215 16.85 14.34 -13.43
CA LEU A 215 16.12 13.77 -12.30
C LEU A 215 15.21 14.81 -11.66
N THR A 216 14.04 14.37 -11.21
CA THR A 216 13.07 15.23 -10.55
C THR A 216 12.51 14.50 -9.34
N LEU A 217 11.93 15.27 -8.43
CA LEU A 217 11.37 14.74 -7.20
C LEU A 217 10.01 15.39 -6.96
N PRO A 218 9.01 14.61 -6.52
CA PRO A 218 7.68 15.20 -6.29
C PRO A 218 7.66 16.21 -5.17
N GLN A 219 8.53 16.09 -4.17
CA GLN A 219 8.47 16.94 -2.99
C GLN A 219 9.71 17.79 -2.78
N PHE A 220 10.89 17.30 -3.12
CA PHE A 220 12.12 17.96 -2.74
C PHE A 220 12.87 18.49 -3.96
N LEU A 221 13.95 19.22 -3.67
CA LEU A 221 14.92 19.67 -4.66
C LEU A 221 16.30 19.26 -4.17
N LEU A 222 16.95 18.36 -4.91
CA LEU A 222 18.27 17.87 -4.58
C LEU A 222 19.30 18.93 -4.96
N LYS A 223 19.97 19.49 -3.97
CA LYS A 223 20.92 20.56 -4.22
C LYS A 223 22.15 20.01 -4.94
N GLU A 224 22.89 20.91 -5.59
CA GLU A 224 24.04 20.52 -6.38
C GLU A 224 25.26 20.26 -5.51
N GLU A 225 25.28 20.81 -4.29
CA GLU A 225 26.46 20.79 -3.45
C GLU A 225 26.36 19.56 -2.54
N LYS A 226 27.45 18.79 -2.48
CA LYS A 226 27.47 17.51 -1.79
C LYS A 226 28.69 17.43 -0.91
N ASP A 227 28.54 16.78 0.25
CA ASP A 227 29.60 16.73 1.24
C ASP A 227 30.28 15.38 1.16
N LEU A 228 31.62 15.38 1.13
CA LEU A 228 32.39 14.15 1.22
C LEU A 228 33.10 14.12 2.56
N ARG A 229 32.81 13.10 3.36
CA ARG A 229 33.22 13.09 4.76
C ARG A 229 33.98 11.82 5.08
N TYR A 230 34.50 11.79 6.30
CA TYR A 230 35.20 10.66 6.88
C TYR A 230 34.52 10.37 8.21
N CYS A 231 33.89 9.21 8.32
CA CYS A 231 33.24 8.83 9.56
C CYS A 231 33.81 7.52 10.07
N THR A 232 35.12 7.52 10.35
CA THR A 232 35.81 6.33 10.81
C THR A 232 35.18 5.81 12.09
N LYS A 233 34.85 4.52 12.11
CA LYS A 233 34.25 3.91 13.29
C LYS A 233 35.34 3.48 14.25
N HIS A 234 35.19 3.85 15.52
CA HIS A 234 36.07 3.39 16.59
C HIS A 234 35.26 2.42 17.44
N TYR A 235 35.64 1.15 17.41
CA TYR A 235 35.01 0.10 18.19
C TYR A 235 36.04 -0.52 19.13
N ASN A 236 35.63 -1.61 19.78
CA ASN A 236 36.56 -2.35 20.64
C ASN A 236 37.54 -3.17 19.81
N THR A 237 37.11 -3.66 18.64
CA THR A 237 38.00 -4.42 17.77
C THR A 237 39.06 -3.53 17.13
N GLY A 238 38.74 -2.26 16.89
CA GLY A 238 39.71 -1.34 16.31
C GLY A 238 39.03 -0.33 15.42
N LYS A 239 39.84 0.32 14.59
CA LYS A 239 39.37 1.35 13.68
C LYS A 239 38.93 0.70 12.37
N PHE A 240 37.74 1.07 11.91
CA PHE A 240 37.17 0.52 10.68
C PHE A 240 36.91 1.66 9.70
N THR A 241 37.39 1.49 8.47
CA THR A 241 37.28 2.56 7.47
C THR A 241 35.82 2.77 7.10
N CYS A 242 35.46 4.03 6.91
CA CYS A 242 34.09 4.39 6.55
C CYS A 242 34.14 5.76 5.91
N ILE A 243 33.68 5.88 4.68
CA ILE A 243 33.59 7.16 4.00
C ILE A 243 32.13 7.48 3.77
N GLU A 244 31.83 8.77 3.59
CA GLU A 244 30.42 9.13 3.65
C GLU A 244 30.15 10.27 2.67
N VAL A 245 28.95 10.28 2.10
CA VAL A 245 28.49 11.41 1.29
C VAL A 245 27.17 11.92 1.83
N ARG A 246 27.03 13.25 1.85
CA ARG A 246 25.81 13.90 2.29
C ARG A 246 25.19 14.62 1.10
N PHE A 247 23.88 14.47 0.93
CA PHE A 247 23.08 15.15 -0.06
C PHE A 247 22.10 16.06 0.66
N HIS A 248 21.90 17.26 0.11
CA HIS A 248 21.04 18.25 0.73
C HIS A 248 19.74 18.38 -0.06
N LEU A 249 18.61 18.44 0.64
CA LEU A 249 17.30 18.38 0.02
C LEU A 249 16.44 19.50 0.58
N GLU A 250 15.90 20.34 -0.28
CA GLU A 250 15.07 21.45 0.18
C GLU A 250 13.64 21.26 -0.33
N ARG A 251 12.66 21.33 0.57
CA ARG A 251 11.28 21.14 0.15
C ARG A 251 10.78 22.35 -0.62
N GLN A 252 9.97 22.09 -1.65
CA GLN A 252 9.34 23.18 -2.38
C GLN A 252 8.11 23.66 -1.62
N MET A 253 7.77 24.94 -1.79
CA MET A 253 6.73 25.54 -0.98
C MET A 253 5.50 26.02 -1.74
N GLY A 254 5.48 25.93 -3.06
CA GLY A 254 4.42 26.59 -3.82
C GLY A 254 3.04 26.02 -3.54
N TYR A 255 2.94 24.70 -3.41
CA TYR A 255 1.64 24.07 -3.14
C TYR A 255 1.12 24.44 -1.75
N TYR A 256 2.00 24.38 -0.75
CA TYR A 256 1.59 24.66 0.63
C TYR A 256 1.15 26.11 0.77
N LEU A 257 1.85 27.02 0.09
CA LEU A 257 1.47 28.43 0.09
C LEU A 257 0.13 28.66 -0.60
N ILE A 258 -0.03 28.11 -1.81
CA ILE A 258 -1.23 28.41 -2.60
C ILE A 258 -2.47 27.68 -2.11
N GLN A 259 -2.33 26.54 -1.43
CA GLN A 259 -3.46 25.72 -1.01
C GLN A 259 -3.76 25.75 0.48
N MET A 260 -2.77 26.07 1.32
CA MET A 260 -2.96 26.04 2.77
C MET A 260 -2.79 27.41 3.43
N TYR A 261 -1.72 28.14 3.11
CA TYR A 261 -1.43 29.39 3.81
C TYR A 261 -2.33 30.53 3.34
N ILE A 262 -2.43 30.74 2.04
CA ILE A 262 -3.25 31.82 1.50
C ILE A 262 -4.74 31.59 1.76
N PRO A 263 -5.33 30.40 1.53
CA PRO A 263 -6.74 30.24 1.91
C PRO A 263 -7.02 30.47 3.39
N SER A 264 -6.13 30.00 4.28
CA SER A 264 -6.29 30.30 5.70
C SER A 264 -6.23 31.80 5.95
N LEU A 265 -5.36 32.50 5.22
CA LEU A 265 -5.23 33.94 5.45
C LEU A 265 -6.48 34.66 4.96
N LEU A 266 -7.09 34.16 3.88
CA LEU A 266 -8.30 34.82 3.40
C LEU A 266 -9.45 34.56 4.36
N ILE A 267 -9.48 33.37 4.98
CA ILE A 267 -10.54 33.09 5.95
C ILE A 267 -10.38 34.00 7.17
N VAL A 268 -9.13 34.24 7.58
CA VAL A 268 -8.89 35.15 8.69
C VAL A 268 -9.32 36.56 8.32
N ILE A 269 -9.05 37.00 7.09
CA ILE A 269 -9.48 38.33 6.70
C ILE A 269 -11.00 38.41 6.68
N LEU A 270 -11.65 37.33 6.23
CA LEU A 270 -13.11 37.31 6.17
C LEU A 270 -13.72 37.39 7.56
N SER A 271 -13.01 36.87 8.57
CA SER A 271 -13.50 36.99 9.95
C SER A 271 -13.44 38.43 10.46
N TRP A 272 -12.60 39.27 9.88
CA TRP A 272 -12.52 40.67 10.28
C TRP A 272 -13.64 41.52 9.72
N VAL A 273 -14.35 41.02 8.70
CA VAL A 273 -15.45 41.80 8.12
C VAL A 273 -16.66 41.89 9.04
N SER A 274 -16.70 41.10 10.11
CA SER A 274 -17.74 41.27 11.12
C SER A 274 -17.66 42.65 11.77
N PHE A 275 -16.47 43.24 11.86
CA PHE A 275 -16.32 44.51 12.56
C PHE A 275 -16.87 45.70 11.79
N TRP A 276 -17.10 45.58 10.48
CA TRP A 276 -17.69 46.64 9.69
C TRP A 276 -19.19 46.47 9.48
N ILE A 277 -19.78 45.44 10.06
CA ILE A 277 -21.21 45.19 9.94
C ILE A 277 -21.93 45.85 11.12
N ASN A 278 -23.16 46.31 10.86
CA ASN A 278 -23.96 47.03 11.84
C ASN A 278 -24.08 46.23 13.13
N MET A 279 -24.03 46.93 14.26
CA MET A 279 -24.01 46.26 15.56
C MET A 279 -25.29 45.49 15.84
N ASP A 280 -26.42 45.94 15.29
CA ASP A 280 -27.71 45.34 15.62
C ASP A 280 -28.05 44.16 14.70
N ALA A 281 -27.12 43.74 13.84
CA ALA A 281 -27.36 42.65 12.90
C ALA A 281 -26.84 41.33 13.49
N ALA A 282 -27.51 40.90 14.55
CA ALA A 282 -27.08 39.70 15.26
C ALA A 282 -27.10 38.42 14.42
N PRO A 283 -28.15 38.11 13.65
CA PRO A 283 -28.08 36.89 12.81
C PRO A 283 -27.00 36.93 11.74
N ALA A 284 -26.68 38.12 11.23
CA ALA A 284 -25.62 38.25 10.23
C ALA A 284 -24.25 38.09 10.86
N ARG A 285 -23.99 38.76 11.97
CA ARG A 285 -22.64 38.73 12.50
C ARG A 285 -22.37 37.39 13.19
N VAL A 286 -23.38 36.84 13.87
CA VAL A 286 -23.20 35.54 14.52
C VAL A 286 -23.02 34.46 13.47
N ALA A 287 -23.85 34.46 12.41
CA ALA A 287 -23.75 33.42 11.41
C ALA A 287 -22.44 33.54 10.63
N LEU A 288 -22.00 34.76 10.32
CA LEU A 288 -20.69 34.92 9.68
C LEU A 288 -19.56 34.44 10.58
N GLY A 289 -19.64 34.69 11.89
CA GLY A 289 -18.60 34.25 12.79
C GLY A 289 -18.51 32.74 12.87
N ILE A 290 -19.66 32.09 13.03
CA ILE A 290 -19.59 30.65 13.23
C ILE A 290 -19.32 29.97 11.90
N THR A 291 -19.80 30.52 10.78
CA THR A 291 -19.50 29.87 9.52
C THR A 291 -18.04 30.05 9.17
N THR A 292 -17.43 31.17 9.60
CA THR A 292 -15.99 31.34 9.41
C THR A 292 -15.20 30.31 10.22
N VAL A 293 -15.67 30.02 11.43
CA VAL A 293 -15.05 28.97 12.25
C VAL A 293 -15.21 27.60 11.59
N LEU A 294 -16.39 27.32 11.02
CA LEU A 294 -16.61 26.06 10.32
C LEU A 294 -15.75 25.94 9.07
N THR A 295 -15.63 27.03 8.31
CA THR A 295 -14.77 27.04 7.13
C THR A 295 -13.32 26.81 7.52
N MET A 296 -12.88 27.44 8.60
CA MET A 296 -11.55 27.22 9.12
C MET A 296 -11.35 25.74 9.49
N THR A 297 -12.41 25.12 10.04
CA THR A 297 -12.32 23.73 10.47
C THR A 297 -12.24 22.79 9.28
N THR A 298 -13.08 23.01 8.26
CA THR A 298 -13.04 22.17 7.07
C THR A 298 -11.73 22.34 6.32
N GLN A 299 -11.17 23.55 6.31
CA GLN A 299 -9.87 23.78 5.66
C GLN A 299 -8.77 22.97 6.34
N SER A 300 -8.76 22.95 7.68
CA SER A 300 -7.74 22.18 8.38
C SER A 300 -8.00 20.68 8.27
N SER A 301 -9.26 20.26 8.34
CA SER A 301 -9.53 18.83 8.29
C SER A 301 -9.20 18.28 6.92
N GLY A 302 -9.50 19.04 5.85
CA GLY A 302 -9.14 18.57 4.53
C GLY A 302 -7.65 18.59 4.34
N SER A 303 -6.94 19.55 4.98
CA SER A 303 -5.50 19.60 4.82
C SER A 303 -4.82 18.43 5.52
N ARG A 304 -5.49 17.82 6.51
CA ARG A 304 -4.83 16.85 7.38
C ARG A 304 -4.42 15.58 6.64
N ALA A 305 -5.13 15.21 5.56
CA ALA A 305 -4.80 13.98 4.85
C ALA A 305 -3.55 14.08 4.00
N SER A 306 -3.15 15.28 3.58
CA SER A 306 -1.99 15.42 2.72
C SER A 306 -0.68 15.54 3.50
N LEU A 307 -0.75 16.02 4.74
CA LEU A 307 0.45 16.29 5.52
C LEU A 307 1.07 14.99 6.03
N PRO A 308 2.37 15.02 6.36
CA PRO A 308 3.02 13.85 6.97
C PRO A 308 2.41 13.51 8.32
N LYS A 309 2.34 12.22 8.61
CA LYS A 309 1.72 11.72 9.84
C LYS A 309 2.82 11.57 10.90
N VAL A 310 2.93 12.57 11.77
CA VAL A 310 3.87 12.58 12.88
C VAL A 310 3.11 12.99 14.13
N SER A 311 3.73 12.74 15.29
CA SER A 311 3.06 13.00 16.56
C SER A 311 3.43 14.34 17.19
N TYR A 312 4.45 15.02 16.68
CA TYR A 312 4.85 16.30 17.24
C TYR A 312 4.34 17.46 16.40
N VAL A 313 4.47 18.66 16.96
CA VAL A 313 3.98 19.87 16.30
C VAL A 313 4.92 20.33 15.20
N LYS A 314 4.33 20.73 14.06
CA LYS A 314 5.07 21.23 12.91
C LYS A 314 4.68 22.70 12.71
N ALA A 315 5.48 23.42 11.90
CA ALA A 315 5.23 24.85 11.72
C ALA A 315 3.84 25.09 11.14
N ILE A 316 3.40 24.22 10.23
CA ILE A 316 2.08 24.36 9.64
C ILE A 316 1.01 24.26 10.71
N ASP A 317 1.23 23.37 11.69
CA ASP A 317 0.26 23.22 12.78
C ASP A 317 0.18 24.49 13.62
N ILE A 318 1.33 25.16 13.82
CA ILE A 318 1.33 26.43 14.55
C ILE A 318 0.51 27.48 13.80
N TRP A 319 0.67 27.51 12.48
CA TRP A 319 -0.06 28.46 11.66
C TRP A 319 -1.56 28.18 11.71
N MET A 320 -1.93 26.91 11.56
CA MET A 320 -3.37 26.53 11.57
C MET A 320 -3.96 26.85 12.94
N ALA A 321 -3.21 26.61 14.02
CA ALA A 321 -3.75 26.84 15.35
C ALA A 321 -3.96 28.32 15.62
N VAL A 322 -3.04 29.16 15.15
CA VAL A 322 -3.19 30.58 15.40
C VAL A 322 -4.34 31.14 14.56
N CYS A 323 -4.48 30.68 13.31
CA CYS A 323 -5.61 31.15 12.51
C CYS A 323 -6.94 30.72 13.10
N LEU A 324 -6.99 29.52 13.71
CA LEU A 324 -8.20 29.12 14.42
C LEU A 324 -8.45 29.97 15.65
N LEU A 325 -7.39 30.35 16.38
CA LEU A 325 -7.59 31.21 17.54
C LEU A 325 -8.02 32.62 17.15
N PHE A 326 -7.70 33.03 15.92
CA PHE A 326 -8.07 34.36 15.46
C PHE A 326 -9.54 34.39 15.07
N VAL A 327 -10.01 33.35 14.36
CA VAL A 327 -11.42 33.37 14.02
C VAL A 327 -12.28 33.05 15.23
N PHE A 328 -11.75 32.30 16.21
CA PHE A 328 -12.47 32.11 17.47
C PHE A 328 -12.60 33.42 18.23
N SER A 329 -11.54 34.24 18.24
CA SER A 329 -11.56 35.46 19.01
C SER A 329 -12.41 36.53 18.36
N ALA A 330 -12.59 36.45 17.03
CA ALA A 330 -13.44 37.46 16.40
C ALA A 330 -14.90 37.23 16.75
N LEU A 331 -15.28 35.98 17.02
CA LEU A 331 -16.64 35.68 17.43
C LEU A 331 -16.86 36.03 18.90
N LEU A 332 -15.83 35.80 19.74
CA LEU A 332 -15.94 36.27 21.11
C LEU A 332 -16.03 37.80 21.21
N GLU A 333 -15.42 38.51 20.25
CA GLU A 333 -15.53 39.97 20.29
C GLU A 333 -16.96 40.42 20.05
N TYR A 334 -17.69 39.70 19.18
CA TYR A 334 -19.08 40.08 18.97
C TYR A 334 -19.94 39.66 20.15
N ALA A 335 -19.61 38.53 20.80
CA ALA A 335 -20.35 38.15 21.99
C ALA A 335 -20.22 39.19 23.10
N ALA A 336 -19.02 39.78 23.22
CA ALA A 336 -18.82 40.88 24.17
C ALA A 336 -19.55 42.15 23.75
N VAL A 337 -19.59 42.45 22.46
CA VAL A 337 -20.27 43.68 22.04
C VAL A 337 -21.79 43.51 22.17
N ASN A 338 -22.31 42.33 21.82
CA ASN A 338 -23.73 42.08 21.89
C ASN A 338 -24.21 42.06 23.32
N PHE A 339 -23.35 41.63 24.26
CA PHE A 339 -23.82 41.57 25.64
C PHE A 339 -23.73 42.96 26.27
N VAL A 340 -22.64 43.69 26.00
CA VAL A 340 -22.48 45.02 26.59
C VAL A 340 -23.53 45.99 26.05
N SER A 341 -23.99 45.79 24.82
CA SER A 341 -24.93 46.74 24.21
C SER A 341 -26.28 46.74 24.91
N ARG A 342 -26.91 45.57 25.04
CA ARG A 342 -28.20 45.45 25.72
C ARG A 342 -27.98 45.37 27.23
N GLN A 343 -28.22 46.50 27.92
CA GLN A 343 -28.21 46.52 29.38
C GLN A 343 -29.44 47.23 29.95
N HIS A 344 -30.50 47.36 29.17
CA HIS A 344 -31.65 48.14 29.57
C HIS A 344 -32.95 47.51 29.06
N LYS A 419 -27.11 55.29 26.69
CA LYS A 419 -26.25 55.97 25.74
C LYS A 419 -24.78 55.63 25.98
N VAL A 420 -24.42 55.49 27.26
CA VAL A 420 -23.06 55.14 27.63
C VAL A 420 -22.75 53.71 27.21
N PHE A 421 -23.71 52.80 27.36
CA PHE A 421 -23.51 51.40 27.00
C PHE A 421 -23.40 51.18 25.50
N ILE A 422 -24.11 51.97 24.71
CA ILE A 422 -24.00 51.89 23.24
C ILE A 422 -22.68 52.49 22.77
N ASP A 423 -22.24 53.59 23.38
CA ASP A 423 -20.95 54.17 23.00
C ASP A 423 -19.83 53.22 23.40
N ARG A 424 -19.93 52.61 24.58
CA ARG A 424 -18.90 51.69 25.03
C ARG A 424 -18.87 50.46 24.13
N ALA A 425 -20.03 50.00 23.65
CA ALA A 425 -20.01 48.84 22.77
C ALA A 425 -19.44 49.19 21.40
N LYS A 426 -19.69 50.42 20.92
CA LYS A 426 -19.17 50.83 19.62
C LYS A 426 -17.66 51.05 19.67
N LYS A 427 -17.13 51.35 20.86
CA LYS A 427 -15.69 51.54 20.95
C LYS A 427 -14.94 50.22 20.84
N ILE A 428 -15.52 49.11 21.33
CA ILE A 428 -14.85 47.82 21.17
C ILE A 428 -14.77 47.45 19.69
N ASP A 429 -15.73 47.93 18.90
CA ASP A 429 -15.75 47.60 17.48
C ASP A 429 -14.69 48.41 16.75
N THR A 430 -14.62 49.71 17.05
CA THR A 430 -13.68 50.52 16.30
C THR A 430 -12.25 50.21 16.73
N ILE A 431 -12.05 49.81 18.00
CA ILE A 431 -10.71 49.38 18.42
C ILE A 431 -10.34 48.06 17.76
N SER A 432 -11.30 47.13 17.63
CA SER A 432 -11.02 45.83 17.04
C SER A 432 -10.72 45.89 15.56
N ARG A 433 -11.21 46.94 14.87
CA ARG A 433 -10.97 47.12 13.45
C ARG A 433 -9.49 47.36 13.13
N ALA A 434 -8.77 47.99 14.06
CA ALA A 434 -7.34 48.19 13.90
C ALA A 434 -6.52 47.15 14.64
N CYS A 435 -6.94 46.76 15.85
CA CYS A 435 -6.16 45.84 16.66
C CYS A 435 -6.04 44.45 16.03
N PHE A 436 -7.14 43.88 15.51
CA PHE A 436 -7.05 42.52 14.96
C PHE A 436 -6.11 42.40 13.76
N PRO A 437 -6.16 43.28 12.74
CA PRO A 437 -5.14 43.20 11.67
C PRO A 437 -3.74 43.48 12.16
N LEU A 438 -3.57 44.37 13.15
CA LEU A 438 -2.23 44.69 13.61
C LEU A 438 -1.59 43.49 14.28
N ALA A 439 -2.30 42.88 15.24
CA ALA A 439 -1.74 41.73 15.93
C ALA A 439 -1.56 40.54 14.99
N PHE A 440 -2.37 40.45 13.93
CA PHE A 440 -2.12 39.39 12.95
C PHE A 440 -0.90 39.70 12.10
N LEU A 441 -0.61 40.99 11.89
CA LEU A 441 0.60 41.36 11.16
C LEU A 441 1.83 41.05 11.99
N ILE A 442 1.79 41.36 13.28
CA ILE A 442 2.93 41.06 14.15
C ILE A 442 3.16 39.56 14.19
N PHE A 443 2.08 38.77 14.30
CA PHE A 443 2.25 37.32 14.29
C PHE A 443 2.89 36.87 12.99
N ASN A 444 2.48 37.46 11.86
CA ASN A 444 3.02 37.05 10.57
C ASN A 444 4.51 37.33 10.52
N ILE A 445 4.90 38.52 10.99
CA ILE A 445 6.31 38.92 10.95
C ILE A 445 7.13 37.96 11.77
N PHE A 446 6.66 37.66 12.98
CA PHE A 446 7.42 36.78 13.87
C PHE A 446 7.50 35.37 13.29
N TYR A 447 6.40 34.83 12.78
CA TYR A 447 6.40 33.46 12.27
C TYR A 447 7.36 33.33 11.11
N TRP A 448 7.27 34.25 10.15
CA TRP A 448 8.09 34.15 8.95
C TRP A 448 9.56 34.38 9.26
N VAL A 449 9.91 35.35 10.12
CA VAL A 449 11.33 35.51 10.45
C VAL A 449 11.86 34.28 11.23
N ILE A 450 11.09 33.74 12.19
CA ILE A 450 11.61 32.62 12.99
C ILE A 450 11.89 31.42 12.10
N TYR A 451 11.01 31.13 11.14
CA TYR A 451 11.19 29.91 10.38
C TYR A 451 12.00 30.10 9.11
N LYS A 452 12.00 31.30 8.53
CA LYS A 452 12.80 31.54 7.33
C LYS A 452 14.21 32.02 7.65
N ILE A 453 14.43 32.66 8.81
CA ILE A 453 15.75 33.19 9.13
C ILE A 453 16.34 32.53 10.37
N LEU A 454 15.70 32.68 11.52
CA LEU A 454 16.28 32.17 12.78
C LEU A 454 16.48 30.65 12.74
N ARG A 455 15.39 29.89 12.63
CA ARG A 455 15.47 28.40 12.64
C ARG A 455 16.26 27.91 11.42
N HIS A 456 16.17 28.63 10.30
CA HIS A 456 16.99 28.28 9.10
C HIS A 456 18.47 28.36 9.47
N GLU A 457 19.25 27.31 9.21
CA GLU A 457 20.66 27.30 9.65
C GLU A 457 21.56 26.83 8.50
N ASP A 458 22.87 27.07 8.61
CA ASP A 458 23.82 26.60 7.56
C ASP A 458 23.72 25.07 7.48
N ILE A 459 23.70 24.53 6.27
CA ILE A 459 23.53 23.05 6.10
C ILE A 459 24.74 22.32 6.70
N HIS A 460 25.83 23.03 6.99
CA HIS A 460 27.02 22.34 7.47
C HIS A 460 27.27 22.63 8.95
N MET B 41 52.63 -20.26 6.43
CA MET B 41 51.58 -21.19 6.01
C MET B 41 50.29 -20.40 5.81
N SER B 42 49.54 -20.74 4.76
CA SER B 42 48.32 -19.98 4.47
C SER B 42 47.22 -20.29 5.48
N PRO B 43 46.44 -19.29 5.90
CA PRO B 43 45.40 -19.54 6.90
C PRO B 43 44.28 -20.44 6.40
N SER B 44 44.07 -20.49 5.09
CA SER B 44 43.01 -21.33 4.56
C SER B 44 43.39 -22.80 4.59
N ASP B 45 44.67 -23.12 4.43
CA ASP B 45 45.00 -24.53 4.52
C ASP B 45 44.94 -24.96 5.98
N PHE B 46 45.25 -24.04 6.90
CA PHE B 46 45.18 -24.43 8.30
C PHE B 46 43.74 -24.66 8.70
N LEU B 47 42.82 -23.90 8.10
CA LEU B 47 41.43 -24.12 8.43
C LEU B 47 40.95 -25.42 7.79
N ASP B 48 41.54 -25.78 6.64
CA ASP B 48 41.20 -27.05 6.02
C ASP B 48 41.67 -28.23 6.85
N LYS B 49 42.82 -28.09 7.52
CA LYS B 49 43.30 -29.16 8.39
C LYS B 49 42.52 -29.21 9.71
N LEU B 50 42.19 -28.04 10.27
CA LEU B 50 41.58 -27.98 11.59
C LEU B 50 40.16 -28.51 11.59
N MET B 51 39.41 -28.23 10.53
CA MET B 51 38.02 -28.68 10.39
C MET B 51 37.88 -29.62 9.20
N GLY B 52 38.89 -30.46 8.98
CA GLY B 52 38.91 -31.38 7.86
C GLY B 52 38.48 -32.79 8.22
N ARG B 53 38.55 -33.65 7.22
CA ARG B 53 38.20 -35.07 7.39
C ARG B 53 39.20 -35.78 8.29
N THR B 54 40.48 -35.39 8.25
CA THR B 54 41.47 -35.98 9.15
C THR B 54 41.24 -35.54 10.59
N SER B 55 40.60 -34.39 10.80
CA SER B 55 40.31 -33.90 12.14
C SER B 55 39.06 -34.54 12.73
N GLY B 56 38.16 -35.03 11.90
CA GLY B 56 36.93 -35.63 12.38
C GLY B 56 35.92 -34.66 12.96
N TYR B 57 36.04 -33.37 12.64
CA TYR B 57 35.06 -32.40 13.11
C TYR B 57 33.71 -32.66 12.45
N ASP B 58 32.64 -32.57 13.25
CA ASP B 58 31.29 -32.82 12.79
C ASP B 58 30.43 -31.61 13.15
N ALA B 59 29.98 -30.87 12.12
CA ALA B 59 29.24 -29.64 12.36
C ALA B 59 27.82 -29.89 12.86
N ARG B 60 27.40 -31.15 12.95
CA ARG B 60 26.10 -31.52 13.50
C ARG B 60 26.16 -31.93 14.96
N ILE B 61 27.35 -31.99 15.55
CA ILE B 61 27.53 -32.39 16.95
C ILE B 61 27.97 -31.15 17.72
N ARG B 62 27.22 -30.81 18.78
CA ARG B 62 27.53 -29.62 19.55
C ARG B 62 28.85 -29.81 20.30
N PRO B 63 29.50 -28.72 20.70
CA PRO B 63 30.68 -28.84 21.57
C PRO B 63 30.32 -29.42 22.92
N ASN B 64 31.27 -30.16 23.50
CA ASN B 64 31.06 -30.90 24.76
C ASN B 64 29.82 -31.78 24.66
N PHE B 65 29.87 -32.72 23.72
CA PHE B 65 28.68 -33.51 23.40
C PHE B 65 28.26 -34.41 24.54
N LYS B 66 29.20 -34.87 25.35
CA LYS B 66 28.86 -35.78 26.44
C LYS B 66 28.35 -35.05 27.68
N GLY B 67 28.89 -33.87 27.97
CA GLY B 67 28.74 -33.29 29.29
C GLY B 67 27.94 -31.99 29.31
N PRO B 68 28.54 -30.95 29.89
CA PRO B 68 27.76 -29.76 30.28
C PRO B 68 27.26 -28.99 29.06
N PRO B 69 26.23 -28.16 29.24
CA PRO B 69 25.64 -27.48 28.08
C PRO B 69 26.55 -26.39 27.55
N VAL B 70 26.31 -26.01 26.29
CA VAL B 70 27.04 -24.92 25.67
C VAL B 70 26.43 -23.59 26.13
N ASN B 71 27.28 -22.71 26.64
CA ASN B 71 26.87 -21.38 27.07
C ASN B 71 27.17 -20.39 25.96
N VAL B 72 26.14 -19.69 25.48
CA VAL B 72 26.27 -18.75 24.37
C VAL B 72 25.96 -17.36 24.88
N THR B 73 26.91 -16.44 24.71
CA THR B 73 26.76 -15.05 25.13
C THR B 73 26.32 -14.23 23.93
N CYS B 74 25.30 -13.40 24.11
CA CYS B 74 24.69 -12.68 23.01
C CYS B 74 24.80 -11.17 23.21
N ASN B 75 25.16 -10.46 22.14
CA ASN B 75 25.00 -9.02 22.05
C ASN B 75 24.07 -8.68 20.89
N ILE B 76 23.42 -7.52 21.01
CA ILE B 76 22.61 -6.96 19.93
C ILE B 76 22.93 -5.48 19.80
N PHE B 77 23.21 -5.05 18.57
CA PHE B 77 23.36 -3.63 18.25
C PHE B 77 22.25 -3.25 17.25
N ILE B 78 21.44 -2.26 17.60
CA ILE B 78 20.28 -1.89 16.79
C ILE B 78 20.69 -0.73 15.91
N ASN B 79 20.73 -0.98 14.60
CA ASN B 79 21.07 0.05 13.62
C ASN B 79 19.89 0.94 13.31
N SER B 80 18.70 0.36 13.16
CA SER B 80 17.49 1.12 12.89
C SER B 80 16.29 0.42 13.50
N PHE B 81 15.21 1.18 13.64
CA PHE B 81 14.09 0.81 14.51
C PHE B 81 12.91 1.66 14.04
N GLY B 82 11.89 1.02 13.50
CA GLY B 82 10.73 1.76 13.03
C GLY B 82 9.70 0.86 12.41
N SER B 83 8.84 1.49 11.59
CA SER B 83 7.74 0.82 10.90
C SER B 83 6.80 0.13 11.91
N ILE B 84 6.46 0.87 12.96
CA ILE B 84 5.59 0.37 14.02
C ILE B 84 4.16 0.50 13.54
N ALA B 85 3.52 -0.64 13.25
CA ALA B 85 2.21 -0.66 12.61
C ALA B 85 1.21 -1.33 13.53
N GLU B 86 0.05 -0.69 13.70
CA GLU B 86 -1.03 -1.27 14.48
C GLU B 86 -1.94 -2.19 13.67
N THR B 87 -1.97 -2.02 12.34
CA THR B 87 -2.81 -2.88 11.52
C THR B 87 -2.28 -4.30 11.46
N THR B 88 -0.97 -4.47 11.55
CA THR B 88 -0.35 -5.79 11.56
C THR B 88 0.23 -6.16 12.93
N MET B 89 0.23 -5.23 13.88
CA MET B 89 0.74 -5.45 15.24
C MET B 89 2.19 -5.94 15.23
N ASP B 90 3.07 -5.12 14.63
CA ASP B 90 4.46 -5.50 14.48
C ASP B 90 5.31 -4.26 14.27
N TYR B 91 6.62 -4.47 14.33
CA TYR B 91 7.60 -3.41 14.09
C TYR B 91 8.80 -4.02 13.40
N ARG B 92 9.68 -3.16 12.90
CA ARG B 92 10.79 -3.59 12.07
C ARG B 92 12.10 -3.09 12.66
N VAL B 93 13.11 -3.96 12.69
CA VAL B 93 14.43 -3.60 13.17
C VAL B 93 15.48 -4.11 12.20
N ASN B 94 16.63 -3.44 12.19
CA ASN B 94 17.82 -3.92 11.51
C ASN B 94 18.92 -4.00 12.54
N ILE B 95 19.47 -5.20 12.77
CA ILE B 95 20.35 -5.40 13.92
C ILE B 95 21.63 -6.09 13.50
N PHE B 96 22.64 -5.94 14.36
CA PHE B 96 23.79 -6.81 14.42
C PHE B 96 23.56 -7.76 15.59
N LEU B 97 23.74 -9.05 15.34
CA LEU B 97 23.61 -10.09 16.36
C LEU B 97 24.97 -10.76 16.50
N ARG B 98 25.55 -10.67 17.70
CA ARG B 98 26.83 -11.30 17.98
C ARG B 98 26.62 -12.43 18.98
N GLN B 99 27.16 -13.59 18.68
CA GLN B 99 27.14 -14.74 19.58
C GLN B 99 28.57 -15.19 19.85
N LYS B 100 28.85 -15.55 21.10
CA LYS B 100 30.17 -16.06 21.46
C LYS B 100 29.97 -17.34 22.23
N TRP B 101 30.73 -18.37 21.88
CA TRP B 101 30.74 -19.62 22.63
C TRP B 101 32.14 -20.22 22.58
N ASN B 102 32.29 -21.41 23.15
CA ASN B 102 33.57 -22.09 23.15
C ASN B 102 33.40 -23.46 22.50
N ASP B 103 34.30 -23.78 21.58
CA ASP B 103 34.34 -25.10 20.93
C ASP B 103 35.73 -25.68 21.16
N PRO B 104 35.90 -26.61 22.10
CA PRO B 104 37.24 -27.13 22.38
C PRO B 104 37.81 -28.01 21.28
N ARG B 105 37.00 -28.41 20.29
CA ARG B 105 37.54 -29.06 19.11
C ARG B 105 38.26 -28.10 18.18
N LEU B 106 38.09 -26.79 18.35
CA LEU B 106 38.67 -25.78 17.48
C LEU B 106 39.88 -25.09 18.08
N ALA B 107 40.41 -25.60 19.19
CA ALA B 107 41.59 -25.00 19.79
C ALA B 107 42.83 -25.34 18.98
N TYR B 108 43.65 -24.33 18.69
CA TYR B 108 44.88 -24.52 17.95
C TYR B 108 46.03 -23.80 18.65
N SER B 109 47.22 -24.38 18.54
CA SER B 109 48.44 -23.81 19.09
C SER B 109 49.55 -23.62 18.06
N GLU B 110 49.55 -24.43 16.99
CA GLU B 110 50.65 -24.43 16.02
C GLU B 110 50.75 -23.08 15.31
N TYR B 111 49.58 -22.58 14.88
CA TYR B 111 49.53 -21.35 14.05
C TYR B 111 50.04 -20.11 14.80
N PRO B 112 50.86 -19.22 14.16
CA PRO B 112 51.40 -18.05 14.87
C PRO B 112 50.33 -17.03 15.23
N ASP B 113 49.29 -16.88 14.42
CA ASP B 113 48.34 -15.80 14.61
C ASP B 113 47.36 -16.15 15.72
N ASP B 114 46.83 -15.11 16.36
CA ASP B 114 45.96 -15.32 17.51
C ASP B 114 44.53 -15.67 17.08
N SER B 115 44.10 -15.25 15.90
CA SER B 115 42.74 -15.49 15.45
C SER B 115 42.75 -16.02 14.02
N LEU B 116 41.68 -16.75 13.68
CA LEU B 116 41.44 -17.20 12.32
C LEU B 116 40.05 -16.75 11.89
N ASP B 117 39.87 -16.53 10.59
CA ASP B 117 38.60 -16.07 10.03
C ASP B 117 38.07 -17.09 9.04
N LEU B 118 36.82 -17.48 9.21
CA LEU B 118 36.17 -18.43 8.31
C LEU B 118 35.45 -17.69 7.20
N ASP B 119 35.49 -18.24 6.00
CA ASP B 119 34.85 -17.60 4.86
C ASP B 119 33.33 -17.71 5.01
N PRO B 120 32.59 -16.63 4.75
CA PRO B 120 31.13 -16.71 4.89
C PRO B 120 30.44 -17.67 3.91
N SER B 121 31.18 -18.20 2.92
CA SER B 121 30.60 -19.23 2.05
C SER B 121 30.69 -20.63 2.65
N MET B 122 31.59 -20.85 3.60
CA MET B 122 31.80 -22.16 4.21
C MET B 122 31.34 -22.19 5.67
N LEU B 123 30.33 -21.39 6.01
CA LEU B 123 29.84 -21.39 7.39
C LEU B 123 29.15 -22.69 7.76
N ASP B 124 28.77 -23.52 6.79
CA ASP B 124 28.15 -24.80 7.09
C ASP B 124 29.15 -25.87 7.52
N SER B 125 30.43 -25.52 7.61
CA SER B 125 31.46 -26.46 8.06
C SER B 125 31.69 -26.41 9.56
N ILE B 126 30.98 -25.54 10.27
CA ILE B 126 31.19 -25.34 11.69
C ILE B 126 29.85 -25.43 12.41
N TRP B 127 29.89 -25.94 13.64
CA TRP B 127 28.69 -25.97 14.46
C TRP B 127 28.29 -24.57 14.89
N LYS B 128 27.01 -24.27 14.81
CA LYS B 128 26.51 -22.98 15.27
C LYS B 128 25.22 -23.21 16.05
N PRO B 129 24.93 -22.36 17.04
CA PRO B 129 23.66 -22.49 17.76
C PRO B 129 22.46 -22.27 16.84
N ASP B 130 21.37 -22.96 17.14
CA ASP B 130 20.16 -22.87 16.32
C ASP B 130 19.21 -21.82 16.90
N LEU B 131 19.74 -20.61 17.05
CA LEU B 131 18.95 -19.49 17.55
C LEU B 131 17.83 -19.14 16.58
N PHE B 132 16.72 -18.68 17.13
CA PHE B 132 15.66 -18.11 16.33
C PHE B 132 14.87 -17.12 17.18
N PHE B 133 14.16 -16.23 16.50
CA PHE B 133 13.43 -15.16 17.15
C PHE B 133 11.97 -15.60 17.29
N ALA B 134 11.52 -15.75 18.54
CA ALA B 134 10.28 -16.46 18.81
C ALA B 134 9.05 -15.67 18.38
N ASN B 135 9.14 -14.35 18.28
CA ASN B 135 8.02 -13.52 17.85
C ASN B 135 8.26 -12.91 16.48
N GLU B 136 9.06 -13.56 15.64
CA GLU B 136 9.40 -13.04 14.33
C GLU B 136 8.36 -13.48 13.30
N LYS B 137 7.82 -12.52 12.56
CA LYS B 137 6.92 -12.82 11.46
C LYS B 137 7.61 -12.86 10.10
N GLY B 138 8.76 -12.20 9.98
CA GLY B 138 9.53 -12.20 8.75
C GLY B 138 10.93 -11.66 8.96
N ALA B 139 11.91 -12.22 8.26
CA ALA B 139 13.30 -11.86 8.50
C ALA B 139 14.13 -12.26 7.30
N ASN B 140 15.28 -11.59 7.14
CA ASN B 140 16.17 -11.87 6.02
C ASN B 140 17.59 -11.44 6.36
N PHE B 141 18.55 -12.15 5.78
CA PHE B 141 19.96 -11.77 5.82
C PHE B 141 20.23 -10.63 4.85
N HIS B 142 21.49 -10.21 4.79
CA HIS B 142 21.91 -9.14 3.89
C HIS B 142 23.10 -9.66 3.08
N GLU B 143 23.09 -9.38 1.77
CA GLU B 143 24.11 -9.97 0.91
C GLU B 143 24.71 -9.04 -0.13
N VAL B 144 24.41 -7.75 -0.12
CA VAL B 144 24.84 -6.88 -1.21
C VAL B 144 26.31 -6.52 -1.01
N THR B 145 27.08 -6.57 -2.09
CA THR B 145 28.55 -6.75 -2.06
C THR B 145 28.71 -8.08 -1.30
N THR B 146 29.64 -8.21 -0.35
CA THR B 146 29.94 -9.55 0.12
C THR B 146 28.86 -9.97 1.13
N ASP B 147 28.88 -11.22 1.60
CA ASP B 147 27.93 -11.67 2.66
C ASP B 147 28.18 -10.89 3.95
N ASN B 148 27.15 -10.38 4.59
CA ASN B 148 27.26 -9.56 5.78
C ASN B 148 27.41 -10.42 7.03
N LYS B 149 28.39 -11.32 7.02
CA LYS B 149 28.58 -12.28 8.10
C LYS B 149 30.06 -12.34 8.47
N LEU B 150 30.33 -12.79 9.70
CA LEU B 150 31.69 -12.78 10.21
C LEU B 150 31.81 -13.86 11.27
N LEU B 151 32.95 -14.56 11.27
CA LEU B 151 33.21 -15.60 12.24
C LEU B 151 34.71 -15.67 12.52
N ARG B 152 35.07 -15.59 13.80
CA ARG B 152 36.46 -15.64 14.22
C ARG B 152 36.64 -16.73 15.24
N ILE B 153 37.73 -17.48 15.10
CA ILE B 153 38.09 -18.57 16.00
C ILE B 153 39.41 -18.22 16.68
N PHE B 154 39.41 -18.17 18.00
CA PHE B 154 40.60 -17.79 18.74
C PHE B 154 41.38 -19.04 19.14
N LYS B 155 42.58 -18.82 19.71
CA LYS B 155 43.46 -19.95 20.03
C LYS B 155 42.83 -20.87 21.08
N ASN B 156 42.20 -20.31 22.09
CA ASN B 156 41.58 -21.12 23.14
C ASN B 156 40.43 -21.95 22.62
N GLY B 157 39.93 -21.63 21.43
CA GLY B 157 38.77 -22.26 20.82
C GLY B 157 37.50 -21.45 20.91
N ASN B 158 37.56 -20.24 21.47
CA ASN B 158 36.37 -19.39 21.53
C ASN B 158 35.97 -18.96 20.12
N VAL B 159 34.67 -18.95 19.86
CA VAL B 159 34.11 -18.58 18.58
C VAL B 159 33.31 -17.31 18.78
N LEU B 160 33.51 -16.34 17.89
CA LEU B 160 32.73 -15.12 17.78
C LEU B 160 32.05 -15.10 16.42
N TYR B 161 30.74 -14.92 16.42
CA TYR B 161 29.93 -15.07 15.22
C TYR B 161 28.99 -13.88 15.15
N SER B 162 29.26 -12.95 14.23
CA SER B 162 28.52 -11.71 14.12
C SER B 162 27.84 -11.65 12.76
N ILE B 163 26.54 -11.43 12.77
CA ILE B 163 25.76 -11.33 11.54
C ILE B 163 24.88 -10.09 11.59
N ARG B 164 24.43 -9.65 10.42
CA ARG B 164 23.58 -8.47 10.29
C ARG B 164 22.32 -8.88 9.58
N LEU B 165 21.17 -8.46 10.12
CA LEU B 165 19.91 -9.03 9.64
C LEU B 165 18.75 -8.11 9.98
N THR B 166 17.69 -8.22 9.17
CA THR B 166 16.48 -7.42 9.34
C THR B 166 15.38 -8.31 9.88
N LEU B 167 14.60 -7.78 10.82
CA LEU B 167 13.52 -8.52 11.45
C LEU B 167 12.23 -7.71 11.40
N THR B 168 11.13 -8.44 11.23
CA THR B 168 9.79 -7.94 11.49
C THR B 168 9.29 -8.73 12.69
N LEU B 169 9.16 -8.07 13.83
CA LEU B 169 8.80 -8.73 15.07
C LEU B 169 7.40 -8.31 15.51
N SER B 170 6.64 -9.27 16.01
CA SER B 170 5.28 -9.01 16.47
C SER B 170 5.32 -8.35 17.84
N CYS B 171 4.49 -7.33 18.02
CA CYS B 171 4.17 -6.82 19.34
C CYS B 171 2.69 -6.52 19.46
N PRO B 172 1.99 -7.22 20.36
CA PRO B 172 0.61 -6.84 20.69
C PRO B 172 0.54 -5.45 21.30
N MET B 173 -0.34 -4.62 20.74
CA MET B 173 -0.60 -3.28 21.22
C MET B 173 -2.02 -3.21 21.76
N ASP B 174 -2.20 -2.35 22.76
CA ASP B 174 -3.50 -2.20 23.42
C ASP B 174 -4.30 -1.10 22.73
N LEU B 175 -3.77 0.13 22.73
CA LEU B 175 -4.29 1.32 22.07
C LEU B 175 -5.53 1.88 22.75
N LYS B 176 -6.05 1.27 23.80
CA LYS B 176 -6.85 2.03 24.74
C LYS B 176 -5.93 3.05 25.41
N ASN B 177 -6.50 4.16 25.87
CA ASN B 177 -5.70 5.29 26.36
C ASN B 177 -4.83 5.87 25.24
N PHE B 178 -5.39 5.97 24.03
CA PHE B 178 -4.58 6.02 22.81
C PHE B 178 -3.65 7.23 22.71
N PRO B 179 -4.09 8.48 22.90
CA PRO B 179 -3.12 9.57 22.71
C PRO B 179 -1.99 9.45 23.71
N MET B 180 -2.30 8.95 24.90
CA MET B 180 -1.40 8.91 26.06
C MET B 180 -1.01 7.46 26.35
N ASP B 181 -0.86 6.63 25.31
CA ASP B 181 -0.48 5.24 25.54
C ASP B 181 1.03 5.06 25.61
N VAL B 182 1.42 3.95 26.22
CA VAL B 182 2.81 3.52 26.31
C VAL B 182 2.85 2.04 25.96
N GLN B 183 3.72 1.67 25.02
CA GLN B 183 3.82 0.31 24.54
C GLN B 183 5.17 -0.29 24.92
N THR B 184 5.20 -1.62 24.97
CA THR B 184 6.42 -2.36 25.30
C THR B 184 6.65 -3.42 24.22
N CYS B 185 7.67 -3.21 23.39
CA CYS B 185 8.00 -4.17 22.35
C CYS B 185 9.09 -5.10 22.86
N ILE B 186 8.96 -6.39 22.61
CA ILE B 186 9.94 -7.34 23.11
C ILE B 186 10.66 -8.01 21.93
N MET B 187 11.73 -8.71 22.27
CA MET B 187 12.53 -9.48 21.32
C MET B 187 13.04 -10.70 22.06
N GLN B 188 12.66 -11.89 21.60
CA GLN B 188 12.98 -13.14 22.27
C GLN B 188 13.93 -13.97 21.43
N LEU B 189 14.97 -14.49 22.09
CA LEU B 189 16.03 -15.28 21.45
C LEU B 189 15.95 -16.67 22.03
N GLU B 190 15.39 -17.62 21.27
CA GLU B 190 15.14 -18.97 21.73
C GLU B 190 15.99 -19.95 20.94
N SER B 191 16.19 -21.14 21.51
CA SER B 191 16.74 -22.25 20.75
C SER B 191 15.60 -23.07 20.14
N PHE B 192 15.88 -23.67 18.97
CA PHE B 192 14.80 -24.33 18.25
C PHE B 192 14.64 -25.79 18.63
N GLY B 193 15.75 -26.51 18.80
CA GLY B 193 15.67 -27.93 19.08
C GLY B 193 16.67 -28.45 20.09
N TYR B 194 17.14 -27.58 20.99
CA TYR B 194 18.07 -27.97 22.04
C TYR B 194 17.46 -27.63 23.39
N THR B 195 17.53 -28.57 24.33
CA THR B 195 17.01 -28.31 25.67
C THR B 195 18.08 -27.66 26.54
N MET B 196 17.66 -27.17 27.71
CA MET B 196 18.55 -26.39 28.55
C MET B 196 19.68 -27.20 29.18
N ASN B 197 19.69 -28.53 29.02
CA ASN B 197 20.84 -29.33 29.38
C ASN B 197 21.81 -29.51 28.22
N ASP B 198 21.56 -28.84 27.09
CA ASP B 198 22.45 -28.86 25.95
C ASP B 198 22.89 -27.48 25.50
N LEU B 199 22.03 -26.47 25.65
CA LEU B 199 22.29 -25.15 25.10
C LEU B 199 21.65 -24.11 26.00
N ILE B 200 22.43 -23.10 26.40
CA ILE B 200 21.96 -22.03 27.28
C ILE B 200 22.38 -20.70 26.66
N PHE B 201 21.44 -19.76 26.58
CA PHE B 201 21.74 -18.42 26.11
C PHE B 201 21.91 -17.49 27.31
N GLU B 202 22.86 -16.57 27.22
CA GLU B 202 23.07 -15.56 28.25
C GLU B 202 23.27 -14.20 27.62
N TRP B 203 22.77 -13.17 28.28
CA TRP B 203 23.05 -11.80 27.88
C TRP B 203 24.45 -11.42 28.35
N GLN B 204 25.17 -10.68 27.51
CA GLN B 204 26.49 -10.21 27.90
C GLN B 204 26.40 -9.29 29.10
N ASP B 205 27.35 -9.42 30.03
CA ASP B 205 27.27 -8.66 31.28
C ASP B 205 27.42 -7.16 31.06
N GLU B 206 28.38 -6.75 30.23
CA GLU B 206 28.71 -5.33 30.13
C GLU B 206 27.64 -4.54 29.39
N ALA B 207 27.37 -4.88 28.13
CA ALA B 207 26.44 -4.12 27.29
C ALA B 207 25.83 -5.05 26.25
N PRO B 208 24.71 -5.70 26.57
CA PRO B 208 24.14 -6.67 25.62
C PRO B 208 23.33 -6.05 24.50
N VAL B 209 22.55 -5.02 24.78
CA VAL B 209 21.77 -4.30 23.78
C VAL B 209 22.17 -2.82 23.73
N GLN B 210 22.59 -2.38 22.55
CA GLN B 210 22.95 -0.99 22.31
C GLN B 210 22.12 -0.49 21.13
N VAL B 211 21.82 0.81 21.14
CA VAL B 211 21.08 1.47 20.06
C VAL B 211 21.96 2.55 19.46
N ALA B 212 22.00 2.61 18.14
CA ALA B 212 22.76 3.65 17.46
C ALA B 212 22.16 5.02 17.76
N GLU B 213 23.01 6.03 17.72
CA GLU B 213 22.57 7.39 18.02
C GLU B 213 21.85 8.00 16.81
N GLY B 214 21.01 8.99 17.09
CA GLY B 214 20.37 9.77 16.05
C GLY B 214 19.08 9.17 15.51
N LEU B 215 18.67 8.00 15.99
CA LEU B 215 17.43 7.40 15.51
C LEU B 215 16.23 8.24 15.94
N THR B 216 15.22 8.30 15.07
CA THR B 216 14.00 9.03 15.34
C THR B 216 12.81 8.19 14.88
N LEU B 217 11.63 8.54 15.41
CA LEU B 217 10.41 7.82 15.09
C LEU B 217 9.30 8.82 14.83
N PRO B 218 8.46 8.58 13.82
CA PRO B 218 7.39 9.54 13.53
C PRO B 218 6.34 9.65 14.63
N GLN B 219 6.13 8.58 15.40
CA GLN B 219 5.05 8.56 16.37
C GLN B 219 5.52 8.40 17.81
N PHE B 220 6.58 7.63 18.04
CA PHE B 220 6.94 7.24 19.40
C PHE B 220 8.27 7.85 19.82
N LEU B 221 8.60 7.62 21.08
CA LEU B 221 9.90 7.95 21.66
C LEU B 221 10.42 6.71 22.35
N LEU B 222 11.52 6.17 21.83
CA LEU B 222 12.15 4.97 22.38
C LEU B 222 12.92 5.35 23.64
N LYS B 223 12.47 4.86 24.80
CA LYS B 223 13.11 5.21 26.05
C LYS B 223 14.50 4.59 26.15
N GLU B 224 15.32 5.17 27.02
CA GLU B 224 16.70 4.72 27.16
C GLU B 224 16.80 3.46 28.01
N GLU B 225 15.79 3.17 28.81
CA GLU B 225 15.85 2.10 29.80
C GLU B 225 15.26 0.85 29.17
N LYS B 226 15.98 -0.26 29.27
CA LYS B 226 15.66 -1.50 28.58
C LYS B 226 15.71 -2.65 29.56
N ASP B 227 14.82 -3.63 29.39
CA ASP B 227 14.71 -4.73 30.33
C ASP B 227 15.36 -5.95 29.72
N LEU B 228 16.22 -6.62 30.50
CA LEU B 228 16.79 -7.89 30.11
C LEU B 228 16.18 -8.99 30.98
N ARG B 229 15.53 -9.97 30.33
CA ARG B 229 14.68 -10.92 31.03
C ARG B 229 15.09 -12.33 30.67
N TYR B 230 14.46 -13.26 31.39
CA TYR B 230 14.60 -14.70 31.18
C TYR B 230 13.18 -15.25 31.01
N CYS B 231 12.88 -15.76 29.82
CA CYS B 231 11.57 -16.33 29.59
C CYS B 231 11.71 -17.79 29.14
N THR B 232 12.30 -18.59 30.02
CA THR B 232 12.53 -20.00 29.73
C THR B 232 11.22 -20.71 29.41
N LYS B 233 11.18 -21.41 28.28
CA LYS B 233 10.00 -22.13 27.88
C LYS B 233 9.97 -23.50 28.54
N HIS B 234 8.84 -23.84 29.15
CA HIS B 234 8.60 -25.17 29.70
C HIS B 234 7.58 -25.85 28.80
N TYR B 235 8.02 -26.89 28.10
CA TYR B 235 7.18 -27.68 27.22
C TYR B 235 7.17 -29.14 27.71
N ASN B 236 6.56 -30.01 26.89
CA ASN B 236 6.57 -31.43 27.19
C ASN B 236 7.92 -32.05 26.92
N THR B 237 8.64 -31.54 25.91
CA THR B 237 9.97 -32.05 25.60
C THR B 237 10.99 -31.66 26.66
N GLY B 238 10.81 -30.52 27.31
CA GLY B 238 11.72 -30.10 28.36
C GLY B 238 11.85 -28.59 28.39
N LYS B 239 12.90 -28.13 29.07
CA LYS B 239 13.17 -26.71 29.22
C LYS B 239 14.01 -26.24 28.04
N PHE B 240 13.60 -25.12 27.44
CA PHE B 240 14.29 -24.54 26.29
C PHE B 240 14.73 -23.13 26.63
N THR B 241 16.00 -22.84 26.38
CA THR B 241 16.56 -21.55 26.74
C THR B 241 15.93 -20.44 25.90
N CYS B 242 15.67 -19.31 26.53
CA CYS B 242 15.07 -18.17 25.86
C CYS B 242 15.39 -16.93 26.67
N ILE B 243 16.06 -15.96 26.05
CA ILE B 243 16.36 -14.70 26.70
C ILE B 243 15.60 -13.60 25.98
N GLU B 244 15.36 -12.48 26.67
CA GLU B 244 14.41 -11.54 26.10
C GLU B 244 14.84 -10.12 26.45
N VAL B 245 14.55 -9.19 25.55
CA VAL B 245 14.74 -7.78 25.81
C VAL B 245 13.44 -7.02 25.58
N ARG B 246 13.16 -6.07 26.46
CA ARG B 246 11.97 -5.23 26.34
C ARG B 246 12.41 -3.79 26.10
N PHE B 247 11.77 -3.14 25.14
CA PHE B 247 11.96 -1.73 24.83
C PHE B 247 10.67 -0.99 25.15
N HIS B 248 10.79 0.21 25.70
CA HIS B 248 9.65 1.00 26.12
C HIS B 248 9.46 2.16 25.16
N LEU B 249 8.21 2.41 24.77
CA LEU B 249 7.91 3.39 23.73
C LEU B 249 6.78 4.27 24.22
N GLU B 250 6.99 5.59 24.22
CA GLU B 250 5.97 6.52 24.67
C GLU B 250 5.53 7.39 23.51
N ARG B 251 4.22 7.47 23.29
CA ARG B 251 3.73 8.28 22.17
C ARG B 251 3.86 9.76 22.49
N GLN B 252 4.20 10.55 21.47
CA GLN B 252 4.22 11.99 21.63
C GLN B 252 2.81 12.55 21.50
N MET B 253 2.55 13.68 22.16
CA MET B 253 1.19 14.20 22.26
C MET B 253 0.97 15.56 21.62
N GLY B 254 2.01 16.20 21.09
CA GLY B 254 1.84 17.59 20.67
C GLY B 254 0.87 17.78 19.52
N TYR B 255 0.89 16.87 18.55
CA TYR B 255 -0.02 16.98 17.41
C TYR B 255 -1.46 16.76 17.83
N TYR B 256 -1.70 15.74 18.66
CA TYR B 256 -3.06 15.41 19.08
C TYR B 256 -3.65 16.53 19.92
N LEU B 257 -2.83 17.15 20.77
CA LEU B 257 -3.26 18.29 21.57
C LEU B 257 -3.57 19.50 20.69
N ILE B 258 -2.66 19.86 19.78
CA ILE B 258 -2.81 21.10 19.02
C ILE B 258 -3.86 20.99 17.90
N GLN B 259 -4.12 19.78 17.40
CA GLN B 259 -5.03 19.61 16.27
C GLN B 259 -6.38 18.98 16.61
N MET B 260 -6.48 18.24 17.72
CA MET B 260 -7.72 17.56 18.09
C MET B 260 -8.32 18.04 19.39
N TYR B 261 -7.51 18.15 20.46
CA TYR B 261 -8.07 18.47 21.78
C TYR B 261 -8.42 19.95 21.91
N ILE B 262 -7.50 20.84 21.55
CA ILE B 262 -7.73 22.27 21.67
C ILE B 262 -8.81 22.76 20.69
N PRO B 263 -8.82 22.37 19.41
CA PRO B 263 -9.96 22.80 18.57
C PRO B 263 -11.31 22.32 19.06
N SER B 264 -11.39 21.07 19.55
CA SER B 264 -12.64 20.60 20.16
C SER B 264 -13.00 21.44 21.38
N LEU B 265 -12.01 21.86 22.16
CA LEU B 265 -12.30 22.63 23.35
C LEU B 265 -12.79 24.02 22.96
N LEU B 266 -12.26 24.58 21.88
CA LEU B 266 -12.72 25.89 21.46
C LEU B 266 -14.13 25.80 20.90
N ILE B 267 -14.47 24.69 20.24
CA ILE B 267 -15.82 24.54 19.73
C ILE B 267 -16.80 24.42 20.89
N VAL B 268 -16.39 23.73 21.96
CA VAL B 268 -17.24 23.63 23.14
C VAL B 268 -17.43 25.00 23.78
N ILE B 269 -16.35 25.79 23.83
CA ILE B 269 -16.50 27.13 24.42
C ILE B 269 -17.43 27.98 23.56
N LEU B 270 -17.33 27.82 22.24
CA LEU B 270 -18.17 28.59 21.33
C LEU B 270 -19.64 28.23 21.49
N SER B 271 -19.91 26.98 21.87
CA SER B 271 -21.30 26.58 22.14
C SER B 271 -21.88 27.25 23.38
N TRP B 272 -21.03 27.69 24.31
CA TRP B 272 -21.47 28.38 25.51
C TRP B 272 -21.85 29.82 25.25
N VAL B 273 -21.43 30.40 24.13
CA VAL B 273 -21.75 31.79 23.84
C VAL B 273 -23.22 32.00 23.48
N SER B 274 -23.96 30.92 23.25
CA SER B 274 -25.42 31.04 23.09
C SER B 274 -26.07 31.59 24.36
N PHE B 275 -25.50 31.31 25.53
CA PHE B 275 -26.12 31.72 26.79
C PHE B 275 -26.04 33.22 27.06
N TRP B 276 -25.14 33.93 26.39
CA TRP B 276 -25.04 35.38 26.54
C TRP B 276 -25.75 36.15 25.44
N ILE B 277 -26.43 35.47 24.54
CA ILE B 277 -27.18 36.08 23.46
C ILE B 277 -28.63 36.28 23.90
N ASN B 278 -29.24 37.37 23.41
CA ASN B 278 -30.60 37.75 23.79
C ASN B 278 -31.56 36.59 23.57
N MET B 279 -32.51 36.43 24.49
CA MET B 279 -33.40 35.29 24.46
C MET B 279 -34.30 35.29 23.22
N ASP B 280 -34.63 36.46 22.69
CA ASP B 280 -35.57 36.55 21.59
C ASP B 280 -34.91 36.42 20.23
N ALA B 281 -33.61 36.11 20.18
CA ALA B 281 -32.88 35.99 18.93
C ALA B 281 -32.83 34.54 18.49
N ALA B 282 -34.01 34.02 18.13
CA ALA B 282 -34.12 32.61 17.75
C ALA B 282 -33.30 32.21 16.53
N PRO B 283 -33.29 32.95 15.41
CA PRO B 283 -32.43 32.54 14.29
C PRO B 283 -30.94 32.58 14.60
N ALA B 284 -30.52 33.48 15.49
CA ALA B 284 -29.11 33.55 15.88
C ALA B 284 -28.74 32.39 16.79
N ARG B 285 -29.55 32.12 17.81
CA ARG B 285 -29.13 31.12 18.79
C ARG B 285 -29.31 29.73 18.20
N VAL B 286 -30.37 29.52 17.43
CA VAL B 286 -30.58 28.21 16.81
C VAL B 286 -29.50 27.93 15.78
N ALA B 287 -29.19 28.93 14.93
CA ALA B 287 -28.19 28.70 13.89
C ALA B 287 -26.80 28.52 14.50
N LEU B 288 -26.47 29.28 15.55
CA LEU B 288 -25.20 29.05 16.23
C LEU B 288 -25.14 27.66 16.86
N GLY B 289 -26.25 27.19 17.44
CA GLY B 289 -26.24 25.87 18.05
C GLY B 289 -26.04 24.76 17.05
N ILE B 290 -26.77 24.84 15.92
CA ILE B 290 -26.68 23.72 14.99
C ILE B 290 -25.39 23.83 14.20
N THR B 291 -24.88 25.04 13.94
CA THR B 291 -23.62 25.12 13.23
C THR B 291 -22.48 24.67 14.12
N THR B 292 -22.60 24.87 15.44
CA THR B 292 -21.60 24.34 16.35
C THR B 292 -21.61 22.82 16.35
N VAL B 293 -22.81 22.22 16.27
CA VAL B 293 -22.90 20.77 16.15
C VAL B 293 -22.29 20.27 14.84
N LEU B 294 -22.53 21.00 13.74
CA LEU B 294 -21.94 20.63 12.46
C LEU B 294 -20.43 20.78 12.47
N THR B 295 -19.92 21.84 13.08
CA THR B 295 -18.47 22.04 13.20
C THR B 295 -17.85 20.92 14.02
N MET B 296 -18.53 20.55 15.11
CA MET B 296 -18.07 19.43 15.93
C MET B 296 -18.03 18.15 15.10
N THR B 297 -19.01 17.98 14.20
CA THR B 297 -19.09 16.77 13.39
C THR B 297 -17.99 16.72 12.35
N THR B 298 -17.74 17.84 11.67
CA THR B 298 -16.67 17.88 10.67
C THR B 298 -15.30 17.72 11.33
N GLN B 299 -15.13 18.25 12.55
CA GLN B 299 -13.87 18.07 13.27
C GLN B 299 -13.62 16.60 13.58
N SER B 300 -14.65 15.88 14.02
CA SER B 300 -14.46 14.47 14.31
C SER B 300 -14.31 13.65 13.03
N SER B 301 -15.08 13.98 11.99
CA SER B 301 -15.01 13.17 10.78
C SER B 301 -13.65 13.37 10.11
N GLY B 302 -13.12 14.59 10.13
CA GLY B 302 -11.81 14.79 9.55
C GLY B 302 -10.74 14.14 10.40
N SER B 303 -10.95 14.08 11.72
CA SER B 303 -9.95 13.45 12.57
C SER B 303 -9.92 11.94 12.37
N ARG B 304 -11.01 11.36 11.85
CA ARG B 304 -11.14 9.90 11.85
C ARG B 304 -10.13 9.22 10.91
N ALA B 305 -9.67 9.91 9.86
CA ALA B 305 -8.74 9.30 8.93
C ALA B 305 -7.33 9.16 9.46
N SER B 306 -6.93 9.99 10.43
CA SER B 306 -5.57 9.93 10.94
C SER B 306 -5.40 8.94 12.07
N LEU B 307 -6.46 8.62 12.80
CA LEU B 307 -6.39 7.78 13.98
C LEU B 307 -6.22 6.30 13.58
N PRO B 308 -5.68 5.48 14.49
CA PRO B 308 -5.59 4.05 14.23
C PRO B 308 -6.97 3.41 14.08
N LYS B 309 -7.06 2.43 13.19
CA LYS B 309 -8.32 1.76 12.89
C LYS B 309 -8.46 0.54 13.78
N VAL B 310 -9.21 0.69 14.88
CA VAL B 310 -9.49 -0.39 15.82
C VAL B 310 -10.99 -0.38 16.09
N SER B 311 -11.49 -1.47 16.67
CA SER B 311 -12.92 -1.62 16.88
C SER B 311 -13.37 -1.25 18.29
N TYR B 312 -12.45 -1.04 19.22
CA TYR B 312 -12.83 -0.70 20.59
C TYR B 312 -12.64 0.80 20.84
N VAL B 313 -13.17 1.25 21.97
CA VAL B 313 -13.13 2.66 22.34
C VAL B 313 -11.76 3.08 22.86
N LYS B 314 -11.29 4.23 22.41
CA LYS B 314 -10.02 4.81 22.83
C LYS B 314 -10.30 6.10 23.60
N ALA B 315 -9.29 6.60 24.32
CA ALA B 315 -9.50 7.79 25.15
C ALA B 315 -9.94 8.98 24.30
N ILE B 316 -9.38 9.10 23.09
CA ILE B 316 -9.75 10.19 22.20
C ILE B 316 -11.22 10.11 21.85
N ASP B 317 -11.73 8.88 21.67
CA ASP B 317 -13.14 8.70 21.35
C ASP B 317 -14.02 9.15 22.51
N ILE B 318 -13.58 8.91 23.74
CA ILE B 318 -14.33 9.37 24.91
C ILE B 318 -14.39 10.89 24.92
N TRP B 319 -13.26 11.53 24.60
CA TRP B 319 -13.21 12.99 24.58
C TRP B 319 -14.12 13.55 23.50
N MET B 320 -14.05 12.96 22.29
CA MET B 320 -14.88 13.45 21.17
C MET B 320 -16.36 13.23 21.50
N ALA B 321 -16.71 12.12 22.14
CA ALA B 321 -18.12 11.85 22.43
C ALA B 321 -18.65 12.82 23.48
N VAL B 322 -17.84 13.15 24.47
CA VAL B 322 -18.33 14.06 25.51
C VAL B 322 -18.47 15.47 24.94
N CYS B 323 -17.50 15.90 24.10
CA CYS B 323 -17.64 17.22 23.49
C CYS B 323 -18.86 17.30 22.57
N LEU B 324 -19.19 16.20 21.88
CA LEU B 324 -20.43 16.18 21.11
C LEU B 324 -21.66 16.24 21.99
N LEU B 325 -21.63 15.56 23.15
CA LEU B 325 -22.78 15.62 24.05
C LEU B 325 -22.93 17.00 24.67
N PHE B 326 -21.84 17.76 24.75
CA PHE B 326 -21.90 19.10 25.33
C PHE B 326 -22.50 20.07 24.34
N VAL B 327 -22.09 19.99 23.07
CA VAL B 327 -22.68 20.93 22.12
C VAL B 327 -24.12 20.51 21.79
N PHE B 328 -24.44 19.22 21.89
CA PHE B 328 -25.84 18.79 21.75
C PHE B 328 -26.70 19.34 22.88
N SER B 329 -26.16 19.32 24.12
CA SER B 329 -26.96 19.75 25.25
C SER B 329 -27.12 21.27 25.29
N ALA B 330 -26.19 22.00 24.68
CA ALA B 330 -26.35 23.45 24.69
C ALA B 330 -27.49 23.87 23.76
N LEU B 331 -27.76 23.08 22.72
CA LEU B 331 -28.86 23.38 21.83
C LEU B 331 -30.19 22.94 22.44
N LEU B 332 -30.18 21.81 23.18
CA LEU B 332 -31.39 21.46 23.92
C LEU B 332 -31.73 22.47 25.01
N GLU B 333 -30.72 23.16 25.56
CA GLU B 333 -31.01 24.17 26.57
C GLU B 333 -31.77 25.34 25.96
N TYR B 334 -31.44 25.70 24.71
CA TYR B 334 -32.18 26.78 24.08
C TYR B 334 -33.56 26.31 23.65
N ALA B 335 -33.69 25.05 23.25
CA ALA B 335 -35.03 24.54 22.94
C ALA B 335 -35.95 24.58 24.15
N ALA B 336 -35.41 24.30 25.33
CA ALA B 336 -36.18 24.44 26.57
C ALA B 336 -36.49 25.88 26.91
N VAL B 337 -35.54 26.79 26.68
CA VAL B 337 -35.80 28.19 27.01
C VAL B 337 -36.81 28.79 26.03
N ASN B 338 -36.68 28.44 24.74
CA ASN B 338 -37.57 28.99 23.73
C ASN B 338 -38.98 28.45 23.92
N PHE B 339 -39.13 27.23 24.43
CA PHE B 339 -40.47 26.71 24.58
C PHE B 339 -41.11 27.26 25.85
N VAL B 340 -40.34 27.34 26.94
CA VAL B 340 -40.88 27.82 28.20
C VAL B 340 -41.25 29.31 28.10
N SER B 341 -40.54 30.07 27.25
CA SER B 341 -40.78 31.50 27.18
C SER B 341 -42.15 31.83 26.60
N ARG B 342 -42.47 31.31 25.42
CA ARG B 342 -43.77 31.54 24.79
C ARG B 342 -44.80 30.58 25.37
N GLN B 343 -45.64 31.09 26.28
CA GLN B 343 -46.78 30.33 26.79
C GLN B 343 -48.07 31.13 26.77
N HIS B 344 -48.14 32.19 25.96
CA HIS B 344 -49.26 33.10 25.98
C HIS B 344 -49.57 33.61 24.57
N LYS B 419 -45.26 37.08 32.91
CA LYS B 419 -44.08 37.60 33.59
C LYS B 419 -43.33 36.48 34.31
N VAL B 420 -44.09 35.53 34.86
CA VAL B 420 -43.49 34.39 35.55
C VAL B 420 -42.77 33.49 34.56
N PHE B 421 -43.34 33.29 33.38
CA PHE B 421 -42.75 32.44 32.35
C PHE B 421 -41.48 33.03 31.75
N ILE B 422 -41.41 34.35 31.63
CA ILE B 422 -40.19 35.00 31.15
C ILE B 422 -39.10 34.99 32.21
N ASP B 423 -39.47 35.18 33.47
CA ASP B 423 -38.47 35.10 34.54
C ASP B 423 -37.95 33.67 34.67
N ARG B 424 -38.85 32.69 34.56
CA ARG B 424 -38.43 31.29 34.65
C ARG B 424 -37.53 30.93 33.48
N ALA B 425 -37.81 31.48 32.30
CA ALA B 425 -36.95 31.15 31.16
C ALA B 425 -35.59 31.82 31.29
N LYS B 426 -35.55 33.02 31.88
CA LYS B 426 -34.27 33.72 32.05
C LYS B 426 -33.41 33.06 33.13
N LYS B 427 -34.05 32.36 34.06
CA LYS B 427 -33.28 31.68 35.10
C LYS B 427 -32.54 30.47 34.55
N ILE B 428 -33.12 29.77 33.57
CA ILE B 428 -32.41 28.64 32.98
C ILE B 428 -31.16 29.13 32.26
N ASP B 429 -31.19 30.36 31.76
CA ASP B 429 -30.05 30.91 31.03
C ASP B 429 -28.96 31.28 32.01
N THR B 430 -29.33 31.96 33.09
CA THR B 430 -28.28 32.42 33.98
C THR B 430 -27.70 31.24 34.76
N ILE B 431 -28.50 30.20 35.03
CA ILE B 431 -27.96 29.01 35.66
C ILE B 431 -27.02 28.27 34.70
N SER B 432 -27.38 28.21 33.40
CA SER B 432 -26.57 27.50 32.43
C SER B 432 -25.24 28.18 32.15
N ARG B 433 -25.16 29.49 32.39
CA ARG B 433 -23.92 30.24 32.18
C ARG B 433 -22.81 29.81 33.14
N ALA B 434 -23.17 29.37 34.33
CA ALA B 434 -22.21 28.85 35.30
C ALA B 434 -22.14 27.32 35.27
N CYS B 435 -23.28 26.65 35.14
CA CYS B 435 -23.30 25.19 35.22
C CYS B 435 -22.54 24.52 34.07
N PHE B 436 -22.72 24.99 32.82
CA PHE B 436 -22.04 24.32 31.71
C PHE B 436 -20.52 24.39 31.77
N PRO B 437 -19.89 25.55 32.04
CA PRO B 437 -18.43 25.53 32.23
C PRO B 437 -17.98 24.73 33.43
N LEU B 438 -18.77 24.72 34.51
CA LEU B 438 -18.34 24.01 35.72
C LEU B 438 -18.32 22.51 35.44
N ALA B 439 -19.41 21.96 34.91
CA ALA B 439 -19.44 20.53 34.64
C ALA B 439 -18.43 20.14 33.57
N PHE B 440 -18.10 21.05 32.65
CA PHE B 440 -17.03 20.73 31.70
C PHE B 440 -15.66 20.75 32.38
N LEU B 441 -15.50 21.58 33.42
CA LEU B 441 -14.25 21.60 34.17
C LEU B 441 -14.09 20.31 34.95
N ILE B 442 -15.18 19.86 35.60
CA ILE B 442 -15.11 18.62 36.35
C ILE B 442 -14.78 17.45 35.42
N PHE B 443 -15.42 17.43 34.23
CA PHE B 443 -15.11 16.36 33.28
C PHE B 443 -13.63 16.41 32.90
N ASN B 444 -13.09 17.63 32.70
CA ASN B 444 -11.70 17.76 32.28
C ASN B 444 -10.79 17.19 33.36
N ILE B 445 -11.08 17.54 34.62
CA ILE B 445 -10.25 17.12 35.74
C ILE B 445 -10.25 15.60 35.82
N PHE B 446 -11.43 15.00 35.73
CA PHE B 446 -11.54 13.55 35.84
C PHE B 446 -10.84 12.86 34.68
N TYR B 447 -11.04 13.34 33.45
CA TYR B 447 -10.45 12.69 32.29
C TYR B 447 -8.93 12.71 32.37
N TRP B 448 -8.38 13.90 32.67
CA TRP B 448 -6.93 14.04 32.67
C TRP B 448 -6.30 13.26 33.84
N VAL B 449 -6.89 13.29 35.04
CA VAL B 449 -6.30 12.48 36.10
C VAL B 449 -6.42 10.97 35.80
N ILE B 450 -7.56 10.50 35.26
CA ILE B 450 -7.70 9.05 35.04
C ILE B 450 -6.67 8.57 34.04
N TYR B 451 -6.42 9.34 32.98
CA TYR B 451 -5.54 8.82 31.94
C TYR B 451 -4.08 9.22 32.14
N LYS B 452 -3.81 10.32 32.81
CA LYS B 452 -2.41 10.69 33.05
C LYS B 452 -1.88 10.12 34.36
N ILE B 453 -2.73 9.84 35.34
CA ILE B 453 -2.25 9.35 36.63
C ILE B 453 -2.75 7.94 36.92
N LEU B 454 -4.07 7.76 37.03
CA LEU B 454 -4.62 6.44 37.45
C LEU B 454 -4.25 5.35 36.44
N ARG B 455 -4.73 5.44 35.20
CA ARG B 455 -4.46 4.40 34.17
C ARG B 455 -2.97 4.31 33.88
N HIS B 456 -2.25 5.42 33.98
CA HIS B 456 -0.77 5.41 33.80
C HIS B 456 -0.17 4.49 34.87
N GLU B 457 0.67 3.53 34.48
CA GLU B 457 1.19 2.54 35.47
C GLU B 457 2.70 2.38 35.28
N ASP B 458 3.39 1.81 36.28
CA ASP B 458 4.84 1.56 36.15
C ASP B 458 5.06 0.62 34.96
N ILE B 459 6.07 0.90 34.14
CA ILE B 459 6.31 0.08 32.91
C ILE B 459 6.69 -1.35 33.31
N HIS B 460 7.03 -1.58 34.58
CA HIS B 460 7.47 -2.92 34.95
C HIS B 460 6.43 -3.63 35.82
N MET C 41 30.01 -44.28 19.01
CA MET C 41 29.82 -44.16 17.57
C MET C 41 29.08 -42.85 17.29
N SER C 42 29.48 -42.12 16.25
CA SER C 42 28.88 -40.83 15.97
C SER C 42 27.46 -41.01 15.42
N PRO C 43 26.51 -40.14 15.82
CA PRO C 43 25.12 -40.31 15.36
C PRO C 43 24.95 -40.07 13.87
N SER C 44 25.86 -39.29 13.26
CA SER C 44 25.75 -39.03 11.84
C SER C 44 26.16 -40.23 11.01
N ASP C 45 27.13 -41.03 11.49
CA ASP C 45 27.46 -42.19 10.69
C ASP C 45 26.35 -43.23 10.84
N PHE C 46 25.68 -43.26 12.00
CA PHE C 46 24.60 -44.22 12.14
C PHE C 46 23.45 -43.83 11.24
N LEU C 47 23.24 -42.53 11.05
CA LEU C 47 22.17 -42.14 10.15
C LEU C 47 22.56 -42.43 8.72
N ASP C 48 23.86 -42.36 8.42
CA ASP C 48 24.33 -42.70 7.08
C ASP C 48 24.14 -44.18 6.78
N LYS C 49 24.29 -45.04 7.81
CA LYS C 49 24.06 -46.47 7.61
C LYS C 49 22.57 -46.80 7.54
N LEU C 50 21.76 -46.14 8.38
CA LEU C 50 20.35 -46.48 8.52
C LEU C 50 19.57 -46.10 7.27
N MET C 51 19.88 -44.96 6.66
CA MET C 51 19.22 -44.48 5.46
C MET C 51 20.20 -44.40 4.30
N GLY C 52 21.10 -45.37 4.20
CA GLY C 52 22.12 -45.40 3.19
C GLY C 52 21.78 -46.33 2.02
N ARG C 53 22.73 -46.41 1.09
CA ARG C 53 22.58 -47.27 -0.07
C ARG C 53 22.60 -48.75 0.30
N THR C 54 23.35 -49.12 1.34
CA THR C 54 23.33 -50.50 1.81
C THR C 54 22.01 -50.85 2.48
N SER C 55 21.29 -49.86 3.00
CA SER C 55 20.00 -50.10 3.63
C SER C 55 18.87 -50.19 2.62
N GLY C 56 19.04 -49.60 1.43
CA GLY C 56 18.00 -49.62 0.42
C GLY C 56 16.80 -48.76 0.72
N TYR C 57 16.93 -47.78 1.62
CA TYR C 57 15.83 -46.87 1.89
C TYR C 57 15.55 -45.99 0.67
N ASP C 58 14.26 -45.81 0.36
CA ASP C 58 13.84 -45.03 -0.78
C ASP C 58 12.86 -43.96 -0.30
N ALA C 59 13.27 -42.69 -0.37
CA ALA C 59 12.46 -41.60 0.15
C ALA C 59 11.24 -41.30 -0.71
N ARG C 60 11.10 -41.98 -1.84
CA ARG C 60 9.93 -41.84 -2.71
C ARG C 60 8.89 -42.93 -2.48
N ILE C 61 9.16 -43.89 -1.61
CA ILE C 61 8.25 -44.99 -1.32
C ILE C 61 7.73 -44.80 0.10
N ARG C 62 6.40 -44.74 0.25
CA ARG C 62 5.81 -44.52 1.55
C ARG C 62 6.07 -45.72 2.47
N PRO C 63 6.00 -45.53 3.79
CA PRO C 63 6.06 -46.69 4.69
C PRO C 63 4.86 -47.61 4.51
N ASN C 64 5.09 -48.90 4.73
CA ASN C 64 4.10 -49.95 4.50
C ASN C 64 3.54 -49.86 3.08
N PHE C 65 4.44 -50.01 2.10
CA PHE C 65 4.08 -49.76 0.71
C PHE C 65 3.06 -50.75 0.19
N LYS C 66 3.07 -51.98 0.69
CA LYS C 66 2.14 -52.98 0.19
C LYS C 66 0.76 -52.90 0.84
N GLY C 67 0.69 -52.54 2.12
CA GLY C 67 -0.51 -52.76 2.89
C GLY C 67 -1.20 -51.49 3.36
N PRO C 68 -1.44 -51.40 4.66
CA PRO C 68 -2.38 -50.40 5.20
C PRO C 68 -1.86 -48.99 5.04
N PRO C 69 -2.73 -47.98 5.09
CA PRO C 69 -2.30 -46.60 4.84
C PRO C 69 -1.48 -46.06 6.00
N VAL C 70 -0.70 -45.02 5.71
CA VAL C 70 0.06 -44.33 6.73
C VAL C 70 -0.85 -43.38 7.49
N ASN C 71 -0.86 -43.50 8.81
CA ASN C 71 -1.63 -42.62 9.67
C ASN C 71 -0.72 -41.51 10.20
N VAL C 72 -1.08 -40.27 9.93
CA VAL C 72 -0.27 -39.11 10.31
C VAL C 72 -1.05 -38.29 11.32
N THR C 73 -0.48 -38.07 12.50
CA THR C 73 -1.10 -37.28 13.55
C THR C 73 -0.54 -35.86 13.49
N CYS C 74 -1.43 -34.88 13.54
CA CYS C 74 -1.04 -33.49 13.33
C CYS C 74 -1.35 -32.64 14.55
N ASN C 75 -0.40 -31.79 14.93
CA ASN C 75 -0.64 -30.70 15.85
C ASN C 75 -0.35 -29.36 15.15
N ILE C 76 -1.00 -28.31 15.64
CA ILE C 76 -0.74 -26.95 15.20
C ILE C 76 -0.65 -26.04 16.43
N PHE C 77 0.41 -25.24 16.51
CA PHE C 77 0.55 -24.19 17.51
C PHE C 77 0.60 -22.85 16.79
N ILE C 78 -0.31 -21.95 17.14
CA ILE C 78 -0.44 -20.67 16.44
C ILE C 78 0.33 -19.63 17.24
N ASN C 79 1.41 -19.12 16.64
CA ASN C 79 2.24 -18.10 17.26
C ASN C 79 1.64 -16.72 17.09
N SER C 80 1.11 -16.42 15.90
CA SER C 80 0.47 -15.13 15.65
C SER C 80 -0.63 -15.31 14.62
N PHE C 81 -1.51 -14.31 14.57
CA PHE C 81 -2.82 -14.43 13.93
C PHE C 81 -3.30 -13.01 13.68
N GLY C 82 -3.40 -12.62 12.42
CA GLY C 82 -3.86 -11.28 12.11
C GLY C 82 -3.87 -11.01 10.62
N SER C 83 -3.84 -9.71 10.29
CA SER C 83 -3.89 -9.23 8.91
C SER C 83 -5.14 -9.74 8.19
N ILE C 84 -6.27 -9.62 8.87
CA ILE C 84 -7.55 -10.07 8.34
C ILE C 84 -8.08 -8.99 7.42
N ALA C 85 -8.08 -9.26 6.11
CA ALA C 85 -8.37 -8.26 5.09
C ALA C 85 -9.60 -8.68 4.31
N GLU C 86 -10.54 -7.74 4.14
CA GLU C 86 -11.73 -7.98 3.34
C GLU C 86 -11.51 -7.69 1.86
N THR C 87 -10.53 -6.87 1.51
CA THR C 87 -10.28 -6.58 0.10
C THR C 87 -9.70 -7.78 -0.63
N THR C 88 -8.93 -8.62 0.06
CA THR C 88 -8.39 -9.83 -0.52
C THR C 88 -9.03 -11.10 0.02
N MET C 89 -9.92 -10.98 1.02
CA MET C 89 -10.64 -12.11 1.61
C MET C 89 -9.67 -13.18 2.14
N ASP C 90 -8.79 -12.77 3.05
CA ASP C 90 -7.76 -13.68 3.55
C ASP C 90 -7.26 -13.17 4.90
N TYR C 91 -6.47 -14.01 5.55
CA TYR C 91 -5.85 -13.68 6.82
C TYR C 91 -4.49 -14.36 6.87
N ARG C 92 -3.68 -13.96 7.86
CA ARG C 92 -2.29 -14.40 7.92
C ARG C 92 -2.03 -15.04 9.28
N VAL C 93 -1.32 -16.16 9.26
CA VAL C 93 -0.94 -16.87 10.48
C VAL C 93 0.53 -17.24 10.40
N ASN C 94 1.15 -17.39 11.58
CA ASN C 94 2.48 -17.96 11.71
C ASN C 94 2.36 -19.14 12.67
N ILE C 95 2.67 -20.35 12.20
CA ILE C 95 2.35 -21.53 12.97
C ILE C 95 3.56 -22.45 13.09
N PHE C 96 3.48 -23.31 14.10
CA PHE C 96 4.26 -24.54 14.17
C PHE C 96 3.34 -25.67 13.73
N LEU C 97 3.83 -26.51 12.82
CA LEU C 97 3.11 -27.67 12.33
C LEU C 97 3.92 -28.90 12.71
N ARG C 98 3.33 -29.78 13.52
CA ARG C 98 3.98 -31.02 13.92
C ARG C 98 3.23 -32.19 13.32
N GLN C 99 3.97 -33.10 12.69
CA GLN C 99 3.42 -34.33 12.15
C GLN C 99 4.15 -35.52 12.77
N LYS C 100 3.40 -36.57 13.09
CA LYS C 100 3.99 -37.78 13.63
C LYS C 100 3.45 -38.95 12.84
N TRP C 101 4.34 -39.84 12.44
CA TRP C 101 3.94 -41.09 11.79
C TRP C 101 4.92 -42.19 12.17
N ASN C 102 4.74 -43.36 11.59
CA ASN C 102 5.61 -44.49 11.86
C ASN C 102 6.21 -44.98 10.54
N ASP C 103 7.53 -45.18 10.54
CA ASP C 103 8.24 -45.73 9.39
C ASP C 103 9.00 -46.97 9.87
N PRO C 104 8.50 -48.18 9.61
CA PRO C 104 9.17 -49.37 10.15
C PRO C 104 10.50 -49.68 9.47
N ARG C 105 10.84 -48.99 8.37
CA ARG C 105 12.19 -49.09 7.82
C ARG C 105 13.21 -48.32 8.64
N LEU C 106 12.78 -47.45 9.55
CA LEU C 106 13.68 -46.61 10.32
C LEU C 106 13.85 -47.09 11.76
N ALA C 107 13.38 -48.29 12.08
CA ALA C 107 13.54 -48.82 13.43
C ALA C 107 14.98 -49.27 13.66
N TYR C 108 15.56 -48.87 14.78
CA TYR C 108 16.92 -49.23 15.13
C TYR C 108 16.96 -49.71 16.57
N SER C 109 17.85 -50.66 16.83
CA SER C 109 18.10 -51.20 18.16
C SER C 109 19.55 -51.11 18.62
N GLU C 110 20.50 -51.09 17.68
CA GLU C 110 21.92 -51.14 18.02
C GLU C 110 22.35 -49.91 18.81
N TYR C 111 21.89 -48.74 18.33
CA TYR C 111 22.34 -47.45 18.91
C TYR C 111 21.88 -47.28 20.38
N PRO C 112 22.74 -46.76 21.30
CA PRO C 112 22.36 -46.63 22.71
C PRO C 112 21.28 -45.59 22.93
N ASP C 113 21.26 -44.52 22.14
CA ASP C 113 20.37 -43.40 22.41
C ASP C 113 18.96 -43.72 21.95
N ASP C 114 17.99 -43.08 22.60
CA ASP C 114 16.59 -43.38 22.30
C ASP C 114 16.10 -42.64 21.06
N SER C 115 16.71 -41.51 20.70
CA SER C 115 16.26 -40.73 19.57
C SER C 115 17.46 -40.34 18.71
N LEU C 116 17.18 -40.10 17.43
CA LEU C 116 18.16 -39.54 16.50
C LEU C 116 17.57 -38.30 15.85
N ASP C 117 18.45 -37.37 15.47
CA ASP C 117 18.04 -36.11 14.85
C ASP C 117 18.65 -36.00 13.46
N LEU C 118 17.81 -35.70 12.47
CA LEU C 118 18.25 -35.52 11.10
C LEU C 118 18.55 -34.06 10.84
N ASP C 119 19.61 -33.82 10.05
CA ASP C 119 20.01 -32.45 9.76
C ASP C 119 18.98 -31.82 8.82
N PRO C 120 18.58 -30.58 9.06
CA PRO C 120 17.59 -29.94 8.18
C PRO C 120 18.07 -29.72 6.75
N SER C 121 19.36 -29.93 6.46
CA SER C 121 19.83 -29.86 5.08
C SER C 121 19.62 -31.17 4.32
N MET C 122 19.47 -32.29 5.02
CA MET C 122 19.31 -33.60 4.39
C MET C 122 17.89 -34.15 4.59
N LEU C 123 16.89 -33.26 4.68
CA LEU C 123 15.53 -33.74 4.85
C LEU C 123 15.00 -34.46 3.61
N ASP C 124 15.65 -34.30 2.46
CA ASP C 124 15.21 -35.00 1.26
C ASP C 124 15.64 -36.45 1.22
N SER C 125 16.30 -36.94 2.27
CA SER C 125 16.72 -38.33 2.36
C SER C 125 15.69 -39.21 3.04
N ILE C 126 14.56 -38.65 3.48
CA ILE C 126 13.56 -39.38 4.23
C ILE C 126 12.19 -39.13 3.60
N TRP C 127 11.32 -40.13 3.67
CA TRP C 127 9.96 -39.97 3.19
C TRP C 127 9.19 -39.05 4.13
N LYS C 128 8.42 -38.13 3.55
CA LYS C 128 7.57 -37.26 4.34
C LYS C 128 6.22 -37.16 3.66
N PRO C 129 5.15 -36.95 4.42
CA PRO C 129 3.83 -36.77 3.81
C PRO C 129 3.79 -35.51 2.96
N ASP C 130 2.98 -35.56 1.90
CA ASP C 130 2.87 -34.44 0.97
C ASP C 130 1.68 -33.56 1.35
N LEU C 131 1.72 -33.10 2.59
CA LEU C 131 0.69 -32.21 3.10
C LEU C 131 0.71 -30.87 2.37
N PHE C 132 -0.46 -30.29 2.22
CA PHE C 132 -0.56 -28.92 1.72
C PHE C 132 -1.84 -28.30 2.26
N PHE C 133 -1.88 -26.97 2.25
CA PHE C 133 -2.99 -26.21 2.81
C PHE C 133 -3.92 -25.84 1.67
N ALA C 134 -5.15 -26.37 1.69
CA ALA C 134 -6.01 -26.34 0.53
C ALA C 134 -6.55 -24.95 0.21
N ASN C 135 -6.60 -24.05 1.20
CA ASN C 135 -7.07 -22.69 0.99
C ASN C 135 -5.94 -21.66 1.12
N GLU C 136 -4.72 -22.09 0.85
CA GLU C 136 -3.55 -21.22 0.99
C GLU C 136 -3.32 -20.43 -0.30
N LYS C 137 -3.20 -19.11 -0.18
CA LYS C 137 -2.87 -18.26 -1.31
C LYS C 137 -1.37 -17.93 -1.37
N GLY C 138 -0.67 -18.01 -0.24
CA GLY C 138 0.75 -17.76 -0.20
C GLY C 138 1.37 -18.24 1.10
N ALA C 139 2.59 -18.76 1.05
CA ALA C 139 3.20 -19.36 2.23
C ALA C 139 4.70 -19.42 2.03
N ASN C 140 5.43 -19.48 3.15
CA ASN C 140 6.88 -19.53 3.11
C ASN C 140 7.42 -20.16 4.38
N PHE C 141 8.57 -20.83 4.25
CA PHE C 141 9.33 -21.33 5.38
C PHE C 141 10.09 -20.18 6.06
N HIS C 142 10.85 -20.52 7.09
CA HIS C 142 11.66 -19.56 7.83
C HIS C 142 13.08 -20.09 7.88
N GLU C 143 14.05 -19.21 7.65
CA GLU C 143 15.43 -19.67 7.52
C GLU C 143 16.48 -18.81 8.22
N VAL C 144 16.10 -17.78 8.98
CA VAL C 144 17.09 -16.86 9.51
C VAL C 144 17.78 -17.48 10.72
N THR C 145 19.10 -17.34 10.78
CA THR C 145 20.00 -18.24 11.54
C THR C 145 19.69 -19.62 10.93
N THR C 146 19.54 -20.69 11.71
CA THR C 146 19.55 -21.99 11.06
C THR C 146 18.17 -22.25 10.45
N ASP C 147 17.99 -23.35 9.72
CA ASP C 147 16.65 -23.73 9.18
C ASP C 147 15.69 -24.02 10.32
N ASN C 148 14.49 -23.47 10.28
CA ASN C 148 13.50 -23.60 11.35
C ASN C 148 12.74 -24.92 11.25
N LYS C 149 13.47 -26.03 11.17
CA LYS C 149 12.90 -27.35 10.96
C LYS C 149 13.50 -28.35 11.92
N LEU C 150 12.79 -29.45 12.16
CA LEU C 150 13.21 -30.41 13.16
C LEU C 150 12.62 -31.76 12.80
N LEU C 151 13.41 -32.81 12.98
CA LEU C 151 12.97 -34.17 12.70
C LEU C 151 13.67 -35.14 13.64
N ARG C 152 12.88 -35.95 14.34
CA ARG C 152 13.41 -36.92 15.29
C ARG C 152 12.88 -38.30 14.94
N ILE C 153 13.76 -39.29 15.01
CA ILE C 153 13.43 -40.69 14.73
C ILE C 153 13.66 -41.49 16.00
N PHE C 154 12.63 -42.16 16.48
CA PHE C 154 12.72 -42.90 17.73
C PHE C 154 13.06 -44.37 17.42
N LYS C 155 13.31 -45.14 18.48
CA LYS C 155 13.77 -46.52 18.29
C LYS C 155 12.71 -47.37 17.60
N ASN C 156 11.44 -47.20 17.98
CA ASN C 156 10.36 -47.98 17.37
C ASN C 156 10.20 -47.67 15.89
N GLY C 157 10.76 -46.55 15.43
CA GLY C 157 10.63 -46.06 14.08
C GLY C 157 9.67 -44.90 13.93
N ASN C 158 9.09 -44.42 15.03
CA ASN C 158 8.20 -43.27 14.96
C ASN C 158 8.99 -42.03 14.56
N VAL C 159 8.40 -41.21 13.70
CA VAL C 159 9.01 -39.99 13.20
C VAL C 159 8.17 -38.83 13.71
N LEU C 160 8.86 -37.81 14.24
CA LEU C 160 8.28 -36.54 14.62
C LEU C 160 8.93 -35.45 13.77
N TYR C 161 8.10 -34.65 13.11
CA TYR C 161 8.56 -33.68 12.12
C TYR C 161 7.87 -32.36 12.40
N SER C 162 8.63 -31.40 12.92
CA SER C 162 8.08 -30.12 13.34
C SER C 162 8.72 -29.01 12.53
N ILE C 163 7.88 -28.18 11.91
CA ILE C 163 8.34 -27.07 11.10
C ILE C 163 7.59 -25.81 11.49
N ARG C 164 8.18 -24.67 11.15
CA ARG C 164 7.59 -23.37 11.45
C ARG C 164 7.42 -22.60 10.15
N LEU C 165 6.26 -22.01 9.96
CA LEU C 165 5.95 -21.49 8.63
C LEU C 165 4.84 -20.45 8.71
N THR C 166 4.83 -19.54 7.73
CA THR C 166 3.86 -18.47 7.65
C THR C 166 2.89 -18.79 6.51
N LEU C 167 1.60 -18.52 6.75
CA LEU C 167 0.56 -18.79 5.78
C LEU C 167 -0.29 -17.55 5.57
N THR C 168 -0.74 -17.38 4.33
CA THR C 168 -1.83 -16.49 3.98
C THR C 168 -2.96 -17.40 3.50
N LEU C 169 -4.03 -17.48 4.28
CA LEU C 169 -5.13 -18.41 4.00
C LEU C 169 -6.37 -17.62 3.62
N SER C 170 -7.09 -18.14 2.64
CA SER C 170 -8.31 -17.51 2.16
C SER C 170 -9.44 -17.81 3.13
N CYS C 171 -10.24 -16.80 3.42
CA CYS C 171 -11.53 -16.99 4.05
C CYS C 171 -12.59 -16.08 3.41
N PRO C 172 -13.61 -16.66 2.79
CA PRO C 172 -14.76 -15.86 2.35
C PRO C 172 -15.48 -15.22 3.53
N MET C 173 -15.70 -13.91 3.42
CA MET C 173 -16.43 -13.12 4.39
C MET C 173 -17.72 -12.62 3.77
N ASP C 174 -18.74 -12.48 4.62
CA ASP C 174 -20.06 -12.06 4.18
C ASP C 174 -20.17 -10.54 4.27
N LEU C 175 -20.03 -9.99 5.47
CA LEU C 175 -20.00 -8.57 5.81
C LEU C 175 -21.36 -7.90 5.71
N LYS C 176 -22.41 -8.61 5.29
CA LYS C 176 -23.75 -8.19 5.68
C LYS C 176 -23.84 -8.33 7.20
N ASN C 177 -24.71 -7.52 7.82
CA ASN C 177 -24.76 -7.45 9.29
C ASN C 177 -23.45 -6.91 9.86
N PHE C 178 -22.86 -5.91 9.18
CA PHE C 178 -21.42 -5.66 9.30
C PHE C 178 -20.97 -5.27 10.70
N PRO C 179 -21.55 -4.30 11.41
CA PRO C 179 -20.97 -3.97 12.72
C PRO C 179 -21.04 -5.17 13.65
N MET C 180 -22.09 -5.97 13.50
CA MET C 180 -22.42 -7.07 14.39
C MET C 180 -22.21 -8.41 13.67
N ASP C 181 -21.18 -8.50 12.82
CA ASP C 181 -20.94 -9.75 12.11
C ASP C 181 -20.05 -10.68 12.90
N VAL C 182 -20.12 -11.96 12.53
CA VAL C 182 -19.29 -13.02 13.09
C VAL C 182 -18.77 -13.85 11.92
N GLN C 183 -17.46 -14.04 11.86
CA GLN C 183 -16.83 -14.76 10.77
C GLN C 183 -16.21 -16.06 11.27
N THR C 184 -16.04 -17.00 10.34
CA THR C 184 -15.45 -18.30 10.64
C THR C 184 -14.33 -18.55 9.65
N CYS C 185 -13.09 -18.52 10.12
CA CYS C 185 -11.93 -18.78 9.29
C CYS C 185 -11.53 -20.24 9.44
N ILE C 186 -11.23 -20.90 8.32
CA ILE C 186 -10.88 -22.31 8.39
C ILE C 186 -9.44 -22.51 7.95
N MET C 187 -8.94 -23.72 8.19
CA MET C 187 -7.61 -24.15 7.79
C MET C 187 -7.69 -25.63 7.46
N GLN C 188 -7.39 -25.98 6.22
CA GLN C 188 -7.55 -27.34 5.73
C GLN C 188 -6.19 -27.95 5.41
N LEU C 189 -5.99 -29.18 5.87
CA LEU C 189 -4.74 -29.91 5.73
C LEU C 189 -5.04 -31.13 4.85
N GLU C 190 -4.64 -31.07 3.57
CA GLU C 190 -4.97 -32.08 2.59
C GLU C 190 -3.69 -32.77 2.12
N SER C 191 -3.84 -33.98 1.59
CA SER C 191 -2.76 -34.61 0.85
C SER C 191 -2.85 -34.23 -0.63
N PHE C 192 -1.69 -34.16 -1.29
CA PHE C 192 -1.69 -33.66 -2.67
C PHE C 192 -1.88 -34.78 -3.69
N GLY C 193 -1.23 -35.93 -3.50
CA GLY C 193 -1.29 -36.98 -4.48
C GLY C 193 -1.39 -38.39 -3.91
N TYR C 194 -1.93 -38.52 -2.71
CA TYR C 194 -2.13 -39.82 -2.08
C TYR C 194 -3.61 -39.99 -1.75
N THR C 195 -4.16 -41.15 -2.07
CA THR C 195 -5.56 -41.41 -1.74
C THR C 195 -5.68 -41.99 -0.34
N MET C 196 -6.91 -42.07 0.15
CA MET C 196 -7.15 -42.45 1.54
C MET C 196 -6.82 -43.92 1.83
N ASN C 197 -6.51 -44.73 0.82
CA ASN C 197 -5.97 -46.06 1.06
C ASN C 197 -4.44 -46.07 1.12
N ASP C 198 -3.81 -44.89 1.08
CA ASP C 198 -2.38 -44.76 1.21
C ASP C 198 -1.96 -43.81 2.32
N LEU C 199 -2.74 -42.77 2.60
CA LEU C 199 -2.34 -41.72 3.53
C LEU C 199 -3.59 -41.18 4.20
N ILE C 200 -3.57 -41.12 5.53
CA ILE C 200 -4.69 -40.62 6.33
C ILE C 200 -4.15 -39.61 7.33
N PHE C 201 -4.79 -38.45 7.43
CA PHE C 201 -4.43 -37.46 8.43
C PHE C 201 -5.40 -37.56 9.60
N GLU C 202 -4.88 -37.38 10.81
CA GLU C 202 -5.71 -37.36 12.00
C GLU C 202 -5.29 -36.22 12.92
N TRP C 203 -6.26 -35.62 13.60
CA TRP C 203 -5.97 -34.62 14.61
C TRP C 203 -5.53 -35.34 15.88
N GLN C 204 -4.54 -34.77 16.57
CA GLN C 204 -4.11 -35.35 17.84
C GLN C 204 -5.24 -35.32 18.85
N ASP C 205 -5.36 -36.39 19.65
CA ASP C 205 -6.50 -36.50 20.56
C ASP C 205 -6.45 -35.46 21.67
N GLU C 206 -5.27 -35.24 22.27
CA GLU C 206 -5.19 -34.41 23.46
C GLU C 206 -5.38 -32.92 23.15
N ALA C 207 -4.51 -32.34 22.32
CA ALA C 207 -4.54 -30.91 22.03
C ALA C 207 -3.96 -30.67 20.64
N PRO C 208 -4.80 -30.70 19.61
CA PRO C 208 -4.29 -30.55 18.24
C PRO C 208 -3.99 -29.13 17.82
N VAL C 209 -4.82 -28.17 18.21
CA VAL C 209 -4.62 -26.76 17.93
C VAL C 209 -4.56 -25.95 19.22
N GLN C 210 -3.44 -25.24 19.40
CA GLN C 210 -3.23 -24.36 20.54
C GLN C 210 -2.89 -22.98 20.02
N VAL C 211 -3.27 -21.95 20.79
CA VAL C 211 -2.98 -20.57 20.45
C VAL C 211 -2.13 -19.97 21.57
N ALA C 212 -1.08 -19.26 21.19
CA ALA C 212 -0.24 -18.58 22.17
C ALA C 212 -1.04 -17.51 22.91
N GLU C 213 -0.64 -17.24 24.14
CA GLU C 213 -1.33 -16.26 24.96
C GLU C 213 -0.91 -14.85 24.58
N GLY C 214 -1.78 -13.89 24.89
CA GLY C 214 -1.48 -12.49 24.71
C GLY C 214 -1.76 -11.93 23.34
N LEU C 215 -2.21 -12.75 22.39
CA LEU C 215 -2.50 -12.27 21.05
C LEU C 215 -3.70 -11.31 21.08
N THR C 216 -3.64 -10.29 20.24
CA THR C 216 -4.71 -9.30 20.12
C THR C 216 -4.95 -9.01 18.64
N LEU C 217 -6.13 -8.45 18.37
CA LEU C 217 -6.51 -8.13 17.01
C LEU C 217 -7.14 -6.75 16.98
N PRO C 218 -6.84 -5.93 15.97
CA PRO C 218 -7.39 -4.58 15.92
C PRO C 218 -8.90 -4.55 15.74
N GLN C 219 -9.48 -5.56 15.09
CA GLN C 219 -10.89 -5.53 14.76
C GLN C 219 -11.70 -6.65 15.41
N PHE C 220 -11.13 -7.84 15.56
CA PHE C 220 -11.92 -9.00 15.94
C PHE C 220 -11.52 -9.50 17.33
N LEU C 221 -12.27 -10.50 17.78
CA LEU C 221 -11.98 -11.24 18.99
C LEU C 221 -12.02 -12.73 18.64
N LEU C 222 -10.86 -13.39 18.73
CA LEU C 222 -10.73 -14.81 18.42
C LEU C 222 -11.30 -15.61 19.58
N LYS C 223 -12.41 -16.32 19.34
CA LYS C 223 -13.04 -17.08 20.40
C LYS C 223 -12.18 -18.27 20.82
N GLU C 224 -12.44 -18.77 22.02
CA GLU C 224 -11.65 -19.86 22.57
C GLU C 224 -12.07 -21.20 22.01
N GLU C 225 -13.27 -21.30 21.46
CA GLU C 225 -13.84 -22.57 21.04
C GLU C 225 -13.53 -22.77 19.56
N LYS C 226 -13.01 -23.94 19.23
CA LYS C 226 -12.51 -24.25 17.90
C LYS C 226 -13.06 -25.57 17.42
N ASP C 227 -13.33 -25.67 16.13
CA ASP C 227 -13.98 -26.85 15.58
C ASP C 227 -12.93 -27.70 14.87
N LEU C 228 -12.93 -29.00 15.16
CA LEU C 228 -12.09 -29.94 14.44
C LEU C 228 -12.97 -30.81 13.57
N ARG C 229 -12.72 -30.79 12.26
CA ARG C 229 -13.65 -31.37 11.31
C ARG C 229 -12.92 -32.34 10.39
N TYR C 230 -13.73 -33.01 9.57
CA TYR C 230 -13.28 -33.93 8.54
C TYR C 230 -13.93 -33.49 7.25
N CYS C 231 -13.11 -33.05 6.30
CA CYS C 231 -13.65 -32.62 5.00
C CYS C 231 -13.02 -33.44 3.90
N THR C 232 -13.22 -34.76 3.94
CA THR C 232 -12.65 -35.66 2.96
C THR C 232 -13.11 -35.29 1.56
N LYS C 233 -12.14 -35.15 0.65
CA LYS C 233 -12.44 -34.81 -0.73
C LYS C 233 -12.78 -36.06 -1.51
N HIS C 234 -13.89 -36.02 -2.23
CA HIS C 234 -14.28 -37.08 -3.15
C HIS C 234 -14.10 -36.54 -4.56
N TYR C 235 -13.13 -37.09 -5.29
CA TYR C 235 -12.86 -36.73 -6.66
C TYR C 235 -13.03 -37.95 -7.56
N ASN C 236 -12.64 -37.79 -8.83
CA ASN C 236 -12.67 -38.91 -9.77
C ASN C 236 -11.54 -39.89 -9.49
N THR C 237 -10.39 -39.38 -9.03
CA THR C 237 -9.26 -40.25 -8.70
C THR C 237 -9.52 -41.08 -7.45
N GLY C 238 -10.30 -40.56 -6.52
CA GLY C 238 -10.63 -41.30 -5.32
C GLY C 238 -10.79 -40.37 -4.13
N LYS C 239 -10.73 -40.96 -2.94
CA LYS C 239 -10.89 -40.23 -1.69
C LYS C 239 -9.53 -39.73 -1.24
N PHE C 240 -9.47 -38.44 -0.88
CA PHE C 240 -8.24 -37.81 -0.44
C PHE C 240 -8.44 -37.26 0.97
N THR C 241 -7.51 -37.60 1.86
CA THR C 241 -7.64 -37.21 3.26
C THR C 241 -7.52 -35.69 3.40
N CYS C 242 -8.33 -35.13 4.29
CA CYS C 242 -8.34 -33.70 4.53
C CYS C 242 -8.95 -33.47 5.89
N ILE C 243 -8.20 -32.84 6.78
CA ILE C 243 -8.71 -32.49 8.11
C ILE C 243 -8.77 -30.96 8.20
N GLU C 244 -9.62 -30.46 9.11
CA GLU C 244 -9.89 -29.04 9.03
C GLU C 244 -10.10 -28.49 10.43
N VAL C 245 -9.70 -27.23 10.63
CA VAL C 245 -10.00 -26.51 11.87
C VAL C 245 -10.72 -25.22 11.56
N ARG C 246 -11.73 -24.90 12.37
CA ARG C 246 -12.47 -23.66 12.23
C ARG C 246 -12.22 -22.80 13.46
N PHE C 247 -11.96 -21.52 13.23
CA PHE C 247 -11.80 -20.50 14.25
C PHE C 247 -12.95 -19.51 14.13
N HIS C 248 -13.47 -19.06 15.26
CA HIS C 248 -14.60 -18.16 15.29
C HIS C 248 -14.15 -16.76 15.70
N LEU C 249 -14.63 -15.74 15.00
CA LEU C 249 -14.15 -14.38 15.18
C LEU C 249 -15.34 -13.46 15.31
N GLU C 250 -15.41 -12.69 16.39
CA GLU C 250 -16.51 -11.78 16.62
C GLU C 250 -16.00 -10.34 16.59
N ARG C 251 -16.64 -9.48 15.79
CA ARG C 251 -16.19 -8.10 15.71
C ARG C 251 -16.56 -7.34 16.96
N GLN C 252 -15.67 -6.45 17.41
CA GLN C 252 -15.99 -5.58 18.52
C GLN C 252 -16.83 -4.40 18.03
N MET C 253 -17.66 -3.86 18.92
CA MET C 253 -18.65 -2.87 18.52
C MET C 253 -18.48 -1.49 19.15
N GLY C 254 -17.53 -1.30 20.07
CA GLY C 254 -17.50 -0.08 20.85
C GLY C 254 -17.23 1.16 20.01
N TYR C 255 -16.33 1.05 19.03
CA TYR C 255 -16.01 2.21 18.19
C TYR C 255 -17.19 2.57 17.31
N TYR C 256 -17.82 1.58 16.69
CA TYR C 256 -18.94 1.84 15.78
C TYR C 256 -20.11 2.46 16.53
N LEU C 257 -20.35 1.99 17.75
CA LEU C 257 -21.41 2.57 18.59
C LEU C 257 -21.08 4.01 18.99
N ILE C 258 -19.87 4.25 19.49
CA ILE C 258 -19.56 5.57 20.05
C ILE C 258 -19.31 6.62 18.97
N GLN C 259 -18.91 6.22 17.76
CA GLN C 259 -18.55 7.16 16.70
C GLN C 259 -19.55 7.26 15.56
N MET C 260 -20.37 6.24 15.33
CA MET C 260 -21.31 6.23 14.22
C MET C 260 -22.77 6.17 14.65
N TYR C 261 -23.13 5.26 15.57
CA TYR C 261 -24.53 5.07 15.91
C TYR C 261 -25.06 6.17 16.82
N ILE C 262 -24.34 6.48 17.90
CA ILE C 262 -24.78 7.50 18.84
C ILE C 262 -24.76 8.89 18.22
N PRO C 263 -23.70 9.32 17.50
CA PRO C 263 -23.80 10.65 16.85
C PRO C 263 -24.95 10.76 15.84
N SER C 264 -25.21 9.70 15.06
CA SER C 264 -26.37 9.71 14.17
C SER C 264 -27.66 9.83 14.97
N LEU C 265 -27.71 9.18 16.13
CA LEU C 265 -28.94 9.23 16.91
C LEU C 265 -29.14 10.62 17.50
N LEU C 266 -28.04 11.29 17.87
CA LEU C 266 -28.19 12.63 18.41
C LEU C 266 -28.60 13.59 17.31
N ILE C 267 -28.13 13.37 16.08
CA ILE C 267 -28.54 14.24 14.98
C ILE C 267 -30.03 14.06 14.70
N VAL C 268 -30.50 12.81 14.80
CA VAL C 268 -31.93 12.56 14.61
C VAL C 268 -32.74 13.24 15.71
N ILE C 269 -32.24 13.20 16.95
CA ILE C 269 -32.98 13.85 18.03
C ILE C 269 -32.99 15.36 17.80
N LEU C 270 -31.88 15.90 17.30
CA LEU C 270 -31.79 17.34 17.05
C LEU C 270 -32.76 17.77 15.96
N SER C 271 -33.06 16.87 15.02
CA SER C 271 -34.05 17.18 13.99
C SER C 271 -35.46 17.27 14.54
N TRP C 272 -35.73 16.63 15.69
CA TRP C 272 -37.04 16.70 16.32
C TRP C 272 -37.28 18.00 17.06
N VAL C 273 -36.23 18.76 17.35
CA VAL C 273 -36.39 20.02 18.07
C VAL C 273 -37.04 21.10 17.23
N SER C 274 -37.16 20.89 15.91
CA SER C 274 -37.94 21.80 15.09
C SER C 274 -39.41 21.84 15.51
N PHE C 275 -39.93 20.73 16.05
CA PHE C 275 -41.35 20.67 16.39
C PHE C 275 -41.73 21.49 17.62
N TRP C 276 -40.76 21.86 18.46
CA TRP C 276 -41.02 22.70 19.61
C TRP C 276 -40.72 24.17 19.38
N ILE C 277 -40.32 24.53 18.17
CA ILE C 277 -40.03 25.91 17.81
C ILE C 277 -41.28 26.56 17.23
N ASN C 278 -41.43 27.87 17.49
CA ASN C 278 -42.61 28.63 17.08
C ASN C 278 -42.85 28.46 15.59
N MET C 279 -44.14 28.36 15.22
CA MET C 279 -44.49 28.08 13.84
C MET C 279 -44.07 29.19 12.89
N ASP C 280 -44.03 30.44 13.36
CA ASP C 280 -43.76 31.57 12.48
C ASP C 280 -42.27 31.85 12.33
N ALA C 281 -41.41 31.00 12.87
CA ALA C 281 -39.96 31.20 12.81
C ALA C 281 -39.37 30.43 11.63
N ALA C 282 -39.74 30.89 10.43
CA ALA C 282 -39.32 30.20 9.21
C ALA C 282 -37.81 30.14 9.01
N PRO C 283 -37.03 31.24 9.17
CA PRO C 283 -35.58 31.11 9.02
C PRO C 283 -34.92 30.19 10.04
N ALA C 284 -35.47 30.11 11.25
CA ALA C 284 -34.94 29.23 12.27
C ALA C 284 -35.26 27.77 11.96
N ARG C 285 -36.50 27.46 11.63
CA ARG C 285 -36.85 26.06 11.47
C ARG C 285 -36.32 25.52 10.15
N VAL C 286 -36.33 26.34 9.10
CA VAL C 286 -35.80 25.90 7.82
C VAL C 286 -34.29 25.71 7.92
N ALA C 287 -33.58 26.66 8.55
CA ALA C 287 -32.13 26.54 8.64
C ALA C 287 -31.73 25.38 9.53
N LEU C 288 -32.45 25.16 10.64
CA LEU C 288 -32.18 23.98 11.47
C LEU C 288 -32.43 22.69 10.70
N GLY C 289 -33.48 22.64 9.89
CA GLY C 289 -33.78 21.42 9.14
C GLY C 289 -32.71 21.11 8.11
N ILE C 290 -32.29 22.13 7.36
CA ILE C 290 -31.35 21.83 6.30
C ILE C 290 -29.95 21.65 6.88
N THR C 291 -29.62 22.34 7.98
CA THR C 291 -28.30 22.12 8.55
C THR C 291 -28.24 20.75 9.21
N THR C 292 -29.38 20.25 9.72
CA THR C 292 -29.41 18.89 10.24
C THR C 292 -29.19 17.88 9.13
N VAL C 293 -29.76 18.14 7.96
CA VAL C 293 -29.52 17.27 6.80
C VAL C 293 -28.06 17.32 6.36
N LEU C 294 -27.46 18.51 6.38
CA LEU C 294 -26.04 18.64 6.03
C LEU C 294 -25.13 17.95 7.05
N THR C 295 -25.46 18.08 8.34
CA THR C 295 -24.70 17.39 9.37
C THR C 295 -24.81 15.89 9.22
N MET C 296 -26.01 15.40 8.92
CA MET C 296 -26.22 13.99 8.64
C MET C 296 -25.36 13.53 7.46
N THR C 297 -25.24 14.42 6.45
CA THR C 297 -24.48 14.08 5.25
C THR C 297 -22.99 14.02 5.53
N THR C 298 -22.46 15.01 6.27
CA THR C 298 -21.04 15.01 6.60
C THR C 298 -20.70 13.84 7.52
N GLN C 299 -21.62 13.47 8.42
CA GLN C 299 -21.38 12.31 9.28
C GLN C 299 -21.25 11.02 8.47
N SER C 300 -22.13 10.84 7.48
CA SER C 300 -22.04 9.63 6.66
C SER C 300 -20.83 9.69 5.73
N SER C 301 -20.53 10.86 5.15
CA SER C 301 -19.43 10.92 4.21
C SER C 301 -18.11 10.70 4.94
N GLY C 302 -17.98 11.25 6.15
CA GLY C 302 -16.76 11.01 6.89
C GLY C 302 -16.67 9.56 7.35
N SER C 303 -17.83 8.93 7.62
CA SER C 303 -17.79 7.54 8.05
C SER C 303 -17.39 6.61 6.89
N ARG C 304 -17.57 7.06 5.66
CA ARG C 304 -17.43 6.16 4.50
C ARG C 304 -16.00 5.66 4.31
N ALA C 305 -15.00 6.45 4.73
CA ALA C 305 -13.61 6.05 4.53
C ALA C 305 -13.15 4.94 5.46
N SER C 306 -13.77 4.78 6.61
CA SER C 306 -13.34 3.77 7.57
C SER C 306 -13.97 2.40 7.33
N LEU C 307 -15.15 2.37 6.70
CA LEU C 307 -15.89 1.14 6.52
C LEU C 307 -15.28 0.27 5.43
N PRO C 308 -15.53 -1.03 5.46
CA PRO C 308 -15.07 -1.92 4.38
C PRO C 308 -15.71 -1.55 3.04
N LYS C 309 -14.93 -1.69 1.98
CA LYS C 309 -15.36 -1.33 0.64
C LYS C 309 -15.97 -2.56 -0.04
N VAL C 310 -17.30 -2.64 -0.02
CA VAL C 310 -18.05 -3.71 -0.65
C VAL C 310 -19.18 -3.07 -1.44
N SER C 311 -19.77 -3.86 -2.34
CA SER C 311 -20.79 -3.33 -3.24
C SER C 311 -22.21 -3.58 -2.77
N TYR C 312 -22.42 -4.43 -1.76
CA TYR C 312 -23.75 -4.72 -1.27
C TYR C 312 -24.05 -3.94 0.01
N VAL C 313 -25.33 -3.97 0.41
CA VAL C 313 -25.80 -3.22 1.57
C VAL C 313 -25.42 -3.94 2.87
N LYS C 314 -24.95 -3.16 3.85
CA LYS C 314 -24.58 -3.66 5.16
C LYS C 314 -25.54 -3.05 6.19
N ALA C 315 -25.55 -3.62 7.40
CA ALA C 315 -26.49 -3.15 8.41
C ALA C 315 -26.28 -1.68 8.74
N ILE C 316 -25.01 -1.25 8.76
CA ILE C 316 -24.69 0.15 9.03
C ILE C 316 -25.31 1.04 7.96
N ASP C 317 -25.30 0.57 6.71
CA ASP C 317 -25.89 1.35 5.63
C ASP C 317 -27.40 1.51 5.81
N ILE C 318 -28.05 0.45 6.31
CA ILE C 318 -29.49 0.53 6.60
C ILE C 318 -29.75 1.59 7.67
N TRP C 319 -28.90 1.60 8.70
CA TRP C 319 -29.06 2.56 9.78
C TRP C 319 -28.86 3.99 9.28
N MET C 320 -27.80 4.19 8.50
CA MET C 320 -27.49 5.55 7.97
C MET C 320 -28.62 6.00 7.03
N ALA C 321 -29.18 5.08 6.24
CA ALA C 321 -30.22 5.48 5.29
C ALA C 321 -31.50 5.85 6.02
N VAL C 322 -31.84 5.13 7.09
CA VAL C 322 -33.06 5.45 7.80
C VAL C 322 -32.91 6.76 8.55
N CYS C 323 -31.73 6.99 9.15
CA CYS C 323 -31.53 8.28 9.83
C CYS C 323 -31.56 9.45 8.85
N LEU C 324 -31.08 9.25 7.63
CA LEU C 324 -31.22 10.28 6.61
C LEU C 324 -32.67 10.49 6.21
N LEU C 325 -33.45 9.41 6.12
CA LEU C 325 -34.86 9.57 5.78
C LEU C 325 -35.65 10.25 6.90
N PHE C 326 -35.15 10.15 8.12
CA PHE C 326 -35.83 10.77 9.26
C PHE C 326 -35.57 12.27 9.28
N VAL C 327 -34.31 12.66 9.04
CA VAL C 327 -34.07 14.10 9.04
C VAL C 327 -34.62 14.74 7.77
N PHE C 328 -34.72 13.98 6.67
CA PHE C 328 -35.39 14.50 5.48
C PHE C 328 -36.88 14.71 5.73
N SER C 329 -37.52 13.79 6.46
CA SER C 329 -38.94 13.87 6.69
C SER C 329 -39.28 14.96 7.70
N ALA C 330 -38.35 15.29 8.58
CA ALA C 330 -38.68 16.35 9.55
C ALA C 330 -38.70 17.71 8.86
N LEU C 331 -37.94 17.86 7.77
CA LEU C 331 -37.96 19.11 7.01
C LEU C 331 -39.19 19.17 6.12
N LEU C 332 -39.60 18.03 5.55
CA LEU C 332 -40.85 18.02 4.82
C LEU C 332 -42.06 18.31 5.71
N GLU C 333 -41.97 17.94 7.00
CA GLU C 333 -43.08 18.24 7.90
C GLU C 333 -43.23 19.75 8.09
N TYR C 334 -42.12 20.48 8.14
CA TYR C 334 -42.22 21.92 8.26
C TYR C 334 -42.67 22.54 6.95
N ALA C 335 -42.26 21.99 5.82
CA ALA C 335 -42.75 22.50 4.55
C ALA C 335 -44.27 22.37 4.43
N ALA C 336 -44.82 21.27 4.95
CA ALA C 336 -46.27 21.10 4.99
C ALA C 336 -46.93 22.05 5.97
N VAL C 337 -46.32 22.30 7.12
CA VAL C 337 -46.93 23.20 8.10
C VAL C 337 -46.86 24.64 7.59
N ASN C 338 -45.73 25.03 7.01
CA ASN C 338 -45.55 26.38 6.52
C ASN C 338 -46.49 26.66 5.34
N PHE C 339 -46.80 25.64 4.55
CA PHE C 339 -47.66 25.91 3.40
C PHE C 339 -49.12 25.94 3.84
N VAL C 340 -49.50 25.01 4.74
CA VAL C 340 -50.90 24.96 5.18
C VAL C 340 -51.25 26.20 6.01
N SER C 341 -50.27 26.79 6.70
CA SER C 341 -50.57 27.92 7.59
C SER C 341 -51.00 29.15 6.80
N ARG C 342 -50.20 29.59 5.83
CA ARG C 342 -50.53 30.76 5.01
C ARG C 342 -51.48 30.33 3.89
N GLN C 343 -52.77 30.63 4.06
CA GLN C 343 -53.75 30.43 2.99
C GLN C 343 -54.64 31.66 2.80
N HIS C 344 -54.19 32.83 3.25
CA HIS C 344 -55.03 34.02 3.25
C HIS C 344 -54.19 35.27 2.97
N LYS C 419 -58.57 30.94 10.86
CA LYS C 419 -58.45 30.33 12.18
C LYS C 419 -58.39 28.81 12.05
N VAL C 420 -59.16 28.26 11.09
CA VAL C 420 -59.16 26.83 10.85
C VAL C 420 -57.81 26.38 10.30
N PHE C 421 -57.21 27.17 9.42
CA PHE C 421 -55.94 26.82 8.80
C PHE C 421 -54.77 26.88 9.80
N ILE C 422 -54.82 27.80 10.76
CA ILE C 422 -53.80 27.87 11.80
C ILE C 422 -53.96 26.72 12.80
N ASP C 423 -55.20 26.37 13.15
CA ASP C 423 -55.40 25.23 14.05
C ASP C 423 -54.98 23.94 13.36
N ARG C 424 -55.31 23.80 12.07
CA ARG C 424 -54.93 22.61 11.34
C ARG C 424 -53.41 22.51 11.22
N ALA C 425 -52.73 23.65 11.06
CA ALA C 425 -51.28 23.58 10.95
C ALA C 425 -50.65 23.25 12.30
N LYS C 426 -51.25 23.73 13.40
CA LYS C 426 -50.71 23.45 14.72
C LYS C 426 -50.93 22.00 15.12
N LYS C 427 -51.95 21.36 14.54
CA LYS C 427 -52.19 19.95 14.86
C LYS C 427 -51.14 19.05 14.24
N ILE C 428 -50.63 19.40 13.06
CA ILE C 428 -49.57 18.58 12.46
C ILE C 428 -48.31 18.64 13.33
N ASP C 429 -48.12 19.75 14.04
CA ASP C 429 -46.94 19.92 14.87
C ASP C 429 -47.08 19.08 16.13
N THR C 430 -48.26 19.16 16.76
CA THR C 430 -48.38 18.45 18.02
C THR C 430 -48.46 16.94 17.77
N ILE C 431 -49.01 16.53 16.63
CA ILE C 431 -48.99 15.10 16.30
C ILE C 431 -47.57 14.63 16.00
N SER C 432 -46.78 15.46 15.31
CA SER C 432 -45.41 15.08 14.95
C SER C 432 -44.48 14.99 16.15
N ARG C 433 -44.81 15.71 17.22
CA ARG C 433 -44.00 15.68 18.45
C ARG C 433 -44.01 14.31 19.12
N ALA C 434 -45.10 13.57 18.99
CA ALA C 434 -45.18 12.21 19.51
C ALA C 434 -44.90 11.16 18.44
N CYS C 435 -45.40 11.37 17.21
CA CYS C 435 -45.27 10.37 16.16
C CYS C 435 -43.81 10.13 15.75
N PHE C 436 -43.01 11.19 15.56
CA PHE C 436 -41.64 10.98 15.10
C PHE C 436 -40.77 10.21 16.10
N PRO C 437 -40.76 10.51 17.41
CA PRO C 437 -40.01 9.64 18.33
C PRO C 437 -40.56 8.24 18.42
N LEU C 438 -41.88 8.07 18.31
CA LEU C 438 -42.46 6.74 18.44
C LEU C 438 -42.02 5.85 17.28
N ALA C 439 -42.18 6.34 16.04
CA ALA C 439 -41.79 5.54 14.89
C ALA C 439 -40.28 5.31 14.87
N PHE C 440 -39.49 6.24 15.43
CA PHE C 440 -38.06 5.97 15.51
C PHE C 440 -37.75 4.92 16.57
N LEU C 441 -38.58 4.84 17.62
CA LEU C 441 -38.41 3.82 18.63
C LEU C 441 -38.74 2.46 18.05
N ILE C 442 -39.84 2.37 17.29
CA ILE C 442 -40.21 1.09 16.68
C ILE C 442 -39.11 0.65 15.71
N PHE C 443 -38.58 1.58 14.91
CA PHE C 443 -37.49 1.20 14.02
C PHE C 443 -36.30 0.69 14.81
N ASN C 444 -35.99 1.33 15.95
CA ASN C 444 -34.84 0.91 16.74
C ASN C 444 -35.04 -0.51 17.23
N ILE C 445 -36.25 -0.79 17.73
CA ILE C 445 -36.56 -2.11 18.30
C ILE C 445 -36.39 -3.17 17.23
N PHE C 446 -36.96 -2.90 16.05
CA PHE C 446 -36.90 -3.89 14.97
C PHE C 446 -35.47 -4.09 14.49
N TYR C 447 -34.70 -3.02 14.32
CA TYR C 447 -33.35 -3.15 13.80
C TYR C 447 -32.49 -3.97 14.75
N TRP C 448 -32.56 -3.62 16.05
CA TRP C 448 -31.69 -4.27 17.02
C TRP C 448 -32.10 -5.73 17.23
N VAL C 449 -33.41 -6.05 17.30
CA VAL C 449 -33.77 -7.46 17.42
C VAL C 449 -33.39 -8.25 16.15
N ILE C 450 -33.59 -7.70 14.95
CA ILE C 450 -33.30 -8.48 13.73
C ILE C 450 -31.81 -8.81 13.67
N TYR C 451 -30.95 -7.85 14.02
CA TYR C 451 -29.52 -8.10 13.82
C TYR C 451 -28.85 -8.70 15.05
N LYS C 452 -29.36 -8.46 16.25
CA LYS C 452 -28.77 -9.05 17.44
C LYS C 452 -29.37 -10.41 17.78
N ILE C 453 -30.61 -10.68 17.38
CA ILE C 453 -31.25 -11.94 17.76
C ILE C 453 -31.59 -12.78 16.52
N LEU C 454 -32.44 -12.27 15.65
CA LEU C 454 -32.91 -13.09 14.49
C LEU C 454 -31.75 -13.50 13.58
N ARG C 455 -31.08 -12.52 12.95
CA ARG C 455 -29.98 -12.82 11.99
C ARG C 455 -28.82 -13.50 12.73
N HIS C 456 -28.61 -13.17 14.01
CA HIS C 456 -27.58 -13.86 14.82
C HIS C 456 -27.92 -15.35 14.89
N GLU C 457 -26.96 -16.23 14.55
CA GLU C 457 -27.27 -17.68 14.48
C GLU C 457 -26.18 -18.47 15.20
N ASP C 458 -26.46 -19.74 15.53
CA ASP C 458 -25.43 -20.59 16.17
C ASP C 458 -24.24 -20.71 15.23
N ILE C 459 -23.01 -20.61 15.77
CA ILE C 459 -21.80 -20.63 14.90
C ILE C 459 -21.67 -22.00 14.22
N HIS C 460 -22.42 -23.01 14.68
CA HIS C 460 -22.25 -24.33 14.10
C HIS C 460 -23.46 -24.73 13.25
N MET D 41 9.85 -55.36 -7.80
CA MET D 41 10.84 -54.41 -8.30
C MET D 41 10.42 -53.00 -7.89
N SER D 42 11.37 -52.18 -7.47
CA SER D 42 11.03 -50.84 -7.00
C SER D 42 10.61 -49.94 -8.16
N PRO D 43 9.60 -49.09 -7.96
CA PRO D 43 9.14 -48.22 -9.08
C PRO D 43 10.17 -47.19 -9.50
N SER D 44 11.09 -46.82 -8.60
CA SER D 44 12.08 -45.83 -8.95
C SER D 44 13.16 -46.41 -9.85
N ASP D 45 13.48 -47.69 -9.69
CA ASP D 45 14.46 -48.23 -10.61
C ASP D 45 13.83 -48.43 -11.97
N PHE D 46 12.53 -48.72 -12.01
CA PHE D 46 11.89 -48.89 -13.31
C PHE D 46 11.83 -47.55 -14.02
N LEU D 47 11.68 -46.46 -13.26
CA LEU D 47 11.65 -45.17 -13.92
C LEU D 47 13.05 -44.81 -14.38
N ASP D 48 14.08 -45.29 -13.65
CA ASP D 48 15.45 -45.05 -14.06
C ASP D 48 15.78 -45.79 -15.36
N LYS D 49 15.20 -46.98 -15.55
CA LYS D 49 15.41 -47.72 -16.79
C LYS D 49 14.60 -47.13 -17.95
N LEU D 50 13.36 -46.71 -17.66
CA LEU D 50 12.45 -46.28 -18.72
C LEU D 50 12.89 -44.95 -19.33
N MET D 51 13.39 -44.04 -18.51
CA MET D 51 13.85 -42.73 -18.96
C MET D 51 15.34 -42.57 -18.71
N GLY D 52 16.09 -43.65 -18.90
CA GLY D 52 17.52 -43.66 -18.67
C GLY D 52 18.35 -43.49 -19.93
N ARG D 53 19.67 -43.54 -19.73
CA ARG D 53 20.61 -43.43 -20.84
C ARG D 53 20.53 -44.62 -21.78
N THR D 54 20.24 -45.82 -21.24
CA THR D 54 20.07 -46.99 -22.10
C THR D 54 18.79 -46.89 -22.93
N SER D 55 17.80 -46.12 -22.46
CA SER D 55 16.55 -45.94 -23.19
C SER D 55 16.67 -44.88 -24.28
N GLY D 56 17.61 -43.95 -24.15
CA GLY D 56 17.77 -42.89 -25.12
C GLY D 56 16.68 -41.84 -25.12
N TYR D 57 15.92 -41.74 -24.04
CA TYR D 57 14.90 -40.69 -23.93
C TYR D 57 15.56 -39.32 -23.88
N ASP D 58 14.98 -38.37 -24.61
CA ASP D 58 15.51 -37.01 -24.69
C ASP D 58 14.38 -36.05 -24.33
N ALA D 59 14.51 -35.38 -23.19
CA ALA D 59 13.45 -34.50 -22.72
C ALA D 59 13.34 -33.21 -23.52
N ARG D 60 14.23 -32.98 -24.47
CA ARG D 60 14.17 -31.83 -25.36
C ARG D 60 13.51 -32.15 -26.70
N ILE D 61 13.14 -33.39 -26.95
CA ILE D 61 12.51 -33.81 -28.19
C ILE D 61 11.07 -34.16 -27.88
N ARG D 62 10.13 -33.51 -28.59
CA ARG D 62 8.71 -33.75 -28.34
C ARG D 62 8.33 -35.17 -28.76
N PRO D 63 7.23 -35.71 -28.22
CA PRO D 63 6.75 -37.00 -28.72
C PRO D 63 6.28 -36.89 -30.17
N ASN D 64 6.43 -38.00 -30.89
CA ASN D 64 6.16 -38.07 -32.33
C ASN D 64 6.91 -36.97 -33.07
N PHE D 65 8.24 -37.02 -32.97
CA PHE D 65 9.06 -35.93 -33.47
C PHE D 65 8.99 -35.79 -34.98
N LYS D 66 8.78 -36.89 -35.70
CA LYS D 66 8.75 -36.81 -37.15
C LYS D 66 7.39 -36.38 -37.70
N GLY D 67 6.30 -36.79 -37.04
CA GLY D 67 5.00 -36.72 -37.66
C GLY D 67 4.03 -35.76 -37.00
N PRO D 68 2.85 -36.27 -36.64
CA PRO D 68 1.73 -35.38 -36.30
C PRO D 68 1.97 -34.63 -35.01
N PRO D 69 1.25 -33.52 -34.79
CA PRO D 69 1.51 -32.70 -33.62
C PRO D 69 1.02 -33.36 -32.34
N VAL D 70 1.58 -32.91 -31.22
CA VAL D 70 1.16 -33.39 -29.91
C VAL D 70 -0.13 -32.67 -29.51
N ASN D 71 -1.16 -33.45 -29.16
CA ASN D 71 -2.42 -32.91 -28.69
C ASN D 71 -2.44 -32.93 -27.17
N VAL D 72 -2.63 -31.76 -26.57
CA VAL D 72 -2.59 -31.60 -25.11
C VAL D 72 -3.97 -31.17 -24.65
N THR D 73 -4.57 -31.94 -23.75
CA THR D 73 -5.88 -31.65 -23.19
C THR D 73 -5.70 -30.96 -21.85
N CYS D 74 -6.42 -29.86 -21.65
CA CYS D 74 -6.21 -29.01 -20.49
C CYS D 74 -7.49 -28.93 -19.64
N ASN D 75 -7.31 -29.05 -18.33
CA ASN D 75 -8.33 -28.68 -17.36
C ASN D 75 -7.80 -27.57 -16.47
N ILE D 76 -8.74 -26.78 -15.92
CA ILE D 76 -8.43 -25.76 -14.91
C ILE D 76 -9.46 -25.85 -13.79
N PHE D 77 -8.98 -25.92 -12.55
CA PHE D 77 -9.83 -25.81 -11.37
C PHE D 77 -9.44 -24.54 -10.60
N ILE D 78 -10.39 -23.65 -10.37
CA ILE D 78 -10.11 -22.36 -9.77
C ILE D 78 -10.40 -22.48 -8.28
N ASN D 79 -9.35 -22.38 -7.46
CA ASN D 79 -9.48 -22.45 -6.01
C ASN D 79 -9.92 -21.12 -5.42
N SER D 80 -9.36 -20.01 -5.93
CA SER D 80 -9.73 -18.69 -5.46
C SER D 80 -9.57 -17.68 -6.60
N PHE D 81 -10.21 -16.54 -6.41
CA PHE D 81 -10.50 -15.60 -7.50
C PHE D 81 -10.80 -14.26 -6.84
N GLY D 82 -9.93 -13.28 -7.04
CA GLY D 82 -10.16 -11.98 -6.44
C GLY D 82 -9.04 -11.01 -6.76
N SER D 83 -8.96 -9.97 -5.91
CA SER D 83 -7.98 -8.89 -6.05
C SER D 83 -8.11 -8.21 -7.41
N ILE D 84 -9.35 -7.91 -7.78
CA ILE D 84 -9.66 -7.26 -9.05
C ILE D 84 -9.40 -5.76 -8.88
N ALA D 85 -8.35 -5.27 -9.53
CA ALA D 85 -7.88 -3.90 -9.32
C ALA D 85 -7.97 -3.13 -10.62
N GLU D 86 -8.53 -1.92 -10.55
CA GLU D 86 -8.60 -1.05 -11.71
C GLU D 86 -7.35 -0.19 -11.87
N THR D 87 -6.60 0.04 -10.80
CA THR D 87 -5.40 0.86 -10.91
C THR D 87 -4.30 0.14 -11.68
N THR D 88 -4.26 -1.19 -11.60
CA THR D 88 -3.29 -1.98 -12.36
C THR D 88 -3.93 -2.78 -13.48
N MET D 89 -5.26 -2.78 -13.59
CA MET D 89 -6.00 -3.47 -14.65
C MET D 89 -5.66 -4.98 -14.67
N ASP D 90 -5.89 -5.63 -13.53
CA ASP D 90 -5.53 -7.03 -13.40
C ASP D 90 -6.34 -7.67 -12.28
N TYR D 91 -6.25 -9.00 -12.21
CA TYR D 91 -6.91 -9.77 -11.17
C TYR D 91 -6.03 -10.95 -10.82
N ARG D 92 -6.35 -11.63 -9.72
CA ARG D 92 -5.50 -12.67 -9.18
C ARG D 92 -6.30 -13.96 -9.04
N VAL D 93 -5.69 -15.08 -9.43
CA VAL D 93 -6.31 -16.39 -9.31
C VAL D 93 -5.31 -17.36 -8.72
N ASN D 94 -5.82 -18.40 -8.06
CA ASN D 94 -5.03 -19.55 -7.63
C ASN D 94 -5.68 -20.77 -8.25
N ILE D 95 -4.95 -21.51 -9.09
CA ILE D 95 -5.58 -22.55 -9.89
C ILE D 95 -4.81 -23.84 -9.79
N PHE D 96 -5.50 -24.93 -10.12
CA PHE D 96 -4.93 -26.20 -10.52
C PHE D 96 -4.98 -26.24 -12.04
N LEU D 97 -3.85 -26.58 -12.66
CA LEU D 97 -3.75 -26.73 -14.10
C LEU D 97 -3.37 -28.17 -14.39
N ARG D 98 -4.23 -28.88 -15.10
CA ARG D 98 -3.97 -30.27 -15.47
C ARG D 98 -3.79 -30.34 -16.99
N GLN D 99 -2.72 -31.02 -17.41
CA GLN D 99 -2.46 -31.27 -18.81
C GLN D 99 -2.32 -32.77 -19.03
N LYS D 100 -2.88 -33.26 -20.14
CA LYS D 100 -2.77 -34.66 -20.48
C LYS D 100 -2.31 -34.75 -21.92
N TRP D 101 -1.32 -35.60 -22.18
CA TRP D 101 -0.89 -35.88 -23.53
C TRP D 101 -0.43 -37.33 -23.61
N ASN D 102 0.08 -37.73 -24.78
CA ASN D 102 0.56 -39.08 -24.98
C ASN D 102 2.02 -39.03 -25.42
N ASP D 103 2.86 -39.83 -24.77
CA ASP D 103 4.27 -39.97 -25.13
C ASP D 103 4.53 -41.45 -25.41
N PRO D 104 4.60 -41.86 -26.69
CA PRO D 104 4.77 -43.30 -26.96
C PRO D 104 6.16 -43.83 -26.62
N ARG D 105 7.12 -42.97 -26.30
CA ARG D 105 8.38 -43.44 -25.74
C ARG D 105 8.26 -43.89 -24.29
N LEU D 106 7.16 -43.56 -23.61
CA LEU D 106 6.98 -43.87 -22.20
C LEU D 106 6.03 -45.04 -21.96
N ALA D 107 5.67 -45.78 -23.01
CA ALA D 107 4.79 -46.93 -22.84
C ALA D 107 5.56 -48.09 -22.23
N TYR D 108 4.98 -48.72 -21.22
CA TYR D 108 5.59 -49.85 -20.54
C TYR D 108 4.56 -50.96 -20.39
N SER D 109 5.04 -52.20 -20.45
CA SER D 109 4.23 -53.39 -20.24
C SER D 109 4.75 -54.32 -19.16
N GLU D 110 6.05 -54.30 -18.89
CA GLU D 110 6.67 -55.25 -17.97
C GLU D 110 6.13 -55.06 -16.54
N TYR D 111 6.06 -53.79 -16.13
CA TYR D 111 5.69 -53.46 -14.73
C TYR D 111 4.25 -53.88 -14.39
N PRO D 112 3.99 -54.47 -13.19
CA PRO D 112 2.63 -54.93 -12.84
C PRO D 112 1.65 -53.79 -12.66
N ASP D 113 2.11 -52.65 -12.16
CA ASP D 113 1.20 -51.58 -11.79
C ASP D 113 0.73 -50.81 -13.02
N ASP D 114 -0.46 -50.22 -12.93
CA ASP D 114 -1.04 -49.54 -14.07
C ASP D 114 -0.47 -48.14 -14.26
N SER D 115 0.01 -47.51 -13.19
CA SER D 115 0.52 -46.15 -13.27
C SER D 115 1.86 -46.04 -12.56
N LEU D 116 2.65 -45.06 -12.98
CA LEU D 116 3.89 -44.70 -12.31
C LEU D 116 3.86 -43.22 -11.97
N ASP D 117 4.56 -42.85 -10.90
CA ASP D 117 4.61 -41.47 -10.44
C ASP D 117 6.05 -40.96 -10.45
N LEU D 118 6.26 -39.81 -11.07
CA LEU D 118 7.58 -39.20 -11.15
C LEU D 118 7.77 -38.23 -9.99
N ASP D 119 8.98 -38.20 -9.45
CA ASP D 119 9.26 -37.33 -8.31
C ASP D 119 9.27 -35.88 -8.79
N PRO D 120 8.66 -34.96 -8.04
CA PRO D 120 8.66 -33.56 -8.47
C PRO D 120 10.04 -32.90 -8.50
N SER D 121 11.08 -33.56 -7.98
CA SER D 121 12.43 -33.02 -8.11
C SER D 121 13.08 -33.39 -9.43
N MET D 122 12.60 -34.44 -10.11
CA MET D 122 13.18 -34.89 -11.37
C MET D 122 12.24 -34.64 -12.54
N LEU D 123 11.43 -33.58 -12.48
CA LEU D 123 10.54 -33.28 -13.58
C LEU D 123 11.28 -32.83 -14.84
N ASP D 124 12.55 -32.45 -14.72
CA ASP D 124 13.33 -32.06 -15.89
C ASP D 124 13.83 -33.25 -16.70
N SER D 125 13.48 -34.47 -16.31
CA SER D 125 13.87 -35.68 -17.04
C SER D 125 12.83 -36.09 -18.08
N ILE D 126 11.72 -35.36 -18.18
CA ILE D 126 10.62 -35.72 -19.06
C ILE D 126 10.24 -34.51 -19.91
N TRP D 127 9.81 -34.78 -21.14
CA TRP D 127 9.32 -33.71 -21.99
C TRP D 127 7.99 -33.18 -21.48
N LYS D 128 7.84 -31.87 -21.47
CA LYS D 128 6.58 -31.25 -21.08
C LYS D 128 6.27 -30.12 -22.05
N PRO D 129 5.00 -29.84 -22.28
CA PRO D 129 4.64 -28.70 -23.14
C PRO D 129 5.10 -27.39 -22.55
N ASP D 130 5.43 -26.44 -23.43
CA ASP D 130 5.94 -25.15 -22.98
C ASP D 130 4.79 -24.14 -22.93
N LEU D 131 3.78 -24.51 -22.14
CA LEU D 131 2.62 -23.64 -21.95
C LEU D 131 3.02 -22.37 -21.21
N PHE D 132 2.34 -21.28 -21.53
CA PHE D 132 2.46 -20.05 -20.77
C PHE D 132 1.18 -19.25 -20.91
N PHE D 133 0.97 -18.34 -19.97
CA PHE D 133 -0.25 -17.55 -19.90
C PHE D 133 0.02 -16.20 -20.57
N ALA D 134 -0.68 -15.95 -21.67
CA ALA D 134 -0.30 -14.86 -22.57
C ALA D 134 -0.58 -13.48 -21.99
N ASN D 135 -1.51 -13.37 -21.04
CA ASN D 135 -1.82 -12.11 -20.40
C ASN D 135 -1.39 -12.08 -18.94
N GLU D 136 -0.36 -12.85 -18.60
CA GLU D 136 0.11 -12.93 -17.22
C GLU D 136 1.14 -11.85 -16.94
N LYS D 137 0.93 -11.08 -15.87
CA LYS D 137 1.90 -10.10 -15.43
C LYS D 137 2.81 -10.60 -14.32
N GLY D 138 2.37 -11.63 -13.58
CA GLY D 138 3.17 -12.22 -12.52
C GLY D 138 2.60 -13.54 -12.07
N ALA D 139 3.46 -14.50 -11.73
CA ALA D 139 3.00 -15.84 -11.41
C ALA D 139 4.08 -16.56 -10.61
N ASN D 140 3.66 -17.57 -9.84
CA ASN D 140 4.59 -18.33 -9.03
C ASN D 140 4.02 -19.71 -8.73
N PHE D 141 4.91 -20.68 -8.58
CA PHE D 141 4.57 -22.02 -8.10
C PHE D 141 4.34 -22.00 -6.59
N HIS D 142 4.04 -23.17 -6.03
CA HIS D 142 3.82 -23.31 -4.60
C HIS D 142 4.72 -24.45 -4.11
N GLU D 143 5.38 -24.23 -2.97
CA GLU D 143 6.38 -25.19 -2.52
C GLU D 143 6.35 -25.53 -1.03
N VAL D 144 5.38 -25.05 -0.26
CA VAL D 144 5.45 -25.20 1.19
C VAL D 144 5.01 -26.62 1.55
N THR D 145 5.76 -27.24 2.47
CA THR D 145 5.84 -28.71 2.61
C THR D 145 6.32 -29.16 1.22
N THR D 146 5.78 -30.21 0.62
CA THR D 146 6.47 -30.75 -0.55
C THR D 146 6.13 -29.89 -1.77
N ASP D 147 6.76 -30.14 -2.92
CA ASP D 147 6.42 -29.41 -4.18
C ASP D 147 4.98 -29.73 -4.58
N ASN D 148 4.20 -28.71 -4.92
CA ASN D 148 2.78 -28.86 -5.24
C ASN D 148 2.60 -29.30 -6.69
N LYS D 149 3.26 -30.38 -7.09
CA LYS D 149 3.26 -30.84 -8.46
C LYS D 149 3.02 -32.35 -8.50
N LEU D 150 2.56 -32.84 -9.64
CA LEU D 150 2.18 -34.24 -9.76
C LEU D 150 2.28 -34.64 -11.21
N LEU D 151 2.78 -35.87 -11.45
CA LEU D 151 2.93 -36.40 -12.79
C LEU D 151 2.75 -37.90 -12.76
N ARG D 152 1.84 -38.42 -13.59
CA ARG D 152 1.57 -39.84 -13.65
C ARG D 152 1.72 -40.31 -15.10
N ILE D 153 2.34 -41.47 -15.26
CA ILE D 153 2.55 -42.09 -16.56
C ILE D 153 1.81 -43.42 -16.58
N PHE D 154 0.90 -43.59 -17.53
CA PHE D 154 0.10 -44.80 -17.60
C PHE D 154 0.75 -45.80 -18.55
N LYS D 155 0.19 -47.01 -18.61
CA LYS D 155 0.82 -48.07 -19.40
C LYS D 155 0.83 -47.74 -20.89
N ASN D 156 -0.26 -47.16 -21.40
CA ASN D 156 -0.33 -46.81 -22.81
C ASN D 156 0.67 -45.71 -23.18
N GLY D 157 1.22 -45.03 -22.19
CA GLY D 157 2.12 -43.90 -22.37
C GLY D 157 1.48 -42.56 -22.15
N ASN D 158 0.21 -42.51 -21.78
CA ASN D 158 -0.45 -41.25 -21.50
C ASN D 158 0.16 -40.60 -20.26
N VAL D 159 0.36 -39.29 -20.31
CA VAL D 159 0.95 -38.51 -19.23
C VAL D 159 -0.12 -37.57 -18.71
N LEU D 160 -0.27 -37.54 -17.38
CA LEU D 160 -1.10 -36.57 -16.67
C LEU D 160 -0.20 -35.73 -15.78
N TYR D 161 -0.31 -34.42 -15.91
CA TYR D 161 0.62 -33.48 -15.28
C TYR D 161 -0.21 -32.39 -14.63
N SER D 162 -0.30 -32.40 -13.31
CA SER D 162 -1.14 -31.48 -12.56
C SER D 162 -0.28 -30.64 -11.64
N ILE D 163 -0.43 -29.31 -11.75
CA ILE D 163 0.33 -28.39 -10.94
C ILE D 163 -0.62 -27.36 -10.35
N ARG D 164 -0.16 -26.71 -9.28
CA ARG D 164 -0.94 -25.69 -8.58
C ARG D 164 -0.13 -24.40 -8.56
N LEU D 165 -0.78 -23.29 -8.90
CA LEU D 165 -0.01 -22.08 -9.16
C LEU D 165 -0.91 -20.86 -9.03
N THR D 166 -0.27 -19.73 -8.71
CA THR D 166 -0.94 -18.44 -8.54
C THR D 166 -0.62 -17.56 -9.74
N LEU D 167 -1.62 -16.84 -10.23
CA LEU D 167 -1.46 -15.97 -11.38
C LEU D 167 -2.00 -14.58 -11.07
N THR D 168 -1.33 -13.58 -11.62
CA THR D 168 -1.85 -12.23 -11.75
C THR D 168 -2.03 -12.00 -13.25
N LEU D 169 -3.27 -11.93 -13.68
CA LEU D 169 -3.60 -11.82 -15.10
C LEU D 169 -4.17 -10.45 -15.42
N SER D 170 -3.77 -9.91 -16.56
CA SER D 170 -4.24 -8.60 -16.98
C SER D 170 -5.64 -8.72 -17.55
N CYS D 171 -6.50 -7.79 -17.19
CA CYS D 171 -7.76 -7.58 -17.90
C CYS D 171 -8.03 -6.09 -18.09
N PRO D 172 -8.09 -5.61 -19.33
CA PRO D 172 -8.56 -4.25 -19.59
C PRO D 172 -10.00 -4.07 -19.16
N MET D 173 -10.24 -3.02 -18.38
CA MET D 173 -11.55 -2.63 -17.91
C MET D 173 -11.94 -1.30 -18.53
N ASP D 174 -13.24 -1.12 -18.76
CA ASP D 174 -13.76 0.08 -19.39
C ASP D 174 -14.11 1.11 -18.32
N LEU D 175 -15.04 0.76 -17.43
CA LEU D 175 -15.49 1.53 -16.27
C LEU D 175 -16.33 2.74 -16.64
N LYS D 176 -16.56 3.02 -17.92
CA LYS D 176 -17.73 3.79 -18.28
C LYS D 176 -18.96 2.95 -17.94
N ASN D 177 -20.09 3.62 -17.66
CA ASN D 177 -21.27 2.92 -17.14
C ASN D 177 -20.98 2.30 -15.78
N PHE D 178 -20.24 3.02 -14.92
CA PHE D 178 -19.50 2.38 -13.84
C PHE D 178 -20.36 1.66 -12.81
N PRO D 179 -21.41 2.24 -12.22
CA PRO D 179 -22.12 1.47 -11.19
C PRO D 179 -22.72 0.21 -11.78
N MET D 180 -23.13 0.28 -13.05
CA MET D 180 -23.87 -0.74 -13.75
C MET D 180 -22.99 -1.37 -14.83
N ASP D 181 -21.69 -1.51 -14.58
CA ASP D 181 -20.80 -2.10 -15.57
C ASP D 181 -20.75 -3.61 -15.46
N VAL D 182 -20.32 -4.24 -16.55
CA VAL D 182 -20.09 -5.68 -16.64
C VAL D 182 -18.75 -5.88 -17.32
N GLN D 183 -17.87 -6.66 -16.69
CA GLN D 183 -16.53 -6.90 -17.19
C GLN D 183 -16.36 -8.35 -17.60
N THR D 184 -15.40 -8.58 -18.50
CA THR D 184 -15.09 -9.92 -18.99
C THR D 184 -13.59 -10.15 -18.84
N CYS D 185 -13.21 -11.01 -17.90
CA CYS D 185 -11.82 -11.35 -17.67
C CYS D 185 -11.48 -12.61 -18.45
N ILE D 186 -10.34 -12.63 -19.13
CA ILE D 186 -9.97 -13.80 -19.91
C ILE D 186 -8.71 -14.44 -19.34
N MET D 187 -8.43 -15.64 -19.85
CA MET D 187 -7.25 -16.41 -19.49
C MET D 187 -6.83 -17.18 -20.73
N GLN D 188 -5.62 -16.91 -21.22
CA GLN D 188 -5.14 -17.49 -22.47
C GLN D 188 -3.98 -18.44 -22.21
N LEU D 189 -4.04 -19.62 -22.81
CA LEU D 189 -3.05 -20.68 -22.66
C LEU D 189 -2.39 -20.87 -24.02
N GLU D 190 -1.17 -20.36 -24.16
CA GLU D 190 -0.45 -20.36 -25.43
C GLU D 190 0.79 -21.23 -25.32
N SER D 191 1.29 -21.68 -26.46
CA SER D 191 2.62 -22.27 -26.52
C SER D 191 3.66 -21.19 -26.80
N PHE D 192 4.88 -21.40 -26.28
CA PHE D 192 5.88 -20.34 -26.38
C PHE D 192 6.72 -20.44 -27.64
N GLY D 193 7.13 -21.65 -28.02
CA GLY D 193 8.00 -21.81 -29.16
C GLY D 193 7.70 -23.00 -30.05
N TYR D 194 6.45 -23.45 -30.06
CA TYR D 194 6.03 -24.55 -30.91
C TYR D 194 4.90 -24.08 -31.81
N THR D 195 4.97 -24.40 -33.10
CA THR D 195 3.91 -24.03 -34.01
C THR D 195 2.82 -25.11 -34.03
N MET D 196 1.69 -24.77 -34.66
CA MET D 196 0.53 -25.65 -34.61
C MET D 196 0.71 -26.94 -35.39
N ASN D 197 1.80 -27.12 -36.13
CA ASN D 197 2.13 -28.43 -36.68
C ASN D 197 3.02 -29.24 -35.76
N ASP D 198 3.27 -28.76 -34.54
CA ASP D 198 4.02 -29.49 -33.54
C ASP D 198 3.27 -29.66 -32.23
N LEU D 199 2.44 -28.70 -31.85
CA LEU D 199 1.80 -28.70 -30.54
C LEU D 199 0.44 -28.03 -30.66
N ILE D 200 -0.59 -28.71 -30.16
CA ILE D 200 -1.97 -28.21 -30.20
C ILE D 200 -2.56 -28.36 -28.81
N PHE D 201 -3.20 -27.29 -28.32
CA PHE D 201 -3.90 -27.34 -27.05
C PHE D 201 -5.39 -27.51 -27.30
N GLU D 202 -6.04 -28.32 -26.45
CA GLU D 202 -7.48 -28.50 -26.54
C GLU D 202 -8.10 -28.43 -25.14
N TRP D 203 -9.30 -27.88 -25.07
CA TRP D 203 -10.06 -27.90 -23.82
C TRP D 203 -10.68 -29.29 -23.66
N GLN D 204 -10.70 -29.79 -22.43
CA GLN D 204 -11.34 -31.07 -22.15
C GLN D 204 -12.82 -30.99 -22.47
N ASP D 205 -13.36 -32.06 -23.06
CA ASP D 205 -14.75 -32.04 -23.51
C ASP D 205 -15.73 -31.95 -22.35
N GLU D 206 -15.52 -32.73 -21.28
CA GLU D 206 -16.52 -32.84 -20.23
C GLU D 206 -16.60 -31.58 -19.37
N ALA D 207 -15.50 -31.21 -18.71
CA ALA D 207 -15.50 -30.07 -17.78
C ALA D 207 -14.10 -29.48 -17.72
N PRO D 208 -13.80 -28.51 -18.60
CA PRO D 208 -12.44 -27.96 -18.64
C PRO D 208 -12.14 -26.93 -17.56
N VAL D 209 -13.09 -26.06 -17.24
CA VAL D 209 -12.95 -25.07 -16.19
C VAL D 209 -14.02 -25.24 -15.13
N GLN D 210 -13.59 -25.43 -13.89
CA GLN D 210 -14.48 -25.56 -12.75
C GLN D 210 -14.06 -24.52 -11.71
N VAL D 211 -15.03 -24.05 -10.93
CA VAL D 211 -14.80 -23.09 -9.86
C VAL D 211 -15.24 -23.72 -8.54
N ALA D 212 -14.41 -23.59 -7.52
CA ALA D 212 -14.75 -24.09 -6.20
C ALA D 212 -15.96 -23.34 -5.64
N GLU D 213 -16.71 -24.03 -4.80
CA GLU D 213 -17.92 -23.44 -4.23
C GLU D 213 -17.57 -22.50 -3.08
N GLY D 214 -18.48 -21.57 -2.80
CA GLY D 214 -18.36 -20.70 -1.66
C GLY D 214 -17.52 -19.44 -1.89
N LEU D 215 -16.96 -19.27 -3.08
CA LEU D 215 -16.17 -18.08 -3.35
C LEU D 215 -17.05 -16.83 -3.37
N THR D 216 -16.50 -15.73 -2.86
CA THR D 216 -17.20 -14.45 -2.84
C THR D 216 -16.25 -13.35 -3.26
N LEU D 217 -16.83 -12.21 -3.64
CA LEU D 217 -16.05 -11.07 -4.11
C LEU D 217 -16.61 -9.81 -3.48
N PRO D 218 -15.74 -8.89 -3.05
CA PRO D 218 -16.26 -7.66 -2.41
C PRO D 218 -17.03 -6.76 -3.36
N GLN D 219 -16.74 -6.80 -4.65
CA GLN D 219 -17.35 -5.87 -5.60
C GLN D 219 -18.18 -6.55 -6.68
N PHE D 220 -17.78 -7.72 -7.15
CA PHE D 220 -18.39 -8.30 -8.33
C PHE D 220 -19.15 -9.57 -7.99
N LEU D 221 -19.83 -10.10 -9.01
CA LEU D 221 -20.49 -11.40 -8.97
C LEU D 221 -20.02 -12.18 -10.20
N LEU D 222 -19.30 -13.27 -9.95
CA LEU D 222 -18.77 -14.13 -11.01
C LEU D 222 -19.91 -14.99 -11.54
N LYS D 223 -20.30 -14.77 -12.80
CA LYS D 223 -21.40 -15.51 -13.38
C LYS D 223 -21.03 -16.97 -13.59
N GLU D 224 -22.06 -17.81 -13.70
CA GLU D 224 -21.84 -19.25 -13.83
C GLU D 224 -21.46 -19.64 -15.25
N GLU D 225 -21.76 -18.79 -16.23
CA GLU D 225 -21.60 -19.13 -17.63
C GLU D 225 -20.23 -18.64 -18.08
N LYS D 226 -19.49 -19.52 -18.75
CA LYS D 226 -18.09 -19.28 -19.10
C LYS D 226 -17.88 -19.63 -20.56
N ASP D 227 -17.02 -18.87 -21.23
CA ASP D 227 -16.81 -19.04 -22.66
C ASP D 227 -15.50 -19.78 -22.88
N LEU D 228 -15.54 -20.81 -23.73
CA LEU D 228 -14.33 -21.51 -24.15
C LEU D 228 -14.06 -21.17 -25.61
N ARG D 229 -12.90 -20.59 -25.88
CA ARG D 229 -12.64 -19.99 -27.18
C ARG D 229 -11.34 -20.53 -27.76
N TYR D 230 -11.10 -20.14 -29.00
CA TYR D 230 -9.89 -20.45 -29.75
C TYR D 230 -9.35 -19.12 -30.25
N CYS D 231 -8.17 -18.75 -29.76
CA CYS D 231 -7.55 -17.50 -30.20
C CYS D 231 -6.18 -17.80 -30.79
N THR D 232 -6.16 -18.60 -31.85
CA THR D 232 -4.91 -18.99 -32.50
C THR D 232 -4.14 -17.75 -32.98
N LYS D 233 -2.87 -17.68 -32.59
CA LYS D 233 -2.03 -16.56 -33.00
C LYS D 233 -1.45 -16.81 -34.37
N HIS D 234 -1.58 -15.83 -35.25
CA HIS D 234 -0.94 -15.86 -36.57
C HIS D 234 0.19 -14.83 -36.55
N TYR D 235 1.42 -15.33 -36.60
CA TYR D 235 2.62 -14.50 -36.64
C TYR D 235 3.39 -14.75 -37.93
N ASN D 236 4.58 -14.18 -38.01
CA ASN D 236 5.46 -14.42 -39.15
C ASN D 236 6.08 -15.81 -39.09
N THR D 237 6.34 -16.31 -37.88
CA THR D 237 6.90 -17.65 -37.72
C THR D 237 5.89 -18.73 -38.06
N GLY D 238 4.61 -18.47 -37.84
CA GLY D 238 3.59 -19.44 -38.16
C GLY D 238 2.42 -19.36 -37.19
N LYS D 239 1.62 -20.41 -37.20
CA LYS D 239 0.44 -20.50 -36.34
C LYS D 239 0.85 -21.10 -35.00
N PHE D 240 0.42 -20.46 -33.91
CA PHE D 240 0.73 -20.90 -32.56
C PHE D 240 -0.56 -21.18 -31.81
N THR D 241 -0.64 -22.36 -31.19
CA THR D 241 -1.86 -22.77 -30.53
C THR D 241 -2.12 -21.89 -29.30
N CYS D 242 -3.39 -21.55 -29.09
CA CYS D 242 -3.78 -20.71 -27.97
C CYS D 242 -5.26 -20.97 -27.71
N ILE D 243 -5.58 -21.40 -26.50
CA ILE D 243 -6.97 -21.60 -26.10
C ILE D 243 -7.30 -20.60 -25.00
N GLU D 244 -8.60 -20.31 -24.85
CA GLU D 244 -8.90 -19.16 -23.99
C GLU D 244 -10.20 -19.43 -23.25
N VAL D 245 -10.30 -18.89 -22.03
CA VAL D 245 -11.54 -18.92 -21.28
C VAL D 245 -11.92 -17.50 -20.87
N ARG D 246 -13.21 -17.20 -20.96
CA ARG D 246 -13.74 -15.90 -20.56
C ARG D 246 -14.67 -16.10 -19.37
N PHE D 247 -14.51 -15.26 -18.36
CA PHE D 247 -15.36 -15.20 -17.19
C PHE D 247 -16.10 -13.87 -17.19
N HIS D 248 -17.37 -13.90 -16.79
CA HIS D 248 -18.22 -12.72 -16.82
C HIS D 248 -18.45 -12.24 -15.39
N LEU D 249 -18.35 -10.93 -15.18
CA LEU D 249 -18.39 -10.36 -13.84
C LEU D 249 -19.35 -9.18 -13.84
N GLU D 250 -20.35 -9.21 -12.94
CA GLU D 250 -21.33 -8.15 -12.88
C GLU D 250 -21.19 -7.43 -11.53
N ARG D 251 -21.08 -6.11 -11.56
CA ARG D 251 -20.94 -5.36 -10.32
C ARG D 251 -22.26 -5.32 -9.56
N GLN D 252 -22.19 -5.41 -8.24
CA GLN D 252 -23.38 -5.26 -7.42
C GLN D 252 -23.68 -3.77 -7.24
N MET D 253 -24.96 -3.45 -7.04
CA MET D 253 -25.39 -2.05 -7.05
C MET D 253 -25.97 -1.55 -5.73
N GLY D 254 -26.13 -2.41 -4.72
CA GLY D 254 -26.90 -2.01 -3.54
C GLY D 254 -26.26 -0.88 -2.76
N TYR D 255 -24.93 -0.89 -2.63
CA TYR D 255 -24.24 0.16 -1.90
C TYR D 255 -24.32 1.49 -2.63
N TYR D 256 -24.09 1.48 -3.94
CA TYR D 256 -24.10 2.70 -4.72
C TYR D 256 -25.49 3.33 -4.73
N LEU D 257 -26.52 2.50 -4.80
CA LEU D 257 -27.90 2.99 -4.73
C LEU D 257 -28.22 3.58 -3.36
N ILE D 258 -27.91 2.85 -2.29
CA ILE D 258 -28.33 3.28 -0.96
C ILE D 258 -27.49 4.43 -0.41
N GLN D 259 -26.24 4.59 -0.86
CA GLN D 259 -25.34 5.59 -0.31
C GLN D 259 -25.08 6.79 -1.23
N MET D 260 -25.25 6.64 -2.54
CA MET D 260 -24.96 7.71 -3.48
C MET D 260 -26.18 8.19 -4.25
N TYR D 261 -26.98 7.28 -4.82
CA TYR D 261 -28.08 7.70 -5.69
C TYR D 261 -29.27 8.24 -4.89
N ILE D 262 -29.72 7.51 -3.89
CA ILE D 262 -30.87 7.92 -3.08
C ILE D 262 -30.56 9.18 -2.27
N PRO D 263 -29.42 9.30 -1.57
CA PRO D 263 -29.16 10.59 -0.89
C PRO D 263 -29.09 11.79 -1.82
N SER D 264 -28.49 11.62 -3.00
CA SER D 264 -28.51 12.70 -4.00
C SER D 264 -29.94 13.02 -4.41
N LEU D 265 -30.79 12.00 -4.53
CA LEU D 265 -32.15 12.25 -4.97
C LEU D 265 -32.93 12.98 -3.88
N LEU D 266 -32.63 12.67 -2.62
CA LEU D 266 -33.33 13.36 -1.55
C LEU D 266 -32.87 14.80 -1.47
N ILE D 267 -31.60 15.06 -1.75
CA ILE D 267 -31.11 16.44 -1.73
C ILE D 267 -31.77 17.23 -2.86
N VAL D 268 -31.96 16.60 -4.02
CA VAL D 268 -32.65 17.26 -5.11
C VAL D 268 -34.10 17.56 -4.73
N ILE D 269 -34.75 16.61 -4.06
CA ILE D 269 -36.14 16.87 -3.66
C ILE D 269 -36.19 18.01 -2.65
N LEU D 270 -35.19 18.06 -1.75
CA LEU D 270 -35.15 19.11 -0.74
C LEU D 270 -34.96 20.48 -1.38
N SER D 271 -34.27 20.52 -2.52
CA SER D 271 -34.11 21.79 -3.24
C SER D 271 -35.43 22.29 -3.84
N TRP D 272 -36.39 21.40 -4.07
CA TRP D 272 -37.69 21.79 -4.60
C TRP D 272 -38.60 22.39 -3.55
N VAL D 273 -38.30 22.20 -2.27
CA VAL D 273 -39.14 22.76 -1.21
C VAL D 273 -39.03 24.27 -1.10
N SER D 274 -38.05 24.87 -1.76
CA SER D 274 -38.01 26.34 -1.85
C SER D 274 -39.25 26.89 -2.55
N PHE D 275 -39.83 26.14 -3.49
CA PHE D 275 -40.94 26.65 -4.27
C PHE D 275 -42.25 26.75 -3.49
N TRP D 276 -42.36 26.05 -2.36
CA TRP D 276 -43.56 26.14 -1.52
C TRP D 276 -43.39 27.09 -0.35
N ILE D 277 -42.26 27.77 -0.25
CA ILE D 277 -42.00 28.74 0.81
C ILE D 277 -42.41 30.13 0.33
N ASN D 278 -42.89 30.94 1.28
CA ASN D 278 -43.39 32.29 0.99
C ASN D 278 -42.35 33.09 0.22
N MET D 279 -42.83 33.88 -0.74
CA MET D 279 -41.93 34.61 -1.64
C MET D 279 -41.09 35.65 -0.89
N ASP D 280 -41.61 36.20 0.20
CA ASP D 280 -40.92 37.29 0.89
C ASP D 280 -39.94 36.79 1.94
N ALA D 281 -39.72 35.48 2.02
CA ALA D 281 -38.81 34.89 3.01
C ALA D 281 -37.42 34.70 2.40
N ALA D 282 -36.77 35.84 2.11
CA ALA D 282 -35.47 35.80 1.45
C ALA D 282 -34.38 35.09 2.26
N PRO D 283 -34.20 35.34 3.56
CA PRO D 283 -33.16 34.57 4.29
C PRO D 283 -33.44 33.08 4.36
N ALA D 284 -34.71 32.68 4.37
CA ALA D 284 -35.05 31.26 4.40
C ALA D 284 -34.78 30.61 3.05
N ARG D 285 -35.24 31.23 1.96
CA ARG D 285 -35.15 30.55 0.69
C ARG D 285 -33.71 30.60 0.18
N VAL D 286 -33.02 31.72 0.41
CA VAL D 286 -31.63 31.82 -0.03
C VAL D 286 -30.76 30.86 0.78
N ALA D 287 -30.95 30.80 2.10
CA ALA D 287 -30.11 29.92 2.91
C ALA D 287 -30.40 28.46 2.61
N LEU D 288 -31.68 28.10 2.39
CA LEU D 288 -31.99 26.73 1.98
C LEU D 288 -31.36 26.39 0.62
N GLY D 289 -31.36 27.34 -0.32
CA GLY D 289 -30.78 27.07 -1.62
C GLY D 289 -29.28 26.85 -1.55
N ILE D 290 -28.58 27.72 -0.82
CA ILE D 290 -27.14 27.59 -0.83
C ILE D 290 -26.73 26.43 0.07
N THR D 291 -27.47 26.15 1.14
CA THR D 291 -27.08 25.02 1.97
C THR D 291 -27.35 23.72 1.23
N THR D 292 -28.38 23.69 0.37
CA THR D 292 -28.62 22.52 -0.47
C THR D 292 -27.47 22.31 -1.45
N VAL D 293 -26.94 23.41 -2.01
CA VAL D 293 -25.77 23.31 -2.87
C VAL D 293 -24.54 22.81 -2.12
N LEU D 294 -24.36 23.29 -0.88
CA LEU D 294 -23.24 22.83 -0.05
C LEU D 294 -23.39 21.36 0.33
N THR D 295 -24.60 20.94 0.66
CA THR D 295 -24.86 19.53 0.97
C THR D 295 -24.58 18.65 -0.24
N MET D 296 -25.01 19.12 -1.42
CA MET D 296 -24.72 18.41 -2.65
C MET D 296 -23.21 18.30 -2.87
N THR D 297 -22.47 19.35 -2.50
CA THR D 297 -21.03 19.37 -2.69
C THR D 297 -20.33 18.41 -1.75
N THR D 298 -20.72 18.42 -0.47
CA THR D 298 -20.11 17.50 0.49
C THR D 298 -20.45 16.05 0.17
N GLN D 299 -21.66 15.80 -0.36
CA GLN D 299 -22.03 14.44 -0.77
C GLN D 299 -21.13 13.95 -1.90
N SER D 300 -20.87 14.81 -2.89
CA SER D 300 -20.01 14.37 -3.98
C SER D 300 -18.54 14.27 -3.54
N SER D 301 -18.08 15.22 -2.70
CA SER D 301 -16.69 15.19 -2.31
C SER D 301 -16.42 13.97 -1.43
N GLY D 302 -17.36 13.63 -0.55
CA GLY D 302 -17.15 12.44 0.26
C GLY D 302 -17.25 11.19 -0.59
N SER D 303 -18.08 11.22 -1.65
CA SER D 303 -18.18 10.03 -2.49
C SER D 303 -16.92 9.81 -3.31
N ARG D 304 -16.12 10.87 -3.51
CA ARG D 304 -15.02 10.79 -4.47
C ARG D 304 -13.91 9.82 -4.04
N ALA D 305 -13.75 9.61 -2.73
CA ALA D 305 -12.68 8.74 -2.25
C ALA D 305 -12.96 7.26 -2.47
N SER D 306 -14.24 6.85 -2.57
CA SER D 306 -14.56 5.44 -2.72
C SER D 306 -14.56 4.99 -4.17
N LEU D 307 -14.79 5.90 -5.12
CA LEU D 307 -14.93 5.55 -6.51
C LEU D 307 -13.57 5.22 -7.14
N PRO D 308 -13.57 4.46 -8.24
CA PRO D 308 -12.32 4.21 -8.97
C PRO D 308 -11.72 5.49 -9.53
N LYS D 309 -10.39 5.55 -9.52
CA LYS D 309 -9.66 6.74 -9.97
C LYS D 309 -9.33 6.59 -11.45
N VAL D 310 -10.15 7.20 -12.30
CA VAL D 310 -9.97 7.21 -13.74
C VAL D 310 -10.12 8.64 -14.23
N SER D 311 -9.67 8.89 -15.45
CA SER D 311 -9.67 10.25 -15.99
C SER D 311 -10.88 10.57 -16.86
N TYR D 312 -11.66 9.58 -17.25
CA TYR D 312 -12.82 9.82 -18.11
C TYR D 312 -14.11 9.81 -17.29
N VAL D 313 -15.18 10.24 -17.93
CA VAL D 313 -16.49 10.36 -17.29
C VAL D 313 -17.17 9.01 -17.14
N LYS D 314 -17.75 8.77 -15.97
CA LYS D 314 -18.49 7.55 -15.67
C LYS D 314 -19.95 7.91 -15.46
N ALA D 315 -20.82 6.90 -15.47
CA ALA D 315 -22.26 7.16 -15.35
C ALA D 315 -22.59 7.87 -14.04
N ILE D 316 -21.90 7.49 -12.96
CA ILE D 316 -22.11 8.13 -11.67
C ILE D 316 -21.79 9.61 -11.75
N ASP D 317 -20.74 9.95 -12.51
CA ASP D 317 -20.36 11.36 -12.65
C ASP D 317 -21.44 12.13 -13.38
N ILE D 318 -22.09 11.51 -14.38
CA ILE D 318 -23.20 12.15 -15.08
C ILE D 318 -24.34 12.42 -14.11
N TRP D 319 -24.63 11.45 -13.25
CA TRP D 319 -25.71 11.61 -12.28
C TRP D 319 -25.40 12.73 -11.29
N MET D 320 -24.16 12.72 -10.78
CA MET D 320 -23.76 13.76 -9.78
C MET D 320 -23.80 15.15 -10.45
N ALA D 321 -23.38 15.24 -11.71
CA ALA D 321 -23.34 16.54 -12.37
C ALA D 321 -24.74 17.07 -12.61
N VAL D 322 -25.66 16.19 -12.99
CA VAL D 322 -27.02 16.67 -13.25
C VAL D 322 -27.70 17.08 -11.95
N CYS D 323 -27.49 16.30 -10.87
CA CYS D 323 -28.07 16.71 -9.60
C CYS D 323 -27.50 18.02 -9.09
N LEU D 324 -26.21 18.28 -9.36
CA LEU D 324 -25.66 19.59 -9.03
C LEU D 324 -26.25 20.70 -9.89
N LEU D 325 -26.52 20.43 -11.17
CA LEU D 325 -27.13 21.44 -12.01
C LEU D 325 -28.57 21.71 -11.62
N PHE D 326 -29.22 20.74 -10.98
CA PHE D 326 -30.61 20.91 -10.56
C PHE D 326 -30.67 21.76 -9.30
N VAL D 327 -29.78 21.51 -8.34
CA VAL D 327 -29.84 22.35 -7.15
C VAL D 327 -29.27 23.75 -7.44
N PHE D 328 -28.37 23.87 -8.42
CA PHE D 328 -27.92 25.19 -8.85
C PHE D 328 -29.07 25.97 -9.51
N SER D 329 -29.88 25.28 -10.32
CA SER D 329 -30.94 25.98 -11.03
C SER D 329 -32.10 26.34 -10.11
N ALA D 330 -32.27 25.61 -9.00
CA ALA D 330 -33.36 25.98 -8.11
C ALA D 330 -33.03 27.27 -7.37
N LEU D 331 -31.75 27.56 -7.16
CA LEU D 331 -31.35 28.81 -6.52
C LEU D 331 -31.40 29.96 -7.51
N LEU D 332 -31.05 29.70 -8.78
CA LEU D 332 -31.25 30.74 -9.79
C LEU D 332 -32.72 31.07 -10.00
N GLU D 333 -33.62 30.11 -9.78
CA GLU D 333 -35.04 30.41 -9.93
C GLU D 333 -35.50 31.40 -8.85
N TYR D 334 -34.95 31.28 -7.65
CA TYR D 334 -35.32 32.25 -6.62
C TYR D 334 -34.67 33.59 -6.88
N ALA D 335 -33.45 33.60 -7.43
CA ALA D 335 -32.83 34.88 -7.77
C ALA D 335 -33.64 35.63 -8.81
N ALA D 336 -34.23 34.90 -9.76
CA ALA D 336 -35.13 35.52 -10.74
C ALA D 336 -36.43 35.98 -10.11
N VAL D 337 -36.98 35.21 -9.17
CA VAL D 337 -38.24 35.62 -8.57
C VAL D 337 -38.03 36.82 -7.64
N ASN D 338 -36.92 36.81 -6.89
CA ASN D 338 -36.63 37.90 -5.96
C ASN D 338 -36.33 39.18 -6.71
N PHE D 339 -35.74 39.08 -7.91
CA PHE D 339 -35.42 40.32 -8.61
C PHE D 339 -36.66 40.85 -9.32
N VAL D 340 -37.46 39.96 -9.92
CA VAL D 340 -38.65 40.40 -10.65
C VAL D 340 -39.69 40.98 -9.68
N SER D 341 -39.70 40.51 -8.43
CA SER D 341 -40.74 40.95 -7.49
C SER D 341 -40.57 42.42 -7.11
N ARG D 342 -39.38 42.81 -6.65
CA ARG D 342 -39.12 44.21 -6.28
C ARG D 342 -38.76 45.01 -7.53
N GLN D 343 -39.73 45.78 -8.03
CA GLN D 343 -39.48 46.72 -9.12
C GLN D 343 -40.03 48.11 -8.83
N HIS D 344 -40.29 48.43 -7.55
CA HIS D 344 -40.96 49.66 -7.20
C HIS D 344 -40.41 50.22 -5.88
N LYS D 419 -48.61 45.40 -8.98
CA LYS D 419 -49.48 44.22 -8.93
C LYS D 419 -49.13 43.24 -10.04
N VAL D 420 -48.76 43.78 -11.20
CA VAL D 420 -48.38 42.94 -12.33
C VAL D 420 -47.06 42.22 -12.04
N PHE D 421 -46.12 42.92 -11.41
CA PHE D 421 -44.82 42.36 -11.09
C PHE D 421 -44.88 41.27 -10.03
N ILE D 422 -45.80 41.40 -9.06
CA ILE D 422 -45.99 40.36 -8.05
C ILE D 422 -46.71 39.15 -8.64
N ASP D 423 -47.68 39.37 -9.52
CA ASP D 423 -48.35 38.24 -10.16
C ASP D 423 -47.37 37.52 -11.09
N ARG D 424 -46.54 38.28 -11.82
CA ARG D 424 -45.58 37.66 -12.70
C ARG D 424 -44.54 36.87 -11.90
N ALA D 425 -44.16 37.38 -10.73
CA ALA D 425 -43.19 36.63 -9.94
C ALA D 425 -43.80 35.37 -9.34
N LYS D 426 -45.09 35.42 -8.99
CA LYS D 426 -45.74 34.24 -8.42
C LYS D 426 -45.99 33.18 -9.48
N LYS D 427 -46.07 33.58 -10.76
CA LYS D 427 -46.27 32.59 -11.80
C LYS D 427 -45.01 31.77 -12.03
N ILE D 428 -43.82 32.37 -11.88
CA ILE D 428 -42.60 31.58 -12.04
C ILE D 428 -42.52 30.52 -10.96
N ASP D 429 -43.12 30.79 -9.79
CA ASP D 429 -43.06 29.85 -8.69
C ASP D 429 -44.01 28.70 -8.95
N THR D 430 -45.24 29.02 -9.38
CA THR D 430 -46.19 27.94 -9.55
C THR D 430 -45.83 27.10 -10.77
N ILE D 431 -45.21 27.70 -11.80
CA ILE D 431 -44.74 26.92 -12.93
C ILE D 431 -43.57 26.02 -12.52
N SER D 432 -42.67 26.54 -11.67
CA SER D 432 -41.50 25.76 -11.26
C SER D 432 -41.86 24.58 -10.35
N ARG D 433 -43.00 24.66 -9.67
CA ARG D 433 -43.45 23.58 -8.79
C ARG D 433 -43.78 22.31 -9.56
N ALA D 434 -44.24 22.44 -10.81
CA ALA D 434 -44.50 21.30 -11.67
C ALA D 434 -43.34 21.02 -12.62
N CYS D 435 -42.72 22.06 -13.18
CA CYS D 435 -41.68 21.87 -14.19
C CYS D 435 -40.44 21.17 -13.62
N PHE D 436 -39.95 21.58 -12.43
CA PHE D 436 -38.74 20.97 -11.92
C PHE D 436 -38.87 19.47 -11.62
N PRO D 437 -39.92 18.98 -10.96
CA PRO D 437 -40.07 17.51 -10.83
C PRO D 437 -40.28 16.81 -12.15
N LEU D 438 -40.96 17.44 -13.10
CA LEU D 438 -41.23 16.77 -14.38
C LEU D 438 -39.92 16.57 -15.14
N ALA D 439 -39.13 17.64 -15.30
CA ALA D 439 -37.88 17.50 -16.04
C ALA D 439 -36.91 16.58 -15.31
N PHE D 440 -37.00 16.50 -13.97
CA PHE D 440 -36.15 15.53 -13.27
C PHE D 440 -36.63 14.11 -13.49
N LEU D 441 -37.95 13.93 -13.70
CA LEU D 441 -38.49 12.61 -14.00
C LEU D 441 -38.04 12.17 -15.39
N ILE D 442 -38.10 13.09 -16.36
CA ILE D 442 -37.66 12.74 -17.71
C ILE D 442 -36.19 12.39 -17.71
N PHE D 443 -35.38 13.16 -16.97
CA PHE D 443 -33.96 12.82 -16.90
C PHE D 443 -33.77 11.43 -16.30
N ASN D 444 -34.57 11.10 -15.26
CA ASN D 444 -34.41 9.81 -14.61
C ASN D 444 -34.73 8.69 -15.60
N ILE D 445 -35.81 8.87 -16.36
CA ILE D 445 -36.25 7.85 -17.30
C ILE D 445 -35.16 7.62 -18.33
N PHE D 446 -34.62 8.71 -18.88
CA PHE D 446 -33.61 8.59 -19.92
C PHE D 446 -32.34 7.96 -19.38
N TYR D 447 -31.89 8.38 -18.20
CA TYR D 447 -30.63 7.87 -17.65
C TYR D 447 -30.75 6.36 -17.41
N TRP D 448 -31.83 5.95 -16.76
CA TRP D 448 -31.98 4.55 -16.39
C TRP D 448 -32.18 3.68 -17.63
N VAL D 449 -32.98 4.11 -18.61
CA VAL D 449 -33.09 3.27 -19.81
C VAL D 449 -31.77 3.21 -20.59
N ILE D 450 -31.02 4.32 -20.71
CA ILE D 450 -29.79 4.29 -21.51
C ILE D 450 -28.78 3.34 -20.88
N TYR D 451 -28.68 3.34 -19.55
CA TYR D 451 -27.60 2.54 -18.95
C TYR D 451 -28.07 1.15 -18.57
N LYS D 452 -29.35 0.94 -18.30
CA LYS D 452 -29.82 -0.41 -17.97
C LYS D 452 -30.27 -1.18 -19.20
N ILE D 453 -30.69 -0.51 -20.28
CA ILE D 453 -31.18 -1.22 -21.44
C ILE D 453 -30.30 -0.97 -22.68
N LEU D 454 -30.22 0.29 -23.12
CA LEU D 454 -29.48 0.60 -24.38
C LEU D 454 -28.01 0.20 -24.28
N ARG D 455 -27.25 0.84 -23.39
CA ARG D 455 -25.79 0.58 -23.26
C ARG D 455 -25.56 -0.87 -22.82
N HIS D 456 -26.48 -1.43 -22.02
CA HIS D 456 -26.38 -2.86 -21.63
C HIS D 456 -26.42 -3.72 -22.89
N GLU D 457 -25.45 -4.63 -23.07
CA GLU D 457 -25.39 -5.41 -24.34
C GLU D 457 -25.17 -6.89 -24.02
N ASP D 458 -25.41 -7.77 -24.99
CA ASP D 458 -25.17 -9.22 -24.77
C ASP D 458 -23.68 -9.41 -24.46
N ILE D 459 -23.37 -10.26 -23.48
CA ILE D 459 -21.96 -10.46 -23.06
C ILE D 459 -21.14 -11.08 -24.20
N HIS D 460 -21.82 -11.62 -25.23
CA HIS D 460 -21.07 -12.29 -26.29
C HIS D 460 -21.09 -11.47 -27.58
N MET E 41 20.01 -38.17 -36.94
CA MET E 41 20.87 -37.79 -35.83
C MET E 41 20.09 -36.85 -34.92
N SER E 42 20.23 -37.00 -33.61
CA SER E 42 19.46 -36.18 -32.68
C SER E 42 19.98 -34.75 -32.66
N PRO E 43 19.09 -33.74 -32.59
CA PRO E 43 19.55 -32.35 -32.61
C PRO E 43 20.35 -31.95 -31.38
N SER E 44 20.17 -32.66 -30.26
CA SER E 44 20.91 -32.33 -29.06
C SER E 44 22.34 -32.81 -29.14
N ASP E 45 22.60 -33.91 -29.83
CA ASP E 45 23.99 -34.30 -29.93
C ASP E 45 24.70 -33.38 -30.92
N PHE E 46 23.98 -32.88 -31.93
CA PHE E 46 24.62 -31.97 -32.86
C PHE E 46 24.95 -30.67 -32.17
N LEU E 47 24.10 -30.26 -31.21
CA LEU E 47 24.43 -29.03 -30.51
C LEU E 47 25.58 -29.27 -29.55
N ASP E 48 25.71 -30.51 -29.04
CA ASP E 48 26.83 -30.84 -28.19
C ASP E 48 28.15 -30.82 -28.97
N LYS E 49 28.11 -31.23 -30.25
CA LYS E 49 29.31 -31.18 -31.07
C LYS E 49 29.63 -29.76 -31.52
N LEU E 50 28.60 -28.97 -31.86
CA LEU E 50 28.80 -27.65 -32.45
C LEU E 50 29.36 -26.66 -31.43
N MET E 51 28.90 -26.74 -30.19
CA MET E 51 29.34 -25.86 -29.11
C MET E 51 30.03 -26.66 -28.02
N GLY E 52 30.80 -27.67 -28.42
CA GLY E 52 31.48 -28.55 -27.48
C GLY E 52 32.95 -28.19 -27.29
N ARG E 53 33.61 -29.01 -26.48
CA ARG E 53 35.03 -28.84 -26.19
C ARG E 53 35.88 -29.11 -27.43
N THR E 54 35.46 -30.05 -28.29
CA THR E 54 36.20 -30.28 -29.53
C THR E 54 36.04 -29.12 -30.51
N SER E 55 34.96 -28.34 -30.38
CA SER E 55 34.75 -27.19 -31.25
C SER E 55 35.51 -25.96 -30.78
N GLY E 56 35.85 -25.89 -29.49
CA GLY E 56 36.56 -24.74 -28.96
C GLY E 56 35.74 -23.48 -28.84
N TYR E 57 34.42 -23.59 -28.86
CA TYR E 57 33.57 -22.41 -28.67
C TYR E 57 33.73 -21.86 -27.26
N ASP E 58 33.81 -20.53 -27.16
CA ASP E 58 34.00 -19.85 -25.89
C ASP E 58 32.90 -18.81 -25.74
N ALA E 59 31.99 -19.02 -24.80
CA ALA E 59 30.84 -18.14 -24.64
C ALA E 59 31.21 -16.79 -24.03
N ARG E 60 32.47 -16.59 -23.66
CA ARG E 60 32.96 -15.31 -23.15
C ARG E 60 33.65 -14.48 -24.22
N ILE E 61 33.79 -15.00 -25.43
CA ILE E 61 34.44 -14.29 -26.54
C ILE E 61 33.37 -13.94 -27.56
N ARG E 62 33.26 -12.66 -27.89
CA ARG E 62 32.24 -12.20 -28.82
C ARG E 62 32.53 -12.74 -30.22
N PRO E 63 31.52 -12.82 -31.09
CA PRO E 63 31.80 -13.16 -32.49
C PRO E 63 32.62 -12.09 -33.18
N ASN E 64 33.44 -12.53 -34.13
CA ASN E 64 34.40 -11.68 -34.83
C ASN E 64 35.28 -10.93 -33.82
N PHE E 65 36.02 -11.71 -33.04
CA PHE E 65 36.75 -11.14 -31.91
C PHE E 65 37.87 -10.20 -32.36
N LYS E 66 38.46 -10.45 -33.53
CA LYS E 66 39.56 -9.62 -33.98
C LYS E 66 39.09 -8.34 -34.67
N GLY E 67 37.98 -8.39 -35.39
CA GLY E 67 37.66 -7.35 -36.33
C GLY E 67 36.42 -6.54 -36.00
N PRO E 68 35.49 -6.47 -36.94
CA PRO E 68 34.40 -5.47 -36.88
C PRO E 68 33.45 -5.77 -35.74
N PRO E 69 32.68 -4.77 -35.30
CA PRO E 69 31.79 -4.96 -34.15
C PRO E 69 30.60 -5.85 -34.49
N VAL E 70 30.00 -6.42 -33.45
CA VAL E 70 28.79 -7.22 -33.61
C VAL E 70 27.59 -6.28 -33.74
N ASN E 71 26.81 -6.45 -34.79
CA ASN E 71 25.60 -5.68 -35.00
C ASN E 71 24.39 -6.50 -34.51
N VAL E 72 23.65 -5.93 -33.57
CA VAL E 72 22.52 -6.61 -32.96
C VAL E 72 21.25 -5.85 -33.31
N THR E 73 20.30 -6.54 -33.92
CA THR E 73 19.02 -5.95 -34.32
C THR E 73 17.99 -6.29 -33.25
N CYS E 74 17.23 -5.29 -32.81
CA CYS E 74 16.32 -5.44 -31.69
C CYS E 74 14.88 -5.18 -32.11
N ASN E 75 13.98 -6.04 -31.64
CA ASN E 75 12.56 -5.77 -31.67
C ASN E 75 12.01 -5.78 -30.24
N ILE E 76 10.91 -5.05 -30.04
CA ILE E 76 10.17 -5.06 -28.79
C ILE E 76 8.68 -5.17 -29.09
N PHE E 77 8.01 -6.12 -28.43
CA PHE E 77 6.56 -6.23 -28.46
C PHE E 77 6.02 -5.99 -27.05
N ILE E 78 5.13 -5.03 -26.90
CA ILE E 78 4.65 -4.62 -25.58
C ILE E 78 3.32 -5.34 -25.35
N ASN E 79 3.31 -6.25 -24.37
CA ASN E 79 2.11 -7.00 -24.02
C ASN E 79 1.20 -6.19 -23.11
N SER E 80 1.77 -5.47 -22.14
CA SER E 80 1.00 -4.63 -21.25
C SER E 80 1.83 -3.44 -20.81
N PHE E 81 1.13 -2.43 -20.29
CA PHE E 81 1.68 -1.08 -20.15
C PHE E 81 0.79 -0.37 -19.14
N GLY E 82 1.33 -0.06 -17.97
CA GLY E 82 0.54 0.62 -16.96
C GLY E 82 1.32 0.86 -15.69
N SER E 83 0.57 1.07 -14.61
CA SER E 83 1.12 1.36 -13.28
C SER E 83 2.00 2.60 -13.32
N ILE E 84 1.49 3.65 -13.96
CA ILE E 84 2.20 4.91 -14.11
C ILE E 84 2.01 5.70 -12.82
N ALA E 85 3.08 5.83 -12.04
CA ALA E 85 3.01 6.39 -10.69
C ALA E 85 3.86 7.64 -10.62
N GLU E 86 3.29 8.71 -10.06
CA GLU E 86 4.03 9.95 -9.86
C GLU E 86 4.80 9.97 -8.53
N THR E 87 4.39 9.17 -7.56
CA THR E 87 5.09 9.14 -6.28
C THR E 87 6.47 8.50 -6.40
N THR E 88 6.62 7.55 -7.32
CA THR E 88 7.91 6.91 -7.57
C THR E 88 8.51 7.29 -8.91
N MET E 89 7.78 8.05 -9.73
CA MET E 89 8.25 8.51 -11.05
C MET E 89 8.69 7.35 -11.94
N ASP E 90 7.76 6.43 -12.17
CA ASP E 90 8.08 5.23 -12.93
C ASP E 90 6.80 4.64 -13.51
N TYR E 91 6.99 3.65 -14.39
CA TYR E 91 5.89 2.92 -15.00
C TYR E 91 6.32 1.49 -15.20
N ARG E 92 5.36 0.62 -15.53
CA ARG E 92 5.61 -0.81 -15.59
C ARG E 92 5.20 -1.34 -16.96
N VAL E 93 6.04 -2.19 -17.53
CA VAL E 93 5.75 -2.82 -18.81
C VAL E 93 6.05 -4.30 -18.73
N ASN E 94 5.36 -5.09 -19.57
CA ASN E 94 5.69 -6.48 -19.79
C ASN E 94 5.93 -6.65 -21.28
N ILE E 95 7.14 -7.09 -21.64
CA ILE E 95 7.52 -7.03 -23.05
C ILE E 95 8.10 -8.36 -23.50
N PHE E 96 8.10 -8.54 -24.81
CA PHE E 96 8.95 -9.49 -25.52
C PHE E 96 10.10 -8.69 -26.10
N LEU E 97 11.33 -9.17 -25.87
CA LEU E 97 12.53 -8.57 -26.41
C LEU E 97 13.19 -9.58 -27.32
N ARG E 98 13.33 -9.23 -28.60
CA ARG E 98 13.97 -10.10 -29.57
C ARG E 98 15.27 -9.45 -30.03
N GLN E 99 16.34 -10.22 -30.02
CA GLN E 99 17.63 -9.79 -30.51
C GLN E 99 18.10 -10.75 -31.60
N LYS E 100 18.70 -10.20 -32.65
CA LYS E 100 19.23 -11.02 -33.73
C LYS E 100 20.65 -10.55 -34.00
N TRP E 101 21.57 -11.51 -34.12
CA TRP E 101 22.94 -11.20 -34.52
C TRP E 101 23.48 -12.37 -35.33
N ASN E 102 24.76 -12.29 -35.69
CA ASN E 102 25.41 -13.34 -36.45
C ASN E 102 26.63 -13.83 -35.68
N ASP E 103 26.75 -15.15 -35.55
CA ASP E 103 27.91 -15.77 -34.93
C ASP E 103 28.50 -16.76 -35.94
N PRO E 104 29.59 -16.41 -36.63
CA PRO E 104 30.12 -17.31 -37.66
C PRO E 104 30.77 -18.57 -37.10
N ARG E 105 30.98 -18.66 -35.79
CA ARG E 105 31.38 -19.93 -35.19
C ARG E 105 30.25 -20.93 -35.10
N LEU E 106 29.00 -20.49 -35.29
CA LEU E 106 27.84 -21.35 -35.15
C LEU E 106 27.25 -21.78 -36.49
N ALA E 107 27.95 -21.53 -37.59
CA ALA E 107 27.45 -21.93 -38.90
C ALA E 107 27.61 -23.44 -39.07
N TYR E 108 26.55 -24.10 -39.53
CA TYR E 108 26.55 -25.53 -39.77
C TYR E 108 25.96 -25.83 -41.14
N SER E 109 26.48 -26.87 -41.78
CA SER E 109 26.00 -27.36 -43.06
C SER E 109 25.60 -28.83 -43.05
N GLU E 110 26.19 -29.64 -42.17
CA GLU E 110 25.97 -31.09 -42.18
C GLU E 110 24.52 -31.43 -41.89
N TYR E 111 23.97 -30.76 -40.86
CA TYR E 111 22.60 -31.09 -40.38
C TYR E 111 21.52 -30.81 -41.43
N PRO E 112 20.51 -31.69 -41.62
CA PRO E 112 19.49 -31.49 -42.65
C PRO E 112 18.57 -30.31 -42.35
N ASP E 113 18.29 -30.04 -41.07
CA ASP E 113 17.30 -29.04 -40.72
C ASP E 113 17.87 -27.64 -40.85
N ASP E 114 16.98 -26.68 -41.10
CA ASP E 114 17.43 -25.31 -41.35
C ASP E 114 17.72 -24.56 -40.05
N SER E 115 17.09 -24.95 -38.94
CA SER E 115 17.26 -24.26 -37.68
C SER E 115 17.51 -25.27 -36.57
N LEU E 116 18.18 -24.79 -35.51
CA LEU E 116 18.37 -25.55 -34.29
C LEU E 116 17.88 -24.72 -33.11
N ASP E 117 17.41 -25.40 -32.06
CA ASP E 117 16.88 -24.74 -30.86
C ASP E 117 17.71 -25.14 -29.65
N LEU E 118 18.15 -24.14 -28.89
CA LEU E 118 18.92 -24.37 -27.68
C LEU E 118 18.00 -24.44 -26.47
N ASP E 119 18.31 -25.33 -25.55
CA ASP E 119 17.47 -25.49 -24.36
C ASP E 119 17.64 -24.27 -23.46
N PRO E 120 16.55 -23.73 -22.91
CA PRO E 120 16.69 -22.56 -22.04
C PRO E 120 17.45 -22.82 -20.74
N SER E 121 17.78 -24.08 -20.42
CA SER E 121 18.63 -24.34 -19.27
C SER E 121 20.11 -24.23 -19.59
N MET E 122 20.49 -24.32 -20.86
CA MET E 122 21.89 -24.26 -21.28
C MET E 122 22.20 -22.99 -22.04
N LEU E 123 21.51 -21.89 -21.73
CA LEU E 123 21.78 -20.63 -22.43
C LEU E 123 23.15 -20.06 -22.08
N ASP E 124 23.77 -20.53 -21.00
CA ASP E 124 25.11 -20.05 -20.64
C ASP E 124 26.22 -20.67 -21.48
N SER E 125 25.87 -21.52 -22.45
CA SER E 125 26.85 -22.14 -23.33
C SER E 125 27.08 -21.34 -24.60
N ILE E 126 26.38 -20.22 -24.78
CA ILE E 126 26.45 -19.42 -25.99
C ILE E 126 26.70 -17.97 -25.62
N TRP E 127 27.44 -17.27 -26.49
CA TRP E 127 27.65 -15.85 -26.29
C TRP E 127 26.37 -15.08 -26.54
N LYS E 128 26.08 -14.13 -25.66
CA LYS E 128 24.91 -13.26 -25.84
C LYS E 128 25.32 -11.83 -25.54
N PRO E 129 24.69 -10.85 -26.18
CA PRO E 129 24.98 -9.45 -25.86
C PRO E 129 24.61 -9.12 -24.42
N ASP E 130 25.36 -8.20 -23.83
CA ASP E 130 25.14 -7.82 -22.43
C ASP E 130 24.25 -6.57 -22.37
N LEU E 131 23.07 -6.71 -22.98
CA LEU E 131 22.09 -5.63 -22.98
C LEU E 131 21.58 -5.37 -21.57
N PHE E 132 21.26 -4.12 -21.30
CA PHE E 132 20.56 -3.76 -20.07
C PHE E 132 19.77 -2.49 -20.31
N PHE E 133 18.78 -2.26 -19.46
CA PHE E 133 17.87 -1.13 -19.59
C PHE E 133 18.36 -0.02 -18.68
N ALA E 134 18.77 1.10 -19.27
CA ALA E 134 19.53 2.11 -18.56
C ALA E 134 18.71 2.87 -17.54
N ASN E 135 17.38 2.92 -17.69
CA ASN E 135 16.51 3.60 -16.75
C ASN E 135 15.64 2.62 -15.96
N GLU E 136 16.11 1.39 -15.80
CA GLU E 136 15.34 0.36 -15.12
C GLU E 136 15.60 0.41 -13.62
N LYS E 137 14.53 0.47 -12.83
CA LYS E 137 14.63 0.40 -11.37
C LYS E 137 14.39 -1.00 -10.84
N GLY E 138 13.70 -1.86 -11.59
CA GLY E 138 13.44 -3.23 -11.18
C GLY E 138 12.93 -4.06 -12.33
N ALA E 139 13.32 -5.33 -12.40
CA ALA E 139 12.99 -6.17 -13.54
C ALA E 139 13.13 -7.63 -13.15
N ASN E 140 12.42 -8.50 -13.88
CA ASN E 140 12.46 -9.92 -13.61
C ASN E 140 12.08 -10.71 -14.85
N PHE E 141 12.64 -11.91 -14.97
CA PHE E 141 12.25 -12.87 -15.99
C PHE E 141 10.94 -13.55 -15.59
N HIS E 142 10.48 -14.48 -16.43
CA HIS E 142 9.25 -15.22 -16.20
C HIS E 142 9.59 -16.71 -16.31
N GLU E 143 9.06 -17.51 -15.37
CA GLU E 143 9.46 -18.91 -15.32
C GLU E 143 8.34 -19.90 -15.08
N VAL E 144 7.07 -19.48 -15.06
CA VAL E 144 6.00 -20.40 -14.65
C VAL E 144 5.66 -21.31 -15.82
N THR E 145 5.48 -22.60 -15.52
CA THR E 145 5.64 -23.70 -16.48
C THR E 145 7.08 -23.52 -16.99
N THR E 146 7.37 -23.62 -18.29
CA THR E 146 8.78 -23.73 -18.65
C THR E 146 9.40 -22.33 -18.64
N ASP E 147 10.71 -22.21 -18.83
CA ASP E 147 11.38 -20.89 -18.93
C ASP E 147 10.86 -20.13 -20.15
N ASN E 148 10.50 -18.87 -20.00
CA ASN E 148 9.91 -18.06 -21.07
C ASN E 148 10.99 -17.50 -21.98
N LYS E 149 11.87 -18.36 -22.50
CA LYS E 149 13.00 -17.94 -23.30
C LYS E 149 13.10 -18.81 -24.55
N LEU E 150 13.78 -18.29 -25.56
CA LEU E 150 13.84 -18.98 -26.85
C LEU E 150 15.09 -18.54 -27.57
N LEU E 151 15.75 -19.48 -28.24
CA LEU E 151 16.96 -19.21 -28.99
C LEU E 151 17.05 -20.15 -30.18
N ARG E 152 17.21 -19.59 -31.38
CA ARG E 152 17.30 -20.37 -32.60
C ARG E 152 18.57 -20.00 -33.33
N ILE E 153 19.26 -21.01 -33.86
CA ILE E 153 20.49 -20.85 -34.62
C ILE E 153 20.24 -21.36 -36.03
N PHE E 154 20.45 -20.49 -37.02
CA PHE E 154 20.18 -20.85 -38.41
C PHE E 154 21.47 -21.36 -39.05
N LYS E 155 21.35 -21.85 -40.30
CA LYS E 155 22.50 -22.47 -40.96
C LYS E 155 23.61 -21.46 -41.20
N ASN E 156 23.26 -20.24 -41.60
CA ASN E 156 24.28 -19.21 -41.87
C ASN E 156 25.02 -18.81 -40.61
N GLY E 157 24.48 -19.15 -39.43
CA GLY E 157 25.02 -18.77 -38.15
C GLY E 157 24.25 -17.64 -37.47
N ASN E 158 23.18 -17.16 -38.08
CA ASN E 158 22.38 -16.11 -37.45
C ASN E 158 21.70 -16.66 -36.21
N VAL E 159 21.67 -15.85 -35.15
CA VAL E 159 21.08 -16.20 -33.88
C VAL E 159 19.87 -15.30 -33.66
N LEU E 160 18.75 -15.89 -33.27
CA LEU E 160 17.56 -15.19 -32.84
C LEU E 160 17.29 -15.56 -31.38
N TYR E 161 17.14 -14.55 -30.53
CA TYR E 161 17.07 -14.75 -29.09
C TYR E 161 15.90 -13.91 -28.57
N SER E 162 14.83 -14.58 -28.19
CA SER E 162 13.60 -13.92 -27.78
C SER E 162 13.29 -14.29 -26.34
N ILE E 163 13.09 -13.26 -25.51
CA ILE E 163 12.78 -13.46 -24.10
C ILE E 163 11.60 -12.59 -23.72
N ARG E 164 10.95 -12.96 -22.62
CA ARG E 164 9.79 -12.24 -22.10
C ARG E 164 10.09 -11.80 -20.68
N LEU E 165 9.79 -10.54 -20.38
CA LEU E 165 10.29 -9.99 -19.13
C LEU E 165 9.48 -8.77 -18.73
N THR E 166 9.45 -8.51 -17.42
CA THR E 166 8.72 -7.39 -16.85
C THR E 166 9.73 -6.33 -16.40
N LEU E 167 9.40 -5.06 -16.65
CA LEU E 167 10.26 -3.95 -16.30
C LEU E 167 9.49 -2.91 -15.51
N THR E 168 10.20 -2.29 -14.57
CA THR E 168 9.78 -1.05 -13.94
C THR E 168 10.80 -0.01 -14.39
N LEU E 169 10.38 0.92 -15.23
CA LEU E 169 11.27 1.91 -15.82
C LEU E 169 10.97 3.29 -15.27
N SER E 170 12.03 4.05 -15.03
CA SER E 170 11.88 5.40 -14.50
C SER E 170 11.49 6.35 -15.62
N CYS E 171 10.55 7.23 -15.33
CA CYS E 171 10.30 8.39 -16.17
C CYS E 171 10.07 9.63 -15.32
N PRO E 172 10.94 10.63 -15.43
CA PRO E 172 10.66 11.93 -14.80
C PRO E 172 9.41 12.58 -15.39
N MET E 173 8.51 13.00 -14.51
CA MET E 173 7.29 13.69 -14.85
C MET E 173 7.35 15.12 -14.32
N ASP E 174 6.70 16.02 -15.05
CA ASP E 174 6.71 17.44 -14.70
C ASP E 174 5.51 17.75 -13.81
N LEU E 175 4.30 17.53 -14.31
CA LEU E 175 3.01 17.66 -13.64
C LEU E 175 2.61 19.11 -13.39
N LYS E 176 3.43 20.09 -13.75
CA LYS E 176 2.89 21.41 -14.02
C LYS E 176 1.99 21.29 -15.25
N ASN E 177 1.00 22.18 -15.35
CA ASN E 177 -0.04 22.05 -16.39
C ASN E 177 -0.84 20.76 -16.22
N PHE E 178 -1.15 20.41 -14.96
CA PHE E 178 -1.46 19.02 -14.61
C PHE E 178 -2.67 18.44 -15.30
N PRO E 179 -3.86 19.06 -15.31
CA PRO E 179 -4.98 18.37 -15.96
C PRO E 179 -4.70 18.15 -17.43
N MET E 180 -3.97 19.08 -18.04
CA MET E 180 -3.74 19.15 -19.47
C MET E 180 -2.27 18.84 -19.77
N ASP E 181 -1.65 17.93 -19.00
CA ASP E 181 -0.25 17.60 -19.22
C ASP E 181 -0.09 16.50 -20.26
N VAL E 182 1.11 16.44 -20.82
CA VAL E 182 1.52 15.39 -21.75
C VAL E 182 2.91 14.93 -21.33
N GLN E 183 3.06 13.61 -21.16
CA GLN E 183 4.31 13.03 -20.70
C GLN E 183 4.93 12.18 -21.79
N THR E 184 6.25 12.00 -21.68
CA THR E 184 7.01 11.20 -22.63
C THR E 184 7.85 10.18 -21.85
N CYS E 185 7.47 8.91 -21.94
CA CYS E 185 8.19 7.84 -21.26
C CYS E 185 9.18 7.23 -22.25
N ILE E 186 10.41 6.99 -21.80
CA ILE E 186 11.41 6.43 -22.69
C ILE E 186 11.83 5.04 -22.22
N MET E 187 12.57 4.36 -23.09
CA MET E 187 13.12 3.04 -22.82
C MET E 187 14.45 2.96 -23.54
N GLN E 188 15.53 2.77 -22.79
CA GLN E 188 16.88 2.80 -23.34
C GLN E 188 17.52 1.42 -23.24
N LEU E 189 18.13 0.98 -24.35
CA LEU E 189 18.76 -0.33 -24.46
C LEU E 189 20.24 -0.08 -24.67
N GLU E 190 21.03 -0.30 -23.61
CA GLU E 190 22.45 0.00 -23.61
C GLU E 190 23.25 -1.29 -23.46
N SER E 191 24.52 -1.25 -23.87
CA SER E 191 25.45 -2.30 -23.52
C SER E 191 26.17 -1.97 -22.20
N PHE E 192 26.52 -3.01 -21.46
CA PHE E 192 27.05 -2.76 -20.12
C PHE E 192 28.57 -2.60 -20.12
N GLY E 193 29.28 -3.42 -20.87
CA GLY E 193 30.73 -3.38 -20.84
C GLY E 193 31.41 -3.56 -22.19
N TYR E 194 30.72 -3.20 -23.26
CA TYR E 194 31.28 -3.27 -24.61
C TYR E 194 31.22 -1.90 -25.25
N THR E 195 32.32 -1.47 -25.87
CA THR E 195 32.33 -0.18 -26.55
C THR E 195 31.84 -0.33 -27.98
N MET E 196 31.59 0.81 -28.63
CA MET E 196 30.97 0.80 -29.95
C MET E 196 31.86 0.24 -31.05
N ASN E 197 33.14 -0.05 -30.76
CA ASN E 197 33.96 -0.80 -31.70
C ASN E 197 33.90 -2.30 -31.45
N ASP E 198 33.03 -2.74 -30.54
CA ASP E 198 32.82 -4.16 -30.28
C ASP E 198 31.36 -4.58 -30.41
N LEU E 199 30.42 -3.70 -30.09
CA LEU E 199 29.01 -4.07 -30.03
C LEU E 199 28.17 -2.85 -30.40
N ILE E 200 27.25 -3.03 -31.34
CA ILE E 200 26.37 -1.96 -31.82
C ILE E 200 24.95 -2.49 -31.81
N PHE E 201 24.03 -1.70 -31.25
CA PHE E 201 22.61 -2.05 -31.28
C PHE E 201 21.93 -1.26 -32.40
N GLU E 202 20.98 -1.91 -33.08
CA GLU E 202 20.19 -1.24 -34.10
C GLU E 202 18.73 -1.61 -33.96
N TRP E 203 17.85 -0.66 -34.26
CA TRP E 203 16.42 -0.94 -34.31
C TRP E 203 16.11 -1.64 -35.63
N GLN E 204 15.21 -2.61 -35.59
CA GLN E 204 14.80 -3.29 -36.81
C GLN E 204 14.13 -2.30 -37.76
N ASP E 205 14.41 -2.43 -39.05
CA ASP E 205 13.91 -1.45 -40.02
C ASP E 205 12.39 -1.51 -40.15
N GLU E 206 11.81 -2.70 -40.23
CA GLU E 206 10.39 -2.81 -40.56
C GLU E 206 9.49 -2.37 -39.41
N ALA E 207 9.59 -3.04 -38.25
CA ALA E 207 8.71 -2.77 -37.12
C ALA E 207 9.43 -3.13 -35.82
N PRO E 208 10.15 -2.17 -35.24
CA PRO E 208 10.94 -2.48 -34.03
C PRO E 208 10.14 -2.52 -32.75
N VAL E 209 9.19 -1.61 -32.57
CA VAL E 209 8.31 -1.57 -31.42
C VAL E 209 6.84 -1.69 -31.83
N GLN E 210 6.17 -2.70 -31.30
CA GLN E 210 4.76 -2.94 -31.53
C GLN E 210 4.05 -3.00 -30.18
N VAL E 211 2.79 -2.59 -30.17
CA VAL E 211 1.96 -2.64 -28.96
C VAL E 211 0.76 -3.53 -29.24
N ALA E 212 0.45 -4.41 -28.30
CA ALA E 212 -0.72 -5.26 -28.43
C ALA E 212 -1.99 -4.43 -28.42
N GLU E 213 -3.02 -4.94 -29.09
CA GLU E 213 -4.29 -4.23 -29.20
C GLU E 213 -5.09 -4.39 -27.92
N GLY E 214 -6.00 -3.44 -27.69
CA GLY E 214 -6.94 -3.52 -26.60
C GLY E 214 -6.43 -2.99 -25.27
N LEU E 215 -5.19 -2.53 -25.20
CA LEU E 215 -4.66 -2.00 -23.95
C LEU E 215 -5.37 -0.70 -23.59
N THR E 216 -5.59 -0.51 -22.29
CA THR E 216 -6.22 0.69 -21.77
C THR E 216 -5.47 1.17 -20.54
N LEU E 217 -5.67 2.44 -20.18
CA LEU E 217 -5.01 3.04 -19.05
C LEU E 217 -6.02 3.85 -18.26
N PRO E 218 -5.95 3.80 -16.92
CA PRO E 218 -6.93 4.55 -16.12
C PRO E 218 -6.80 6.06 -16.26
N GLN E 219 -5.61 6.56 -16.54
CA GLN E 219 -5.38 8.00 -16.55
C GLN E 219 -4.94 8.55 -17.90
N PHE E 220 -4.17 7.80 -18.68
CA PHE E 220 -3.54 8.35 -19.86
C PHE E 220 -4.09 7.71 -21.13
N LEU E 221 -3.63 8.25 -22.26
CA LEU E 221 -3.87 7.70 -23.58
C LEU E 221 -2.52 7.58 -24.28
N LEU E 222 -2.12 6.34 -24.56
CA LEU E 222 -0.85 6.05 -25.22
C LEU E 222 -1.00 6.35 -26.70
N LYS E 223 -0.29 7.36 -27.20
CA LYS E 223 -0.41 7.74 -28.59
C LYS E 223 0.19 6.67 -29.50
N GLU E 224 -0.23 6.70 -30.77
CA GLU E 224 0.21 5.69 -31.73
C GLU E 224 1.60 5.99 -32.26
N GLU E 225 2.07 7.24 -32.14
CA GLU E 225 3.31 7.67 -32.76
C GLU E 225 4.42 7.52 -31.75
N LYS E 226 5.51 6.89 -32.16
CA LYS E 226 6.61 6.52 -31.27
C LYS E 226 7.93 6.95 -31.89
N ASP E 227 8.86 7.36 -31.04
CA ASP E 227 10.13 7.90 -31.52
C ASP E 227 11.20 6.84 -31.35
N LEU E 228 11.99 6.62 -32.40
CA LEU E 228 13.15 5.75 -32.34
C LEU E 228 14.40 6.61 -32.42
N ARG E 229 15.25 6.54 -31.40
CA ARG E 229 16.33 7.49 -31.23
C ARG E 229 17.65 6.75 -31.04
N TYR E 230 18.71 7.56 -31.03
CA TYR E 230 20.08 7.11 -30.79
C TYR E 230 20.61 7.99 -29.66
N CYS E 231 20.90 7.38 -28.51
CA CYS E 231 21.43 8.13 -27.39
C CYS E 231 22.78 7.53 -26.97
N THR E 232 23.73 7.55 -27.90
CA THR E 232 25.05 6.97 -27.65
C THR E 232 25.71 7.66 -26.47
N LYS E 233 26.18 6.85 -25.52
CA LYS E 233 26.84 7.38 -24.33
C LYS E 233 28.31 7.64 -24.64
N HIS E 234 28.78 8.83 -24.29
CA HIS E 234 30.19 9.17 -24.37
C HIS E 234 30.73 9.26 -22.94
N TYR E 235 31.60 8.33 -22.58
CA TYR E 235 32.23 8.28 -21.27
C TYR E 235 33.73 8.40 -21.43
N ASN E 236 34.45 8.20 -20.32
CA ASN E 236 35.90 8.19 -20.35
C ASN E 236 36.43 6.90 -20.97
N THR E 237 35.72 5.79 -20.77
CA THR E 237 36.14 4.52 -21.35
C THR E 237 35.93 4.50 -22.86
N GLY E 238 34.94 5.21 -23.37
CA GLY E 238 34.71 5.27 -24.80
C GLY E 238 33.24 5.41 -25.10
N LYS E 239 32.89 5.12 -26.36
CA LYS E 239 31.52 5.22 -26.84
C LYS E 239 30.81 3.90 -26.58
N PHE E 240 29.61 3.97 -26.01
CA PHE E 240 28.81 2.79 -25.69
C PHE E 240 27.48 2.89 -26.42
N THR E 241 27.12 1.81 -27.11
CA THR E 241 25.92 1.81 -27.92
C THR E 241 24.67 1.89 -27.02
N CYS E 242 23.69 2.66 -27.47
CA CYS E 242 22.45 2.83 -26.72
C CYS E 242 21.39 3.29 -27.70
N ILE E 243 20.31 2.52 -27.80
CA ILE E 243 19.18 2.90 -28.65
C ILE E 243 17.98 3.16 -27.75
N GLU E 244 17.02 3.95 -28.25
CA GLU E 244 16.01 4.42 -27.32
C GLU E 244 14.67 4.53 -28.05
N VAL E 245 13.59 4.29 -27.30
CA VAL E 245 12.26 4.52 -27.81
C VAL E 245 11.50 5.45 -26.88
N ARG E 246 10.74 6.38 -27.47
CA ARG E 246 9.92 7.31 -26.70
C ARG E 246 8.46 7.02 -27.01
N PHE E 247 7.64 6.98 -25.96
CA PHE E 247 6.19 6.83 -26.03
C PHE E 247 5.56 8.11 -25.50
N HIS E 248 4.48 8.54 -26.16
CA HIS E 248 3.81 9.78 -25.82
C HIS E 248 2.49 9.47 -25.13
N LEU E 249 2.20 10.19 -24.05
CA LEU E 249 1.04 9.89 -23.20
C LEU E 249 0.30 11.18 -22.93
N GLU E 250 -1.01 11.20 -23.25
CA GLU E 250 -1.81 12.39 -23.02
C GLU E 250 -2.88 12.09 -21.99
N ARG E 251 -2.98 12.93 -20.96
CA ARG E 251 -3.96 12.70 -19.92
C ARG E 251 -5.36 13.01 -20.42
N GLN E 252 -6.34 12.22 -20.01
CA GLN E 252 -7.73 12.51 -20.34
C GLN E 252 -8.27 13.56 -19.36
N MET E 253 -9.24 14.34 -19.84
CA MET E 253 -9.70 15.50 -19.08
C MET E 253 -11.16 15.44 -18.62
N GLY E 254 -11.92 14.41 -19.01
CA GLY E 254 -13.36 14.46 -18.78
C GLY E 254 -13.74 14.47 -17.31
N TYR E 255 -13.03 13.71 -16.48
CA TYR E 255 -13.33 13.66 -15.06
C TYR E 255 -13.00 14.99 -14.39
N TYR E 256 -11.84 15.56 -14.69
CA TYR E 256 -11.41 16.80 -14.07
C TYR E 256 -12.34 17.95 -14.45
N LEU E 257 -12.80 17.96 -15.70
CA LEU E 257 -13.77 18.96 -16.15
C LEU E 257 -15.11 18.80 -15.45
N ILE E 258 -15.66 17.58 -15.43
CA ILE E 258 -17.01 17.39 -14.93
C ILE E 258 -17.09 17.43 -13.39
N GLN E 259 -16.00 17.13 -12.69
CA GLN E 259 -16.02 17.06 -11.24
C GLN E 259 -15.31 18.20 -10.52
N MET E 260 -14.37 18.89 -11.17
CA MET E 260 -13.62 19.96 -10.53
C MET E 260 -13.83 21.32 -11.17
N TYR E 261 -13.74 21.42 -12.50
CA TYR E 261 -13.80 22.74 -13.14
C TYR E 261 -15.22 23.30 -13.21
N ILE E 262 -16.17 22.50 -13.67
CA ILE E 262 -17.55 22.95 -13.78
C ILE E 262 -18.19 23.20 -12.42
N PRO E 263 -18.06 22.32 -11.40
CA PRO E 263 -18.62 22.69 -10.09
C PRO E 263 -18.02 23.96 -9.50
N SER E 264 -16.70 24.17 -9.64
CA SER E 264 -16.10 25.42 -9.22
C SER E 264 -16.69 26.60 -9.98
N LEU E 265 -16.97 26.41 -11.26
CA LEU E 265 -17.49 27.52 -12.04
C LEU E 265 -18.92 27.83 -11.62
N LEU E 266 -19.68 26.81 -11.24
CA LEU E 266 -21.04 27.06 -10.80
C LEU E 266 -21.03 27.75 -9.45
N ILE E 267 -20.06 27.42 -8.59
CA ILE E 267 -19.98 28.08 -7.29
C ILE E 267 -19.62 29.55 -7.49
N VAL E 268 -18.75 29.84 -8.46
CA VAL E 268 -18.40 31.23 -8.75
C VAL E 268 -19.62 31.97 -9.28
N ILE E 269 -20.42 31.31 -10.13
CA ILE E 269 -21.61 31.99 -10.64
C ILE E 269 -22.59 32.26 -9.50
N LEU E 270 -22.69 31.30 -8.57
CA LEU E 270 -23.60 31.45 -7.44
C LEU E 270 -23.18 32.61 -6.54
N SER E 271 -21.87 32.88 -6.48
CA SER E 271 -21.41 34.03 -5.71
C SER E 271 -21.82 35.37 -6.34
N TRP E 272 -22.09 35.39 -7.64
CA TRP E 272 -22.53 36.61 -8.32
C TRP E 272 -23.99 36.92 -8.08
N VAL E 273 -24.78 35.96 -7.59
CA VAL E 273 -26.19 36.21 -7.34
C VAL E 273 -26.43 37.12 -6.15
N SER E 274 -25.40 37.36 -5.33
CA SER E 274 -25.52 38.37 -4.28
C SER E 274 -25.80 39.76 -4.84
N PHE E 275 -25.32 40.05 -6.05
CA PHE E 275 -25.46 41.38 -6.62
C PHE E 275 -26.89 41.71 -7.07
N TRP E 276 -27.73 40.71 -7.26
CA TRP E 276 -29.13 40.94 -7.63
C TRP E 276 -30.08 40.87 -6.45
N ILE E 277 -29.56 40.70 -5.24
CA ILE E 277 -30.37 40.65 -4.03
C ILE E 277 -30.45 42.04 -3.43
N ASN E 278 -31.58 42.34 -2.80
CA ASN E 278 -31.86 43.66 -2.22
C ASN E 278 -30.74 44.07 -1.28
N MET E 279 -30.40 45.36 -1.32
CA MET E 279 -29.26 45.85 -0.54
C MET E 279 -29.47 45.72 0.96
N ASP E 280 -30.72 45.79 1.42
CA ASP E 280 -30.99 45.80 2.85
C ASP E 280 -31.14 44.39 3.43
N ALA E 281 -30.88 43.36 2.64
CA ALA E 281 -31.02 41.97 3.09
C ALA E 281 -29.66 41.44 3.58
N ALA E 282 -29.21 42.02 4.69
CA ALA E 282 -27.89 41.67 5.23
C ALA E 282 -27.76 40.21 5.63
N PRO E 283 -28.69 39.58 6.37
CA PRO E 283 -28.53 38.15 6.67
C PRO E 283 -28.53 37.25 5.46
N ALA E 284 -29.26 37.63 4.41
CA ALA E 284 -29.28 36.84 3.17
C ALA E 284 -27.98 36.98 2.40
N ARG E 285 -27.50 38.21 2.22
CA ARG E 285 -26.35 38.38 1.35
C ARG E 285 -25.08 37.94 2.08
N VAL E 286 -25.00 38.21 3.38
CA VAL E 286 -23.83 37.79 4.15
C VAL E 286 -23.78 36.26 4.23
N ALA E 287 -24.92 35.63 4.53
CA ALA E 287 -24.91 34.18 4.66
C ALA E 287 -24.65 33.50 3.32
N LEU E 288 -25.20 34.03 2.22
CA LEU E 288 -24.88 33.49 0.91
C LEU E 288 -23.40 33.66 0.58
N GLY E 289 -22.81 34.79 0.95
CA GLY E 289 -21.39 35.00 0.66
C GLY E 289 -20.50 34.04 1.43
N ILE E 290 -20.77 33.87 2.72
CA ILE E 290 -19.86 33.04 3.49
C ILE E 290 -20.15 31.58 3.20
N THR E 291 -21.38 31.21 2.91
CA THR E 291 -21.63 29.81 2.60
C THR E 291 -21.04 29.46 1.23
N THR E 292 -20.99 30.44 0.32
CA THR E 292 -20.31 30.21 -0.96
C THR E 292 -18.82 30.00 -0.75
N VAL E 293 -18.22 30.75 0.18
CA VAL E 293 -16.81 30.54 0.52
C VAL E 293 -16.59 29.17 1.15
N LEU E 294 -17.50 28.74 2.02
CA LEU E 294 -17.40 27.42 2.63
C LEU E 294 -17.58 26.30 1.61
N THR E 295 -18.53 26.47 0.68
CA THR E 295 -18.71 25.50 -0.38
C THR E 295 -17.47 25.40 -1.27
N MET E 296 -16.89 26.56 -1.58
CA MET E 296 -15.64 26.59 -2.33
C MET E 296 -14.54 25.84 -1.59
N THR E 297 -14.53 25.97 -0.25
CA THR E 297 -13.49 25.34 0.56
C THR E 297 -13.67 23.83 0.61
N THR E 298 -14.91 23.36 0.79
CA THR E 298 -15.16 21.92 0.82
C THR E 298 -14.90 21.30 -0.55
N GLN E 299 -15.20 22.03 -1.63
CA GLN E 299 -14.91 21.53 -2.97
C GLN E 299 -13.42 21.32 -3.18
N SER E 300 -12.61 22.29 -2.73
CA SER E 300 -11.16 22.13 -2.89
C SER E 300 -10.60 21.07 -1.93
N SER E 301 -11.11 21.03 -0.69
CA SER E 301 -10.55 20.08 0.26
C SER E 301 -10.89 18.65 -0.17
N GLY E 302 -12.12 18.44 -0.69
CA GLY E 302 -12.45 17.11 -1.17
C GLY E 302 -11.66 16.77 -2.41
N SER E 303 -11.35 17.78 -3.25
CA SER E 303 -10.58 17.48 -4.46
C SER E 303 -9.15 17.11 -4.13
N ARG E 304 -8.65 17.52 -2.96
CA ARG E 304 -7.22 17.40 -2.67
C ARG E 304 -6.75 15.95 -2.56
N ALA E 305 -7.64 15.02 -2.18
CA ALA E 305 -7.23 13.63 -2.02
C ALA E 305 -7.02 12.90 -3.34
N SER E 306 -7.66 13.34 -4.42
CA SER E 306 -7.54 12.64 -5.69
C SER E 306 -6.35 13.11 -6.51
N LEU E 307 -5.88 14.33 -6.30
CA LEU E 307 -4.83 14.91 -7.11
C LEU E 307 -3.46 14.33 -6.74
N PRO E 308 -2.49 14.39 -7.66
CA PRO E 308 -1.13 13.96 -7.34
C PRO E 308 -0.51 14.80 -6.24
N LYS E 309 0.29 14.16 -5.39
CA LYS E 309 0.91 14.81 -4.25
C LYS E 309 2.29 15.31 -4.66
N VAL E 310 2.36 16.61 -4.99
CA VAL E 310 3.60 17.28 -5.36
C VAL E 310 3.68 18.58 -4.57
N SER E 311 4.88 19.16 -4.52
CA SER E 311 5.09 20.35 -3.72
C SER E 311 5.00 21.65 -4.51
N TYR E 312 4.96 21.61 -5.84
CA TYR E 312 4.88 22.82 -6.63
C TYR E 312 3.46 23.05 -7.13
N VAL E 313 3.25 24.24 -7.69
CA VAL E 313 1.93 24.65 -8.16
C VAL E 313 1.59 24.02 -9.50
N LYS E 314 0.36 23.54 -9.64
CA LYS E 314 -0.15 22.95 -10.87
C LYS E 314 -1.25 23.84 -11.41
N ALA E 315 -1.63 23.61 -12.67
CA ALA E 315 -2.64 24.47 -13.30
C ALA E 315 -3.96 24.42 -12.55
N ILE E 316 -4.32 23.24 -12.04
CA ILE E 316 -5.56 23.09 -11.28
C ILE E 316 -5.51 23.96 -10.04
N ASP E 317 -4.33 24.05 -9.41
CA ASP E 317 -4.18 24.87 -8.22
C ASP E 317 -4.38 26.34 -8.54
N ILE E 318 -3.92 26.78 -9.71
CA ILE E 318 -4.14 28.17 -10.15
C ILE E 318 -5.62 28.43 -10.31
N TRP E 319 -6.34 27.47 -10.90
CA TRP E 319 -7.78 27.62 -11.11
C TRP E 319 -8.51 27.69 -9.77
N MET E 320 -8.16 26.77 -8.86
CA MET E 320 -8.84 26.73 -7.54
C MET E 320 -8.54 28.02 -6.78
N ALA E 321 -7.31 28.55 -6.88
CA ALA E 321 -6.96 29.75 -6.13
C ALA E 321 -7.69 30.96 -6.66
N VAL E 322 -7.85 31.06 -7.98
CA VAL E 322 -8.54 32.21 -8.53
C VAL E 322 -10.04 32.15 -8.22
N CYS E 323 -10.63 30.95 -8.28
CA CYS E 323 -12.04 30.84 -7.92
C CYS E 323 -12.27 31.17 -6.44
N LEU E 324 -11.31 30.82 -5.58
CA LEU E 324 -11.41 31.23 -4.18
C LEU E 324 -11.27 32.75 -4.03
N LEU E 325 -10.39 33.37 -4.81
CA LEU E 325 -10.26 34.83 -4.72
C LEU E 325 -11.49 35.54 -5.26
N PHE E 326 -12.24 34.89 -6.15
CA PHE E 326 -13.44 35.49 -6.70
C PHE E 326 -14.58 35.44 -5.71
N VAL E 327 -14.74 34.30 -5.03
CA VAL E 327 -15.83 34.26 -4.05
C VAL E 327 -15.45 35.07 -2.80
N PHE E 328 -14.16 35.20 -2.50
CA PHE E 328 -13.74 36.07 -1.42
C PHE E 328 -14.04 37.54 -1.75
N SER E 329 -13.81 37.93 -3.01
CA SER E 329 -14.00 39.32 -3.38
C SER E 329 -15.47 39.67 -3.51
N ALA E 330 -16.33 38.69 -3.76
CA ALA E 330 -17.75 39.03 -3.86
C ALA E 330 -18.31 39.34 -2.47
N LEU E 331 -17.73 38.76 -1.42
CA LEU E 331 -18.16 39.06 -0.06
C LEU E 331 -17.58 40.38 0.42
N LEU E 332 -16.35 40.69 0.01
CA LEU E 332 -15.83 42.03 0.32
C LEU E 332 -16.61 43.12 -0.40
N GLU E 333 -17.20 42.83 -1.56
CA GLU E 333 -17.99 43.85 -2.25
C GLU E 333 -19.25 44.17 -1.45
N TYR E 334 -19.84 43.18 -0.79
CA TYR E 334 -21.00 43.47 0.02
C TYR E 334 -20.60 44.18 1.31
N ALA E 335 -19.43 43.83 1.87
CA ALA E 335 -18.97 44.56 3.05
C ALA E 335 -18.75 46.04 2.76
N ALA E 336 -18.28 46.35 1.55
CA ALA E 336 -18.14 47.75 1.14
C ALA E 336 -19.50 48.41 0.90
N VAL E 337 -20.45 47.68 0.32
CA VAL E 337 -21.75 48.29 0.07
C VAL E 337 -22.51 48.49 1.39
N ASN E 338 -22.42 47.52 2.29
CA ASN E 338 -23.12 47.60 3.56
C ASN E 338 -22.54 48.70 4.43
N PHE E 339 -21.23 48.97 4.30
CA PHE E 339 -20.67 50.01 5.16
C PHE E 339 -20.94 51.38 4.56
N VAL E 340 -20.84 51.51 3.24
CA VAL E 340 -21.06 52.81 2.60
C VAL E 340 -22.53 53.22 2.73
N SER E 341 -23.45 52.26 2.79
CA SER E 341 -24.87 52.60 2.81
C SER E 341 -25.27 53.30 4.11
N ARG E 342 -24.97 52.70 5.26
CA ARG E 342 -25.30 53.30 6.55
C ARG E 342 -24.23 54.31 6.92
N GLN E 343 -24.54 55.60 6.75
CA GLN E 343 -23.66 56.68 7.21
C GLN E 343 -24.44 57.74 7.98
N HIS E 344 -25.62 57.41 8.49
CA HIS E 344 -26.49 58.40 9.11
C HIS E 344 -27.26 57.80 10.28
N LYS E 419 -29.15 60.45 0.82
CA LYS E 419 -29.56 60.08 -0.53
C LYS E 419 -28.34 59.83 -1.41
N VAL E 420 -27.28 60.62 -1.19
CA VAL E 420 -26.05 60.45 -1.95
C VAL E 420 -25.37 59.13 -1.58
N PHE E 421 -25.39 58.77 -0.30
CA PHE E 421 -24.75 57.56 0.18
C PHE E 421 -25.48 56.30 -0.29
N ILE E 422 -26.80 56.35 -0.42
CA ILE E 422 -27.56 55.21 -0.96
C ILE E 422 -27.37 55.09 -2.47
N ASP E 423 -27.30 56.20 -3.18
CA ASP E 423 -27.04 56.13 -4.61
C ASP E 423 -25.63 55.62 -4.87
N ARG E 424 -24.67 56.09 -4.07
CA ARG E 424 -23.29 55.64 -4.23
C ARG E 424 -23.17 54.15 -3.92
N ALA E 425 -23.94 53.67 -2.93
CA ALA E 425 -23.84 52.25 -2.61
C ALA E 425 -24.50 51.40 -3.70
N LYS E 426 -25.57 51.92 -4.32
CA LYS E 426 -26.25 51.17 -5.38
C LYS E 426 -25.42 51.14 -6.65
N LYS E 427 -24.53 52.12 -6.83
CA LYS E 427 -23.69 52.12 -8.02
C LYS E 427 -22.62 51.04 -7.95
N ILE E 428 -22.11 50.74 -6.75
CA ILE E 428 -21.13 49.66 -6.64
C ILE E 428 -21.77 48.33 -7.00
N ASP E 429 -23.08 48.21 -6.77
CA ASP E 429 -23.77 46.97 -7.05
C ASP E 429 -23.98 46.82 -8.55
N THR E 430 -24.43 47.90 -9.19
CA THR E 430 -24.73 47.76 -10.60
C THR E 430 -23.44 47.65 -11.41
N ILE E 431 -22.35 48.28 -10.94
CA ILE E 431 -21.07 48.11 -11.61
C ILE E 431 -20.55 46.69 -11.42
N SER E 432 -20.73 46.11 -10.23
CA SER E 432 -20.24 44.77 -9.95
C SER E 432 -20.98 43.69 -10.71
N ARG E 433 -22.23 43.97 -11.11
CA ARG E 433 -23.03 43.01 -11.87
C ARG E 433 -22.44 42.74 -13.26
N ALA E 434 -21.78 43.72 -13.85
CA ALA E 434 -21.10 43.55 -15.13
C ALA E 434 -19.61 43.26 -14.95
N CYS E 435 -18.95 43.94 -14.02
CA CYS E 435 -17.50 43.79 -13.87
C CYS E 435 -17.09 42.39 -13.44
N PHE E 436 -17.77 41.79 -12.45
CA PHE E 436 -17.34 40.47 -11.99
C PHE E 436 -17.44 39.37 -13.06
N PRO E 437 -18.53 39.24 -13.83
CA PRO E 437 -18.51 38.26 -14.93
C PRO E 437 -17.51 38.60 -16.02
N LEU E 438 -17.27 39.88 -16.29
CA LEU E 438 -16.35 40.23 -17.35
C LEU E 438 -14.93 39.83 -16.99
N ALA E 439 -14.47 40.22 -15.79
CA ALA E 439 -13.12 39.87 -15.39
C ALA E 439 -12.96 38.37 -15.22
N PHE E 440 -14.04 37.65 -14.89
CA PHE E 440 -13.93 36.19 -14.85
C PHE E 440 -13.85 35.60 -16.25
N LEU E 441 -14.47 36.27 -17.23
CA LEU E 441 -14.37 35.83 -18.61
C LEU E 441 -12.96 36.03 -19.14
N ILE E 442 -12.36 37.19 -18.84
CA ILE E 442 -11.00 37.45 -19.28
C ILE E 442 -10.05 36.45 -18.64
N PHE E 443 -10.24 36.15 -17.35
CA PHE E 443 -9.38 35.15 -16.72
C PHE E 443 -9.54 33.81 -17.42
N ASN E 444 -10.78 33.45 -17.78
CA ASN E 444 -11.01 32.16 -18.41
C ASN E 444 -10.27 32.08 -19.74
N ILE E 445 -10.37 33.16 -20.52
CA ILE E 445 -9.76 33.21 -21.84
C ILE E 445 -8.25 33.04 -21.71
N PHE E 446 -7.65 33.78 -20.77
CA PHE E 446 -6.21 33.73 -20.60
C PHE E 446 -5.77 32.35 -20.12
N TYR E 447 -6.47 31.78 -19.15
CA TYR E 447 -6.06 30.50 -18.58
C TYR E 447 -6.10 29.42 -19.66
N TRP E 448 -7.21 29.35 -20.40
CA TRP E 448 -7.39 28.30 -21.38
C TRP E 448 -6.42 28.47 -22.54
N VAL E 449 -6.20 29.70 -23.05
CA VAL E 449 -5.21 29.83 -24.12
C VAL E 449 -3.80 29.50 -23.63
N ILE E 450 -3.40 29.94 -22.42
CA ILE E 450 -2.03 29.70 -21.97
C ILE E 450 -1.77 28.20 -21.84
N TYR E 451 -2.73 27.44 -21.32
CA TYR E 451 -2.43 26.04 -21.08
C TYR E 451 -2.82 25.13 -22.23
N LYS E 452 -3.79 25.51 -23.07
CA LYS E 452 -4.13 24.69 -24.21
C LYS E 452 -3.33 25.05 -25.46
N ILE E 453 -2.84 26.28 -25.57
CA ILE E 453 -2.13 26.68 -26.79
C ILE E 453 -0.67 27.04 -26.49
N LEU E 454 -0.46 28.08 -25.67
CA LEU E 454 0.93 28.57 -25.44
C LEU E 454 1.80 27.49 -24.80
N ARG E 455 1.48 27.06 -23.58
CA ARG E 455 2.31 26.05 -22.86
C ARG E 455 2.31 24.73 -23.62
N HIS E 456 1.22 24.41 -24.32
CA HIS E 456 1.17 23.19 -25.16
C HIS E 456 2.26 23.30 -26.24
N GLU E 457 3.12 22.28 -26.37
CA GLU E 457 4.26 22.39 -27.32
C GLU E 457 4.35 21.11 -28.16
N ASP E 458 5.08 21.16 -29.28
CA ASP E 458 5.28 19.95 -30.11
C ASP E 458 5.96 18.88 -29.26
N ILE E 459 5.51 17.63 -29.36
CA ILE E 459 6.07 16.54 -28.50
C ILE E 459 7.54 16.31 -28.86
N HIS E 460 8.01 16.84 -29.99
CA HIS E 460 9.39 16.56 -30.39
C HIS E 460 10.27 17.80 -30.24
#